data_2R33
# 
_entry.id   2R33 
# 
_audit_conform.dict_name       mmcif_pdbx.dic 
_audit_conform.dict_version    5.398 
_audit_conform.dict_location   http://mmcif.pdb.org/dictionaries/ascii/mmcif_pdbx.dic 
# 
loop_
_database_2.database_id 
_database_2.database_code 
_database_2.pdbx_database_accession 
_database_2.pdbx_DOI 
PDB   2R33         pdb_00002r33 10.2210/pdb2r33/pdb 
RCSB  RCSB044363   ?            ?                   
WWPDB D_1000044363 ?            ?                   
# 
loop_
_pdbx_audit_revision_history.ordinal 
_pdbx_audit_revision_history.data_content_type 
_pdbx_audit_revision_history.major_revision 
_pdbx_audit_revision_history.minor_revision 
_pdbx_audit_revision_history.revision_date 
1 'Structure model' 1 0 2007-11-27 
2 'Structure model' 1 1 2011-07-13 
3 'Structure model' 1 2 2024-04-03 
4 'Structure model' 1 3 2024-11-06 
# 
_pdbx_audit_revision_details.ordinal             1 
_pdbx_audit_revision_details.revision_ordinal    1 
_pdbx_audit_revision_details.data_content_type   'Structure model' 
_pdbx_audit_revision_details.provider            repository 
_pdbx_audit_revision_details.type                'Initial release' 
_pdbx_audit_revision_details.description         ? 
_pdbx_audit_revision_details.details             ? 
# 
loop_
_pdbx_audit_revision_group.ordinal 
_pdbx_audit_revision_group.revision_ordinal 
_pdbx_audit_revision_group.data_content_type 
_pdbx_audit_revision_group.group 
1 2 'Structure model' 'Version format compliance' 
2 3 'Structure model' 'Data collection'           
3 3 'Structure model' 'Database references'       
4 3 'Structure model' 'Refinement description'    
5 4 'Structure model' 'Structure summary'         
# 
loop_
_pdbx_audit_revision_category.ordinal 
_pdbx_audit_revision_category.revision_ordinal 
_pdbx_audit_revision_category.data_content_type 
_pdbx_audit_revision_category.category 
1 3 'Structure model' chem_comp_atom                
2 3 'Structure model' chem_comp_bond                
3 3 'Structure model' database_2                    
4 3 'Structure model' pdbx_initial_refinement_model 
5 4 'Structure model' pdbx_entry_details            
6 4 'Structure model' pdbx_modification_feature     
# 
loop_
_pdbx_audit_revision_item.ordinal 
_pdbx_audit_revision_item.revision_ordinal 
_pdbx_audit_revision_item.data_content_type 
_pdbx_audit_revision_item.item 
1 3 'Structure model' '_database_2.pdbx_DOI'                
2 3 'Structure model' '_database_2.pdbx_database_accession' 
# 
_pdbx_database_PDB_obs_spr.id               SPRSDE 
_pdbx_database_PDB_obs_spr.date             2007-11-27 
_pdbx_database_PDB_obs_spr.pdb_id           2R33 
_pdbx_database_PDB_obs_spr.replace_pdb_id   2OT6 
_pdbx_database_PDB_obs_spr.details          ? 
# 
_pdbx_database_status.status_code                     REL 
_pdbx_database_status.entry_id                        2R33 
_pdbx_database_status.recvd_initial_deposition_date   2007-08-28 
_pdbx_database_status.deposit_site                    RCSB 
_pdbx_database_status.process_site                    RCSB 
_pdbx_database_status.status_code_sf                  REL 
_pdbx_database_status.status_code_mr                  ? 
_pdbx_database_status.SG_entry                        ? 
_pdbx_database_status.pdb_format_compatible           Y 
_pdbx_database_status.status_code_cs                  ? 
_pdbx_database_status.status_code_nmr_data            ? 
_pdbx_database_status.methods_development_category    ? 
# 
_pdbx_database_related.db_name        PDB 
_pdbx_database_related.db_id          2OT6 
_pdbx_database_related.details        . 
_pdbx_database_related.content_type   unspecified 
# 
loop_
_audit_author.name 
_audit_author.pdbx_ordinal 
'Rao, K.N.'    1 
'Suresh, C.G.' 2 
# 
_citation.id                        primary 
_citation.title                     
'Bowman-Birk protease inhibitor from the seeds of Vigna unguiculata forms a highly stable dimeric structure.' 
_citation.journal_abbrev            Biochim.Biophys.Acta 
_citation.journal_volume            1774 
_citation.page_first                1264 
_citation.page_last                 1273 
_citation.year                      2007 
_citation.journal_id_ASTM           BBACAQ 
_citation.country                   NE 
_citation.journal_id_ISSN           0006-3002 
_citation.journal_id_CSD            0113 
_citation.book_publisher            ? 
_citation.pdbx_database_id_PubMed   17869196 
_citation.pdbx_database_id_DOI      10.1016/j.bbapap.2007.07.009 
# 
loop_
_citation_author.citation_id 
_citation_author.name 
_citation_author.ordinal 
_citation_author.identifier_ORCID 
primary 'Rao, K.N.'    1 ? 
primary 'Suresh, C.G.' 2 ? 
# 
loop_
_entity.id 
_entity.type 
_entity.src_method 
_entity.pdbx_description 
_entity.formula_weight 
_entity.pdbx_number_of_molecules 
_entity.pdbx_ec 
_entity.pdbx_mutation 
_entity.pdbx_fragment 
_entity.details 
1 polymer nat 'Bowman-Birk type seed trypsin and chymotrypsin inhibitor' 8003.059 2  ? ? ? ? 
2 water   nat water                                                      18.015   58 ? ? ? ? 
# 
_entity_name_com.entity_id   1 
_entity_name_com.name        BTCI 
# 
_entity_poly.entity_id                      1 
_entity_poly.type                           'polypeptide(L)' 
_entity_poly.nstd_linkage                   no 
_entity_poly.nstd_monomer                   no 
_entity_poly.pdbx_seq_one_letter_code       SGHHEDSTDEPSESSEPCCDSCVCTKSIPPQCHCTNIRLNSCHSGCKSCLCTFSIPGSCRCLDIANFCYKPCKS 
_entity_poly.pdbx_seq_one_letter_code_can   SGHHEDSTDEPSESSEPCCDSCVCTKSIPPQCHCTNIRLNSCHSGCKSCLCTFSIPGSCRCLDIANFCYKPCKS 
_entity_poly.pdbx_strand_id                 A,B 
_entity_poly.pdbx_target_identifier         ? 
# 
_pdbx_entity_nonpoly.entity_id   2 
_pdbx_entity_nonpoly.name        water 
_pdbx_entity_nonpoly.comp_id     HOH 
# 
loop_
_entity_poly_seq.entity_id 
_entity_poly_seq.num 
_entity_poly_seq.mon_id 
_entity_poly_seq.hetero 
1 1  SER n 
1 2  GLY n 
1 3  HIS n 
1 4  HIS n 
1 5  GLU n 
1 6  ASP n 
1 7  SER n 
1 8  THR n 
1 9  ASP n 
1 10 GLU n 
1 11 PRO n 
1 12 SER n 
1 13 GLU n 
1 14 SER n 
1 15 SER n 
1 16 GLU n 
1 17 PRO n 
1 18 CYS n 
1 19 CYS n 
1 20 ASP n 
1 21 SER n 
1 22 CYS n 
1 23 VAL n 
1 24 CYS n 
1 25 THR n 
1 26 LYS n 
1 27 SER n 
1 28 ILE n 
1 29 PRO n 
1 30 PRO n 
1 31 GLN n 
1 32 CYS n 
1 33 HIS n 
1 34 CYS n 
1 35 THR n 
1 36 ASN n 
1 37 ILE n 
1 38 ARG n 
1 39 LEU n 
1 40 ASN n 
1 41 SER n 
1 42 CYS n 
1 43 HIS n 
1 44 SER n 
1 45 GLY n 
1 46 CYS n 
1 47 LYS n 
1 48 SER n 
1 49 CYS n 
1 50 LEU n 
1 51 CYS n 
1 52 THR n 
1 53 PHE n 
1 54 SER n 
1 55 ILE n 
1 56 PRO n 
1 57 GLY n 
1 58 SER n 
1 59 CYS n 
1 60 ARG n 
1 61 CYS n 
1 62 LEU n 
1 63 ASP n 
1 64 ILE n 
1 65 ALA n 
1 66 ASN n 
1 67 PHE n 
1 68 CYS n 
1 69 TYR n 
1 70 LYS n 
1 71 PRO n 
1 72 CYS n 
1 73 LYS n 
1 74 SER n 
# 
_entity_src_nat.entity_id                  1 
_entity_src_nat.pdbx_src_id                1 
_entity_src_nat.pdbx_alt_source_flag       sample 
_entity_src_nat.pdbx_beg_seq_num           ? 
_entity_src_nat.pdbx_end_seq_num           ? 
_entity_src_nat.common_name                cowpea 
_entity_src_nat.pdbx_organism_scientific   'Vigna unguiculata' 
_entity_src_nat.pdbx_ncbi_taxonomy_id      3917 
_entity_src_nat.genus                      Vigna 
_entity_src_nat.species                    ? 
_entity_src_nat.strain                     ? 
_entity_src_nat.tissue                     ? 
_entity_src_nat.tissue_fraction            ? 
_entity_src_nat.pdbx_secretion             ? 
_entity_src_nat.pdbx_fragment              ? 
_entity_src_nat.pdbx_variant               ? 
_entity_src_nat.pdbx_cell_line             ? 
_entity_src_nat.pdbx_atcc                  ? 
_entity_src_nat.pdbx_cellular_location     ? 
_entity_src_nat.pdbx_organ                 ? 
_entity_src_nat.pdbx_organelle             ? 
_entity_src_nat.pdbx_cell                  ? 
_entity_src_nat.pdbx_plasmid_name          ? 
_entity_src_nat.pdbx_plasmid_details       ? 
_entity_src_nat.details                    ? 
# 
loop_
_chem_comp.id 
_chem_comp.type 
_chem_comp.mon_nstd_flag 
_chem_comp.name 
_chem_comp.pdbx_synonyms 
_chem_comp.formula 
_chem_comp.formula_weight 
ALA 'L-peptide linking' y ALANINE         ? 'C3 H7 N O2'     89.093  
ARG 'L-peptide linking' y ARGININE        ? 'C6 H15 N4 O2 1' 175.209 
ASN 'L-peptide linking' y ASPARAGINE      ? 'C4 H8 N2 O3'    132.118 
ASP 'L-peptide linking' y 'ASPARTIC ACID' ? 'C4 H7 N O4'     133.103 
CYS 'L-peptide linking' y CYSTEINE        ? 'C3 H7 N O2 S'   121.158 
GLN 'L-peptide linking' y GLUTAMINE       ? 'C5 H10 N2 O3'   146.144 
GLU 'L-peptide linking' y 'GLUTAMIC ACID' ? 'C5 H9 N O4'     147.129 
GLY 'peptide linking'   y GLYCINE         ? 'C2 H5 N O2'     75.067  
HIS 'L-peptide linking' y HISTIDINE       ? 'C6 H10 N3 O2 1' 156.162 
HOH non-polymer         . WATER           ? 'H2 O'           18.015  
ILE 'L-peptide linking' y ISOLEUCINE      ? 'C6 H13 N O2'    131.173 
LEU 'L-peptide linking' y LEUCINE         ? 'C6 H13 N O2'    131.173 
LYS 'L-peptide linking' y LYSINE          ? 'C6 H15 N2 O2 1' 147.195 
PHE 'L-peptide linking' y PHENYLALANINE   ? 'C9 H11 N O2'    165.189 
PRO 'L-peptide linking' y PROLINE         ? 'C5 H9 N O2'     115.130 
SER 'L-peptide linking' y SERINE          ? 'C3 H7 N O3'     105.093 
THR 'L-peptide linking' y THREONINE       ? 'C4 H9 N O3'     119.119 
TYR 'L-peptide linking' y TYROSINE        ? 'C9 H11 N O3'    181.189 
VAL 'L-peptide linking' y VALINE          ? 'C5 H11 N O2'    117.146 
# 
loop_
_pdbx_poly_seq_scheme.asym_id 
_pdbx_poly_seq_scheme.entity_id 
_pdbx_poly_seq_scheme.seq_id 
_pdbx_poly_seq_scheme.mon_id 
_pdbx_poly_seq_scheme.ndb_seq_num 
_pdbx_poly_seq_scheme.pdb_seq_num 
_pdbx_poly_seq_scheme.auth_seq_num 
_pdbx_poly_seq_scheme.pdb_mon_id 
_pdbx_poly_seq_scheme.auth_mon_id 
_pdbx_poly_seq_scheme.pdb_strand_id 
_pdbx_poly_seq_scheme.pdb_ins_code 
_pdbx_poly_seq_scheme.hetero 
A 1 1  SER 1  1  ?  ?   ?   A . n 
A 1 2  GLY 2  2  ?  ?   ?   A . n 
A 1 3  HIS 3  3  ?  ?   ?   A . n 
A 1 4  HIS 4  4  ?  ?   ?   A . n 
A 1 5  GLU 5  5  ?  ?   ?   A . n 
A 1 6  ASP 6  6  ?  ?   ?   A . n 
A 1 7  SER 7  7  ?  ?   ?   A . n 
A 1 8  THR 8  8  ?  ?   ?   A . n 
A 1 9  ASP 9  9  ?  ?   ?   A . n 
A 1 10 GLU 10 10 ?  ?   ?   A . n 
A 1 11 PRO 11 11 ?  ?   ?   A . n 
A 1 12 SER 12 12 ?  ?   ?   A . n 
A 1 13 GLU 13 13 ?  ?   ?   A . n 
A 1 14 SER 14 14 ?  ?   ?   A . n 
A 1 15 SER 15 15 ?  ?   ?   A . n 
A 1 16 GLU 16 16 ?  ?   ?   A . n 
A 1 17 PRO 17 17 17 PRO PRO A . n 
A 1 18 CYS 18 18 18 CYS CYS A . n 
A 1 19 CYS 19 19 19 CYS CYS A . n 
A 1 20 ASP 20 20 20 ASP ASP A . n 
A 1 21 SER 21 21 21 SER SER A . n 
A 1 22 CYS 22 22 22 CYS CYS A . n 
A 1 23 VAL 23 23 23 VAL VAL A . n 
A 1 24 CYS 24 24 24 CYS CYS A . n 
A 1 25 THR 25 25 25 THR THR A . n 
A 1 26 LYS 26 26 26 LYS LYS A . n 
A 1 27 SER 27 27 27 SER SER A . n 
A 1 28 ILE 28 28 28 ILE ILE A . n 
A 1 29 PRO 29 29 29 PRO PRO A . n 
A 1 30 PRO 30 30 30 PRO PRO A . n 
A 1 31 GLN 31 31 31 GLN GLN A . n 
A 1 32 CYS 32 32 32 CYS CYS A . n 
A 1 33 HIS 33 33 33 HIS HIS A . n 
A 1 34 CYS 34 34 34 CYS CYS A . n 
A 1 35 THR 35 35 35 THR THR A . n 
A 1 36 ASN 36 36 36 ASN ASN A . n 
A 1 37 ILE 37 37 37 ILE ILE A . n 
A 1 38 ARG 38 38 38 ARG ARG A . n 
A 1 39 LEU 39 39 39 LEU LEU A . n 
A 1 40 ASN 40 40 40 ASN ASN A . n 
A 1 41 SER 41 41 41 SER SER A . n 
A 1 42 CYS 42 42 42 CYS CYS A . n 
A 1 43 HIS 43 43 43 HIS HIS A . n 
A 1 44 SER 44 44 44 SER SER A . n 
A 1 45 GLY 45 45 45 GLY GLY A . n 
A 1 46 CYS 46 46 46 CYS CYS A . n 
A 1 47 LYS 47 47 47 LYS LYS A . n 
A 1 48 SER 48 48 48 SER SER A . n 
A 1 49 CYS 49 49 49 CYS CYS A . n 
A 1 50 LEU 50 50 50 LEU LEU A . n 
A 1 51 CYS 51 51 51 CYS CYS A . n 
A 1 52 THR 52 52 52 THR THR A . n 
A 1 53 PHE 53 53 53 PHE PHE A . n 
A 1 54 SER 54 54 54 SER SER A . n 
A 1 55 ILE 55 55 ?  ?   ?   A . n 
A 1 56 PRO 56 56 ?  ?   ?   A . n 
A 1 57 GLY 57 57 57 GLY GLY A . n 
A 1 58 SER 58 58 58 SER SER A . n 
A 1 59 CYS 59 59 59 CYS CYS A . n 
A 1 60 ARG 60 60 60 ARG ARG A . n 
A 1 61 CYS 61 61 61 CYS CYS A . n 
A 1 62 LEU 62 62 62 LEU LEU A . n 
A 1 63 ASP 63 63 63 ASP ASP A . n 
A 1 64 ILE 64 64 64 ILE ILE A . n 
A 1 65 ALA 65 65 65 ALA ALA A . n 
A 1 66 ASN 66 66 66 ASN ASN A . n 
A 1 67 PHE 67 67 67 PHE PHE A . n 
A 1 68 CYS 68 68 68 CYS CYS A . n 
A 1 69 TYR 69 69 69 TYR TYR A . n 
A 1 70 LYS 70 70 70 LYS LYS A . n 
A 1 71 PRO 71 71 71 PRO PRO A . n 
A 1 72 CYS 72 72 72 CYS CYS A . n 
A 1 73 LYS 73 73 73 LYS LYS A . n 
A 1 74 SER 74 74 ?  ?   ?   A . n 
B 1 1  SER 1  1  ?  ?   ?   B . n 
B 1 2  GLY 2  2  ?  ?   ?   B . n 
B 1 3  HIS 3  3  ?  ?   ?   B . n 
B 1 4  HIS 4  4  ?  ?   ?   B . n 
B 1 5  GLU 5  5  ?  ?   ?   B . n 
B 1 6  ASP 6  6  ?  ?   ?   B . n 
B 1 7  SER 7  7  ?  ?   ?   B . n 
B 1 8  THR 8  8  ?  ?   ?   B . n 
B 1 9  ASP 9  9  ?  ?   ?   B . n 
B 1 10 GLU 10 10 ?  ?   ?   B . n 
B 1 11 PRO 11 11 ?  ?   ?   B . n 
B 1 12 SER 12 12 ?  ?   ?   B . n 
B 1 13 GLU 13 13 ?  ?   ?   B . n 
B 1 14 SER 14 14 ?  ?   ?   B . n 
B 1 15 SER 15 15 ?  ?   ?   B . n 
B 1 16 GLU 16 16 ?  ?   ?   B . n 
B 1 17 PRO 17 17 17 PRO PRO B . n 
B 1 18 CYS 18 18 18 CYS CYS B . n 
B 1 19 CYS 19 19 19 CYS CYS B . n 
B 1 20 ASP 20 20 20 ASP ASP B . n 
B 1 21 SER 21 21 21 SER SER B . n 
B 1 22 CYS 22 22 22 CYS CYS B . n 
B 1 23 VAL 23 23 23 VAL VAL B . n 
B 1 24 CYS 24 24 24 CYS CYS B . n 
B 1 25 THR 25 25 25 THR THR B . n 
B 1 26 LYS 26 26 26 LYS LYS B . n 
B 1 27 SER 27 27 27 SER SER B . n 
B 1 28 ILE 28 28 28 ILE ILE B . n 
B 1 29 PRO 29 29 29 PRO PRO B . n 
B 1 30 PRO 30 30 30 PRO PRO B . n 
B 1 31 GLN 31 31 31 GLN GLN B . n 
B 1 32 CYS 32 32 32 CYS CYS B . n 
B 1 33 HIS 33 33 33 HIS HIS B . n 
B 1 34 CYS 34 34 34 CYS CYS B . n 
B 1 35 THR 35 35 35 THR THR B . n 
B 1 36 ASN 36 36 36 ASN ASN B . n 
B 1 37 ILE 37 37 37 ILE ILE B . n 
B 1 38 ARG 38 38 38 ARG ARG B . n 
B 1 39 LEU 39 39 39 LEU LEU B . n 
B 1 40 ASN 40 40 40 ASN ASN B . n 
B 1 41 SER 41 41 41 SER SER B . n 
B 1 42 CYS 42 42 42 CYS CYS B . n 
B 1 43 HIS 43 43 43 HIS HIS B . n 
B 1 44 SER 44 44 44 SER SER B . n 
B 1 45 GLY 45 45 45 GLY GLY B . n 
B 1 46 CYS 46 46 46 CYS CYS B . n 
B 1 47 LYS 47 47 47 LYS LYS B . n 
B 1 48 SER 48 48 48 SER SER B . n 
B 1 49 CYS 49 49 49 CYS CYS B . n 
B 1 50 LEU 50 50 50 LEU LEU B . n 
B 1 51 CYS 51 51 51 CYS CYS B . n 
B 1 52 THR 52 52 52 THR THR B . n 
B 1 53 PHE 53 53 53 PHE PHE B . n 
B 1 54 SER 54 54 54 SER SER B . n 
B 1 55 ILE 55 55 55 ILE ILE B . n 
B 1 56 PRO 56 56 56 PRO PRO B . n 
B 1 57 GLY 57 57 57 GLY GLY B . n 
B 1 58 SER 58 58 58 SER SER B . n 
B 1 59 CYS 59 59 59 CYS CYS B . n 
B 1 60 ARG 60 60 60 ARG ARG B . n 
B 1 61 CYS 61 61 61 CYS CYS B . n 
B 1 62 LEU 62 62 62 LEU LEU B . n 
B 1 63 ASP 63 63 63 ASP ASP B . n 
B 1 64 ILE 64 64 64 ILE ILE B . n 
B 1 65 ALA 65 65 65 ALA ALA B . n 
B 1 66 ASN 66 66 66 ASN ASN B . n 
B 1 67 PHE 67 67 67 PHE PHE B . n 
B 1 68 CYS 68 68 68 CYS CYS B . n 
B 1 69 TYR 69 69 69 TYR TYR B . n 
B 1 70 LYS 70 70 70 LYS LYS B . n 
B 1 71 PRO 71 71 71 PRO PRO B . n 
B 1 72 CYS 72 72 72 CYS CYS B . n 
B 1 73 LYS 73 73 73 LYS LYS B . n 
B 1 74 SER 74 74 ?  ?   ?   B . n 
# 
loop_
_pdbx_nonpoly_scheme.asym_id 
_pdbx_nonpoly_scheme.entity_id 
_pdbx_nonpoly_scheme.mon_id 
_pdbx_nonpoly_scheme.ndb_seq_num 
_pdbx_nonpoly_scheme.pdb_seq_num 
_pdbx_nonpoly_scheme.auth_seq_num 
_pdbx_nonpoly_scheme.pdb_mon_id 
_pdbx_nonpoly_scheme.auth_mon_id 
_pdbx_nonpoly_scheme.pdb_strand_id 
_pdbx_nonpoly_scheme.pdb_ins_code 
C 2 HOH 1  75  2  HOH HOH A . 
C 2 HOH 2  76  3  HOH HOH A . 
C 2 HOH 3  77  4  HOH HOH A . 
C 2 HOH 4  78  5  HOH HOH A . 
C 2 HOH 5  79  7  HOH HOH A . 
C 2 HOH 6  80  11 HOH HOH A . 
C 2 HOH 7  81  12 HOH HOH A . 
C 2 HOH 8  82  13 HOH HOH A . 
C 2 HOH 9  83  14 HOH HOH A . 
C 2 HOH 10 84  20 HOH HOH A . 
C 2 HOH 11 85  21 HOH HOH A . 
C 2 HOH 12 86  22 HOH HOH A . 
C 2 HOH 13 87  24 HOH HOH A . 
C 2 HOH 14 88  26 HOH HOH A . 
C 2 HOH 15 89  28 HOH HOH A . 
C 2 HOH 16 90  29 HOH HOH A . 
C 2 HOH 17 91  30 HOH HOH A . 
C 2 HOH 18 92  33 HOH HOH A . 
C 2 HOH 19 93  34 HOH HOH A . 
C 2 HOH 20 94  37 HOH HOH A . 
C 2 HOH 21 95  40 HOH HOH A . 
C 2 HOH 22 96  42 HOH HOH A . 
C 2 HOH 23 97  45 HOH HOH A . 
C 2 HOH 24 98  46 HOH HOH A . 
C 2 HOH 25 99  47 HOH HOH A . 
C 2 HOH 26 100 48 HOH HOH A . 
C 2 HOH 27 101 49 HOH HOH A . 
C 2 HOH 28 102 50 HOH HOH A . 
C 2 HOH 29 103 51 HOH HOH A . 
C 2 HOH 30 104 52 HOH HOH A . 
C 2 HOH 31 105 54 HOH HOH A . 
C 2 HOH 32 106 55 HOH HOH A . 
C 2 HOH 33 107 59 HOH HOH A . 
D 2 HOH 1  75  1  HOH HOH B . 
D 2 HOH 2  76  6  HOH HOH B . 
D 2 HOH 3  77  8  HOH HOH B . 
D 2 HOH 4  78  9  HOH HOH B . 
D 2 HOH 5  79  10 HOH HOH B . 
D 2 HOH 6  80  15 HOH HOH B . 
D 2 HOH 7  81  16 HOH HOH B . 
D 2 HOH 8  82  17 HOH HOH B . 
D 2 HOH 9  83  18 HOH HOH B . 
D 2 HOH 10 84  19 HOH HOH B . 
D 2 HOH 11 85  23 HOH HOH B . 
D 2 HOH 12 86  25 HOH HOH B . 
D 2 HOH 13 87  27 HOH HOH B . 
D 2 HOH 14 88  31 HOH HOH B . 
D 2 HOH 15 89  32 HOH HOH B . 
D 2 HOH 16 90  35 HOH HOH B . 
D 2 HOH 17 91  36 HOH HOH B . 
D 2 HOH 18 92  38 HOH HOH B . 
D 2 HOH 19 93  43 HOH HOH B . 
D 2 HOH 20 94  44 HOH HOH B . 
D 2 HOH 21 95  53 HOH HOH B . 
D 2 HOH 22 96  56 HOH HOH B . 
D 2 HOH 23 97  57 HOH HOH B . 
D 2 HOH 24 98  58 HOH HOH B . 
D 2 HOH 25 99  60 HOH HOH B . 
# 
loop_
_pdbx_unobs_or_zero_occ_atoms.id 
_pdbx_unobs_or_zero_occ_atoms.PDB_model_num 
_pdbx_unobs_or_zero_occ_atoms.polymer_flag 
_pdbx_unobs_or_zero_occ_atoms.occupancy_flag 
_pdbx_unobs_or_zero_occ_atoms.auth_asym_id 
_pdbx_unobs_or_zero_occ_atoms.auth_comp_id 
_pdbx_unobs_or_zero_occ_atoms.auth_seq_id 
_pdbx_unobs_or_zero_occ_atoms.PDB_ins_code 
_pdbx_unobs_or_zero_occ_atoms.auth_atom_id 
_pdbx_unobs_or_zero_occ_atoms.label_alt_id 
_pdbx_unobs_or_zero_occ_atoms.label_asym_id 
_pdbx_unobs_or_zero_occ_atoms.label_comp_id 
_pdbx_unobs_or_zero_occ_atoms.label_seq_id 
_pdbx_unobs_or_zero_occ_atoms.label_atom_id 
1  1 Y 1 A PHE 53 ? CG  ? A PHE 53 CG  
2  1 Y 1 A PHE 53 ? CD1 ? A PHE 53 CD1 
3  1 Y 1 A PHE 53 ? CD2 ? A PHE 53 CD2 
4  1 Y 1 A PHE 53 ? CE1 ? A PHE 53 CE1 
5  1 Y 1 A PHE 53 ? CE2 ? A PHE 53 CE2 
6  1 Y 1 A PHE 53 ? CZ  ? A PHE 53 CZ  
7  1 Y 1 A SER 54 ? OG  ? A SER 54 OG  
8  1 Y 1 B HIS 43 ? CG  ? B HIS 43 CG  
9  1 Y 1 B HIS 43 ? ND1 ? B HIS 43 ND1 
10 1 Y 1 B HIS 43 ? CD2 ? B HIS 43 CD2 
11 1 Y 1 B HIS 43 ? CE1 ? B HIS 43 CE1 
12 1 Y 1 B HIS 43 ? NE2 ? B HIS 43 NE2 
13 1 Y 1 B PHE 53 ? CG  ? B PHE 53 CG  
14 1 Y 1 B PHE 53 ? CD1 ? B PHE 53 CD1 
15 1 Y 1 B PHE 53 ? CD2 ? B PHE 53 CD2 
16 1 Y 1 B PHE 53 ? CE1 ? B PHE 53 CE1 
17 1 Y 1 B PHE 53 ? CE2 ? B PHE 53 CE2 
18 1 Y 1 B PHE 53 ? CZ  ? B PHE 53 CZ  
19 1 Y 1 B ILE 55 ? CG1 ? B ILE 55 CG1 
20 1 Y 1 B ILE 55 ? CG2 ? B ILE 55 CG2 
21 1 Y 1 B ILE 55 ? CD1 ? B ILE 55 CD1 
22 1 Y 0 B LYS 70 ? CD  ? B LYS 70 CD  
23 1 Y 0 B LYS 70 ? CE  ? B LYS 70 CE  
24 1 Y 0 B LYS 70 ? NZ  ? B LYS 70 NZ  
# 
loop_
_software.name 
_software.classification 
_software.version 
_software.citation_id 
_software.pdbx_ordinal 
AMoRE   phasing          .   ? 1 
REFMAC  refinement       3.4 ? 2 
MOSFLM  'data reduction' .   ? 3 
SCALEIT 'data scaling'   .   ? 4 
# 
_cell.entry_id           2R33 
_cell.length_a           32.510 
_cell.length_b           61.430 
_cell.length_c           32.990 
_cell.angle_alpha        90.00 
_cell.angle_beta         114.87 
_cell.angle_gamma        90.00 
_cell.Z_PDB              4 
_cell.pdbx_unique_axis   ? 
_cell.length_a_esd       ? 
_cell.length_b_esd       ? 
_cell.length_c_esd       ? 
_cell.angle_alpha_esd    ? 
_cell.angle_beta_esd     ? 
_cell.angle_gamma_esd    ? 
# 
_symmetry.entry_id                         2R33 
_symmetry.space_group_name_H-M             'P 1 21 1' 
_symmetry.pdbx_full_space_group_name_H-M   ? 
_symmetry.cell_setting                     ? 
_symmetry.Int_Tables_number                4 
_symmetry.space_group_name_Hall            ? 
# 
_exptl.entry_id          2R33 
_exptl.method            'X-RAY DIFFRACTION' 
_exptl.crystals_number   1 
# 
_exptl_crystal.id                    1 
_exptl_crystal.density_meas          ? 
_exptl_crystal.density_Matthews      1.87 
_exptl_crystal.density_percent_sol   34.13 
_exptl_crystal.description           ? 
_exptl_crystal.F_000                 ? 
_exptl_crystal.preparation           ? 
# 
_exptl_crystal_grow.crystal_id      1 
_exptl_crystal_grow.method          'VAPOR DIFFUSION, HANGING DROP' 
_exptl_crystal_grow.temp            293 
_exptl_crystal_grow.temp_details    ? 
_exptl_crystal_grow.pH              4.0 
_exptl_crystal_grow.pdbx_details    
'30% SATURATED AMMONIUM SULFATE 0.1M CITRATE-PHOSPHATE, pH 4.0, VAPOR DIFFUSION, HANGING DROP, temperature 293K' 
_exptl_crystal_grow.pdbx_pH_range   . 
# 
_diffrn.id                     1 
_diffrn.ambient_temp           120.0 
_diffrn.ambient_temp_details   ? 
_diffrn.crystal_id             1 
# 
_diffrn_detector.diffrn_id              1 
_diffrn_detector.detector               'IMAGE PLATE' 
_diffrn_detector.type                   MARRESEARCH 
_diffrn_detector.pdbx_collection_date   1996-10-01 
_diffrn_detector.details                ? 
# 
_diffrn_radiation.diffrn_id                        1 
_diffrn_radiation.wavelength_id                    1 
_diffrn_radiation.pdbx_monochromatic_or_laue_m_l   M 
_diffrn_radiation.monochromator                    ? 
_diffrn_radiation.pdbx_diffrn_protocol             'SINGLE WAVELENGTH' 
_diffrn_radiation.pdbx_scattering_type             x-ray 
# 
_diffrn_radiation_wavelength.id           1 
_diffrn_radiation_wavelength.wavelength   1.54 
_diffrn_radiation_wavelength.wt           1.0 
# 
_diffrn_source.diffrn_id                   1 
_diffrn_source.source                      'ROTATING ANODE' 
_diffrn_source.type                        RIGAKU 
_diffrn_source.pdbx_synchrotron_site       ? 
_diffrn_source.pdbx_synchrotron_beamline   ? 
_diffrn_source.pdbx_wavelength             1.54 
_diffrn_source.pdbx_wavelength_list        ? 
# 
_reflns.entry_id                     2R33 
_reflns.observed_criterion_sigma_I   3.000 
_reflns.observed_criterion_sigma_F   ? 
_reflns.d_resolution_low             20.000 
_reflns.d_resolution_high            2.500 
_reflns.number_obs                   4072 
_reflns.number_all                   ? 
_reflns.percent_possible_obs         99.0 
_reflns.pdbx_Rmerge_I_obs            ? 
_reflns.pdbx_Rsym_value              0.083 
_reflns.pdbx_netI_over_sigmaI        13.9000 
_reflns.B_iso_Wilson_estimate        51.90 
_reflns.pdbx_redundancy              ? 
_reflns.R_free_details               ? 
_reflns.limit_h_max                  ? 
_reflns.limit_h_min                  ? 
_reflns.limit_k_max                  ? 
_reflns.limit_k_min                  ? 
_reflns.limit_l_max                  ? 
_reflns.limit_l_min                  ? 
_reflns.observed_criterion_F_max     ? 
_reflns.observed_criterion_F_min     ? 
_reflns.pdbx_chi_squared             ? 
_reflns.pdbx_scaling_rejects         ? 
_reflns.pdbx_diffrn_id               1 
_reflns.pdbx_ordinal                 1 
# 
_reflns_shell.d_res_high             2.50 
_reflns_shell.d_res_low              2.59 
_reflns_shell.percent_possible_all   94.7 
_reflns_shell.Rmerge_I_obs           ? 
_reflns_shell.pdbx_Rsym_value        ? 
_reflns_shell.meanI_over_sigI_obs    5.800 
_reflns_shell.pdbx_redundancy        3.40 
_reflns_shell.percent_possible_obs   ? 
_reflns_shell.number_unique_all      ? 
_reflns_shell.number_measured_all    ? 
_reflns_shell.number_measured_obs    ? 
_reflns_shell.number_unique_obs      ? 
_reflns_shell.pdbx_chi_squared       ? 
_reflns_shell.pdbx_diffrn_id         ? 
_reflns_shell.pdbx_ordinal           1 
# 
_refine.entry_id                                 2R33 
_refine.ls_number_reflns_obs                     4072 
_refine.ls_number_reflns_all                     ? 
_refine.pdbx_ls_sigma_I                          ? 
_refine.pdbx_ls_sigma_F                          1.000 
_refine.pdbx_data_cutoff_high_absF               ? 
_refine.pdbx_data_cutoff_low_absF                ? 
_refine.pdbx_data_cutoff_high_rms_absF           ? 
_refine.ls_d_res_low                             10.00 
_refine.ls_d_res_high                            2.50 
_refine.ls_percent_reflns_obs                    ? 
_refine.ls_R_factor_obs                          ? 
_refine.ls_R_factor_all                          ? 
_refine.ls_R_factor_R_work                       0.191 
_refine.ls_R_factor_R_free                       0.258 
_refine.ls_R_factor_R_free_error                 ? 
_refine.ls_R_factor_R_free_error_details         ? 
_refine.ls_percent_reflns_R_free                 5.000 
_refine.ls_number_reflns_R_free                  177 
_refine.ls_number_parameters                     ? 
_refine.ls_number_restraints                     ? 
_refine.occupancy_min                            ? 
_refine.occupancy_max                            ? 
_refine.correlation_coeff_Fo_to_Fc               ? 
_refine.correlation_coeff_Fo_to_Fc_free          ? 
_refine.B_iso_mean                               23.90 
_refine.aniso_B[1][1]                            0.00000 
_refine.aniso_B[2][2]                            0.00000 
_refine.aniso_B[3][3]                            0.00000 
_refine.aniso_B[1][2]                            0.00000 
_refine.aniso_B[1][3]                            0.00000 
_refine.aniso_B[2][3]                            0.00000 
_refine.solvent_model_details                    ? 
_refine.solvent_model_param_ksol                 ? 
_refine.solvent_model_param_bsol                 ? 
_refine.pdbx_solvent_vdw_probe_radii             ? 
_refine.pdbx_solvent_ion_probe_radii             ? 
_refine.pdbx_solvent_shrinkage_radii             ? 
_refine.pdbx_ls_cross_valid_method               THROUGHOUT 
_refine.details                                  'RESOLUTION-DEPENDENT WEIGHTING' 
_refine.pdbx_starting_model                      'X-RAY COORDINATES OF BOWMAN-BIRK INHIBITOR FROM ADZUKI BEAN' 
_refine.pdbx_method_to_determine_struct          'MOLECULAR REPLACEMENT' 
_refine.pdbx_isotropic_thermal_model             ? 
_refine.pdbx_stereochemistry_target_values       ? 
_refine.pdbx_stereochem_target_val_spec_case     ? 
_refine.pdbx_R_Free_selection_details            RANDOM 
_refine.pdbx_overall_ESU_R                       ? 
_refine.pdbx_overall_ESU_R_Free                  ? 
_refine.overall_SU_ML                            ? 
_refine.overall_SU_B                             ? 
_refine.ls_redundancy_reflns_obs                 ? 
_refine.B_iso_min                                ? 
_refine.B_iso_max                                ? 
_refine.overall_SU_R_Cruickshank_DPI             ? 
_refine.overall_SU_R_free                        ? 
_refine.ls_wR_factor_R_free                      ? 
_refine.ls_wR_factor_R_work                      ? 
_refine.overall_FOM_free_R_set                   ? 
_refine.overall_FOM_work_R_set                   ? 
_refine.pdbx_refine_id                           'X-RAY DIFFRACTION' 
_refine.pdbx_diffrn_id                           1 
_refine.pdbx_TLS_residual_ADP_flag               ? 
_refine.pdbx_overall_phase_error                 ? 
_refine.pdbx_overall_SU_R_free_Cruickshank_DPI   ? 
_refine.pdbx_overall_SU_R_Blow_DPI               ? 
_refine.pdbx_overall_SU_R_free_Blow_DPI          ? 
# 
_refine_hist.pdbx_refine_id                   'X-RAY DIFFRACTION' 
_refine_hist.cycle_id                         LAST 
_refine_hist.pdbx_number_atoms_protein        802 
_refine_hist.pdbx_number_atoms_nucleic_acid   0 
_refine_hist.pdbx_number_atoms_ligand         0 
_refine_hist.number_atoms_solvent             58 
_refine_hist.number_atoms_total               860 
_refine_hist.d_res_high                       2.50 
_refine_hist.d_res_low                        10.00 
# 
loop_
_refine_ls_restr.type 
_refine_ls_restr.dev_ideal 
_refine_ls_restr.dev_ideal_target 
_refine_ls_restr.weight 
_refine_ls_restr.number 
_refine_ls_restr.pdbx_refine_id 
_refine_ls_restr.pdbx_restraint_function 
r_mcbond_it  3.020 1.500 ? ? 'X-RAY DIFFRACTION' ? 
r_mcangle_it 4.930 2.000 ? ? 'X-RAY DIFFRACTION' ? 
r_scbond_it  4.000 2.000 ? ? 'X-RAY DIFFRACTION' ? 
r_scangle_it 5.540 2.500 ? ? 'X-RAY DIFFRACTION' ? 
# 
_struct.entry_id                  2R33 
_struct.title                     'Crystal structure of a Bowman-Birk inhibitor from Vigna unguiculata seeds' 
_struct.pdbx_model_details        ? 
_struct.pdbx_CASP_flag            ? 
_struct.pdbx_model_type_details   ? 
# 
_struct_keywords.entry_id        2R33 
_struct_keywords.pdbx_keywords   'PLANT PROTEIN' 
_struct_keywords.text            
;BOWMAN-BIRK PROTEASE INHIBITOR, VIGNA UNGUICULATA, PLANT-PIS, PROTEIN-PROTEIN INTERACTIONS, Serine protease inhibitor, PLANT PROTEIN
;
# 
loop_
_struct_asym.id 
_struct_asym.pdbx_blank_PDB_chainid_flag 
_struct_asym.pdbx_modified 
_struct_asym.entity_id 
_struct_asym.details 
A N N 1 ? 
B N N 1 ? 
C N N 2 ? 
D N N 2 ? 
# 
_struct_ref.id                         1 
_struct_ref.entity_id                  1 
_struct_ref.db_name                    PDB 
_struct_ref.db_code                    2R33 
_struct_ref.pdbx_db_accession          2R33 
_struct_ref.pdbx_db_isoform            ? 
_struct_ref.pdbx_seq_one_letter_code   ? 
_struct_ref.pdbx_align_begin           ? 
# 
loop_
_struct_ref_seq.align_id 
_struct_ref_seq.ref_id 
_struct_ref_seq.pdbx_PDB_id_code 
_struct_ref_seq.pdbx_strand_id 
_struct_ref_seq.seq_align_beg 
_struct_ref_seq.pdbx_seq_align_beg_ins_code 
_struct_ref_seq.seq_align_end 
_struct_ref_seq.pdbx_seq_align_end_ins_code 
_struct_ref_seq.pdbx_db_accession 
_struct_ref_seq.db_align_beg 
_struct_ref_seq.pdbx_db_align_beg_ins_code 
_struct_ref_seq.db_align_end 
_struct_ref_seq.pdbx_db_align_end_ins_code 
_struct_ref_seq.pdbx_auth_seq_align_beg 
_struct_ref_seq.pdbx_auth_seq_align_end 
1 1 2R33 A 1 ? 74 ? 2R33 1 ? 74 ? 1 74 
2 1 2R33 B 1 ? 74 ? 2R33 1 ? 74 ? 1 74 
# 
_pdbx_struct_assembly.id                   1 
_pdbx_struct_assembly.details              author_defined_assembly 
_pdbx_struct_assembly.method_details       ? 
_pdbx_struct_assembly.oligomeric_details   dimeric 
_pdbx_struct_assembly.oligomeric_count     2 
# 
_pdbx_struct_assembly_gen.assembly_id       1 
_pdbx_struct_assembly_gen.oper_expression   1 
_pdbx_struct_assembly_gen.asym_id_list      A,B,C,D 
# 
_pdbx_struct_oper_list.id                   1 
_pdbx_struct_oper_list.type                 'identity operation' 
_pdbx_struct_oper_list.name                 1_555 
_pdbx_struct_oper_list.symmetry_operation   x,y,z 
_pdbx_struct_oper_list.matrix[1][1]         1.0000000000 
_pdbx_struct_oper_list.matrix[1][2]         0.0000000000 
_pdbx_struct_oper_list.matrix[1][3]         0.0000000000 
_pdbx_struct_oper_list.vector[1]            0.0000000000 
_pdbx_struct_oper_list.matrix[2][1]         0.0000000000 
_pdbx_struct_oper_list.matrix[2][2]         1.0000000000 
_pdbx_struct_oper_list.matrix[2][3]         0.0000000000 
_pdbx_struct_oper_list.vector[2]            0.0000000000 
_pdbx_struct_oper_list.matrix[3][1]         0.0000000000 
_pdbx_struct_oper_list.matrix[3][2]         0.0000000000 
_pdbx_struct_oper_list.matrix[3][3]         1.0000000000 
_pdbx_struct_oper_list.vector[3]            0.0000000000 
# 
_struct_biol.id        1 
_struct_biol.details   ? 
# 
loop_
_struct_conn.id 
_struct_conn.conn_type_id 
_struct_conn.pdbx_leaving_atom_flag 
_struct_conn.pdbx_PDB_id 
_struct_conn.ptnr1_label_asym_id 
_struct_conn.ptnr1_label_comp_id 
_struct_conn.ptnr1_label_seq_id 
_struct_conn.ptnr1_label_atom_id 
_struct_conn.pdbx_ptnr1_label_alt_id 
_struct_conn.pdbx_ptnr1_PDB_ins_code 
_struct_conn.pdbx_ptnr1_standard_comp_id 
_struct_conn.ptnr1_symmetry 
_struct_conn.ptnr2_label_asym_id 
_struct_conn.ptnr2_label_comp_id 
_struct_conn.ptnr2_label_seq_id 
_struct_conn.ptnr2_label_atom_id 
_struct_conn.pdbx_ptnr2_label_alt_id 
_struct_conn.pdbx_ptnr2_PDB_ins_code 
_struct_conn.ptnr1_auth_asym_id 
_struct_conn.ptnr1_auth_comp_id 
_struct_conn.ptnr1_auth_seq_id 
_struct_conn.ptnr2_auth_asym_id 
_struct_conn.ptnr2_auth_comp_id 
_struct_conn.ptnr2_auth_seq_id 
_struct_conn.ptnr2_symmetry 
_struct_conn.pdbx_ptnr3_label_atom_id 
_struct_conn.pdbx_ptnr3_label_seq_id 
_struct_conn.pdbx_ptnr3_label_comp_id 
_struct_conn.pdbx_ptnr3_label_asym_id 
_struct_conn.pdbx_ptnr3_label_alt_id 
_struct_conn.pdbx_ptnr3_PDB_ins_code 
_struct_conn.details 
_struct_conn.pdbx_dist_value 
_struct_conn.pdbx_value_order 
_struct_conn.pdbx_role 
disulf1  disulf ? ? A CYS 18 SG ? ? ? 1_555 A CYS 72 SG ? ? A CYS 18 A CYS 72 1_555 ? ? ? ? ? ? ? 2.037 ? ? 
disulf2  disulf ? ? A CYS 19 SG ? ? ? 1_555 A CYS 34 SG ? ? A CYS 19 A CYS 34 1_555 ? ? ? ? ? ? ? 2.053 ? ? 
disulf3  disulf ? ? A CYS 22 SG ? ? ? 1_555 A CYS 68 SG ? ? A CYS 22 A CYS 68 1_555 ? ? ? ? ? ? ? 2.044 ? ? 
disulf4  disulf ? ? A CYS 24 SG ? ? ? 1_555 A CYS 32 SG ? ? A CYS 24 A CYS 32 1_555 ? ? ? ? ? ? ? 2.835 ? ? 
disulf5  disulf ? ? A CYS 42 SG ? ? ? 1_555 A CYS 49 SG ? ? A CYS 42 A CYS 49 1_555 ? ? ? ? ? ? ? 2.025 ? ? 
disulf6  disulf ? ? A CYS 46 SG ? ? ? 1_555 A CYS 61 SG ? ? A CYS 46 A CYS 61 1_555 ? ? ? ? ? ? ? 2.045 ? ? 
disulf7  disulf ? ? A CYS 51 SG ? ? ? 1_555 A CYS 59 SG ? ? A CYS 51 A CYS 59 1_555 ? ? ? ? ? ? ? 2.018 ? ? 
disulf8  disulf ? ? B CYS 18 SG ? ? ? 1_555 B CYS 72 SG ? ? B CYS 18 B CYS 72 1_555 ? ? ? ? ? ? ? 2.020 ? ? 
disulf9  disulf ? ? B CYS 19 SG ? ? ? 1_555 B CYS 34 SG ? ? B CYS 19 B CYS 34 1_555 ? ? ? ? ? ? ? 2.038 ? ? 
disulf10 disulf ? ? B CYS 22 SG ? ? ? 1_555 B CYS 68 SG ? ? B CYS 22 B CYS 68 1_555 ? ? ? ? ? ? ? 2.008 ? ? 
disulf11 disulf ? ? B CYS 24 SG ? ? ? 1_555 B CYS 32 SG ? ? B CYS 24 B CYS 32 1_555 ? ? ? ? ? ? ? 2.046 ? ? 
disulf12 disulf ? ? B CYS 42 SG ? ? ? 1_555 B CYS 49 SG ? ? B CYS 42 B CYS 49 1_555 ? ? ? ? ? ? ? 2.032 ? ? 
disulf13 disulf ? ? B CYS 46 SG ? ? ? 1_555 B CYS 61 SG ? ? B CYS 46 B CYS 61 1_555 ? ? ? ? ? ? ? 2.074 ? ? 
disulf14 disulf ? ? B CYS 51 SG ? ? ? 1_555 B CYS 59 SG ? ? B CYS 51 B CYS 59 1_555 ? ? ? ? ? ? ? 2.035 ? ? 
# 
_struct_conn_type.id          disulf 
_struct_conn_type.criteria    ? 
_struct_conn_type.reference   ? 
# 
loop_
_pdbx_modification_feature.ordinal 
_pdbx_modification_feature.label_comp_id 
_pdbx_modification_feature.label_asym_id 
_pdbx_modification_feature.label_seq_id 
_pdbx_modification_feature.label_alt_id 
_pdbx_modification_feature.modified_residue_label_comp_id 
_pdbx_modification_feature.modified_residue_label_asym_id 
_pdbx_modification_feature.modified_residue_label_seq_id 
_pdbx_modification_feature.modified_residue_label_alt_id 
_pdbx_modification_feature.auth_comp_id 
_pdbx_modification_feature.auth_asym_id 
_pdbx_modification_feature.auth_seq_id 
_pdbx_modification_feature.PDB_ins_code 
_pdbx_modification_feature.symmetry 
_pdbx_modification_feature.modified_residue_auth_comp_id 
_pdbx_modification_feature.modified_residue_auth_asym_id 
_pdbx_modification_feature.modified_residue_auth_seq_id 
_pdbx_modification_feature.modified_residue_PDB_ins_code 
_pdbx_modification_feature.modified_residue_symmetry 
_pdbx_modification_feature.comp_id_linking_atom 
_pdbx_modification_feature.modified_residue_id_linking_atom 
_pdbx_modification_feature.modified_residue_id 
_pdbx_modification_feature.ref_pcm_id 
_pdbx_modification_feature.ref_comp_id 
_pdbx_modification_feature.type 
_pdbx_modification_feature.category 
1  CYS A 18 ? CYS A 72 ? CYS A 18 ? 1_555 CYS A 72 ? 1_555 SG SG . . . None 'Disulfide bridge' 
2  CYS A 19 ? CYS A 34 ? CYS A 19 ? 1_555 CYS A 34 ? 1_555 SG SG . . . None 'Disulfide bridge' 
3  CYS A 22 ? CYS A 68 ? CYS A 22 ? 1_555 CYS A 68 ? 1_555 SG SG . . . None 'Disulfide bridge' 
4  CYS A 24 ? CYS A 32 ? CYS A 24 ? 1_555 CYS A 32 ? 1_555 SG SG . . . None 'Disulfide bridge' 
5  CYS A 42 ? CYS A 49 ? CYS A 42 ? 1_555 CYS A 49 ? 1_555 SG SG . . . None 'Disulfide bridge' 
6  CYS A 46 ? CYS A 61 ? CYS A 46 ? 1_555 CYS A 61 ? 1_555 SG SG . . . None 'Disulfide bridge' 
7  CYS A 51 ? CYS A 59 ? CYS A 51 ? 1_555 CYS A 59 ? 1_555 SG SG . . . None 'Disulfide bridge' 
8  CYS B 18 ? CYS B 72 ? CYS B 18 ? 1_555 CYS B 72 ? 1_555 SG SG . . . None 'Disulfide bridge' 
9  CYS B 19 ? CYS B 34 ? CYS B 19 ? 1_555 CYS B 34 ? 1_555 SG SG . . . None 'Disulfide bridge' 
10 CYS B 22 ? CYS B 68 ? CYS B 22 ? 1_555 CYS B 68 ? 1_555 SG SG . . . None 'Disulfide bridge' 
11 CYS B 24 ? CYS B 32 ? CYS B 24 ? 1_555 CYS B 32 ? 1_555 SG SG . . . None 'Disulfide bridge' 
12 CYS B 42 ? CYS B 49 ? CYS B 42 ? 1_555 CYS B 49 ? 1_555 SG SG . . . None 'Disulfide bridge' 
13 CYS B 46 ? CYS B 61 ? CYS B 46 ? 1_555 CYS B 61 ? 1_555 SG SG . . . None 'Disulfide bridge' 
14 CYS B 51 ? CYS B 59 ? CYS B 51 ? 1_555 CYS B 59 ? 1_555 SG SG . . . None 'Disulfide bridge' 
# 
loop_
_struct_mon_prot_cis.pdbx_id 
_struct_mon_prot_cis.label_comp_id 
_struct_mon_prot_cis.label_seq_id 
_struct_mon_prot_cis.label_asym_id 
_struct_mon_prot_cis.label_alt_id 
_struct_mon_prot_cis.pdbx_PDB_ins_code 
_struct_mon_prot_cis.auth_comp_id 
_struct_mon_prot_cis.auth_seq_id 
_struct_mon_prot_cis.auth_asym_id 
_struct_mon_prot_cis.pdbx_label_comp_id_2 
_struct_mon_prot_cis.pdbx_label_seq_id_2 
_struct_mon_prot_cis.pdbx_label_asym_id_2 
_struct_mon_prot_cis.pdbx_PDB_ins_code_2 
_struct_mon_prot_cis.pdbx_auth_comp_id_2 
_struct_mon_prot_cis.pdbx_auth_seq_id_2 
_struct_mon_prot_cis.pdbx_auth_asym_id_2 
_struct_mon_prot_cis.pdbx_PDB_model_num 
_struct_mon_prot_cis.pdbx_omega_angle 
1 ILE 28 A . ? ILE 28 A PRO 29 A ? PRO 29 A 1 6.33   
2 ILE 28 B . ? ILE 28 B PRO 29 B ? PRO 29 B 1 -3.69  
3 ILE 55 B . ? ILE 55 B PRO 56 B ? PRO 56 B 1 -19.44 
# 
loop_
_struct_sheet.id 
_struct_sheet.type 
_struct_sheet.number_strands 
_struct_sheet.details 
A ? 2 ? 
B ? 2 ? 
C ? 2 ? 
D ? 3 ? 
# 
loop_
_struct_sheet_order.sheet_id 
_struct_sheet_order.range_id_1 
_struct_sheet_order.range_id_2 
_struct_sheet_order.offset 
_struct_sheet_order.sense 
A 1 2 ? anti-parallel 
B 1 2 ? anti-parallel 
C 1 2 ? anti-parallel 
D 1 2 ? anti-parallel 
D 2 3 ? anti-parallel 
# 
loop_
_struct_sheet_range.sheet_id 
_struct_sheet_range.id 
_struct_sheet_range.beg_label_comp_id 
_struct_sheet_range.beg_label_asym_id 
_struct_sheet_range.beg_label_seq_id 
_struct_sheet_range.pdbx_beg_PDB_ins_code 
_struct_sheet_range.end_label_comp_id 
_struct_sheet_range.end_label_asym_id 
_struct_sheet_range.end_label_seq_id 
_struct_sheet_range.pdbx_end_PDB_ins_code 
_struct_sheet_range.beg_auth_comp_id 
_struct_sheet_range.beg_auth_asym_id 
_struct_sheet_range.beg_auth_seq_id 
_struct_sheet_range.end_auth_comp_id 
_struct_sheet_range.end_auth_asym_id 
_struct_sheet_range.end_auth_seq_id 
A 1 CYS A 22 ? THR A 25 ? CYS A 22 THR A 25 
A 2 GLN A 31 ? CYS A 34 ? GLN A 31 CYS A 34 
B 1 CYS A 49 ? THR A 52 ? CYS A 49 THR A 52 
B 2 SER A 58 ? CYS A 61 ? SER A 58 CYS A 61 
C 1 CYS B 22 ? CYS B 24 ? CYS B 22 CYS B 24 
C 2 CYS B 32 ? CYS B 34 ? CYS B 32 CYS B 34 
D 1 ARG B 38 ? LEU B 39 ? ARG B 38 LEU B 39 
D 2 SER B 58 ? CYS B 61 ? SER B 58 CYS B 61 
D 3 CYS B 49 ? THR B 52 ? CYS B 49 THR B 52 
# 
loop_
_pdbx_struct_sheet_hbond.sheet_id 
_pdbx_struct_sheet_hbond.range_id_1 
_pdbx_struct_sheet_hbond.range_id_2 
_pdbx_struct_sheet_hbond.range_1_label_atom_id 
_pdbx_struct_sheet_hbond.range_1_label_comp_id 
_pdbx_struct_sheet_hbond.range_1_label_asym_id 
_pdbx_struct_sheet_hbond.range_1_label_seq_id 
_pdbx_struct_sheet_hbond.range_1_PDB_ins_code 
_pdbx_struct_sheet_hbond.range_1_auth_atom_id 
_pdbx_struct_sheet_hbond.range_1_auth_comp_id 
_pdbx_struct_sheet_hbond.range_1_auth_asym_id 
_pdbx_struct_sheet_hbond.range_1_auth_seq_id 
_pdbx_struct_sheet_hbond.range_2_label_atom_id 
_pdbx_struct_sheet_hbond.range_2_label_comp_id 
_pdbx_struct_sheet_hbond.range_2_label_asym_id 
_pdbx_struct_sheet_hbond.range_2_label_seq_id 
_pdbx_struct_sheet_hbond.range_2_PDB_ins_code 
_pdbx_struct_sheet_hbond.range_2_auth_atom_id 
_pdbx_struct_sheet_hbond.range_2_auth_comp_id 
_pdbx_struct_sheet_hbond.range_2_auth_asym_id 
_pdbx_struct_sheet_hbond.range_2_auth_seq_id 
A 1 2 N THR A 25 ? N THR A 25 O GLN A 31 ? O GLN A 31 
B 1 2 N LEU A 50 ? N LEU A 50 O ARG A 60 ? O ARG A 60 
C 1 2 N VAL B 23 ? N VAL B 23 O HIS B 33 ? O HIS B 33 
D 1 2 N ARG B 38 ? N ARG B 38 O CYS B 59 ? O CYS B 59 
D 2 3 O ARG B 60 ? O ARG B 60 N LEU B 50 ? N LEU B 50 
# 
_pdbx_entry_details.entry_id                   2R33 
_pdbx_entry_details.compound_details           ? 
_pdbx_entry_details.source_details             ? 
_pdbx_entry_details.nonpolymer_details         ? 
_pdbx_entry_details.sequence_details           ? 
_pdbx_entry_details.has_ligand_of_interest     ? 
_pdbx_entry_details.has_protein_modification   Y 
# 
_pdbx_validate_rmsd_bond.id                        1 
_pdbx_validate_rmsd_bond.PDB_model_num             1 
_pdbx_validate_rmsd_bond.auth_atom_id_1            CB 
_pdbx_validate_rmsd_bond.auth_asym_id_1            A 
_pdbx_validate_rmsd_bond.auth_comp_id_1            SER 
_pdbx_validate_rmsd_bond.auth_seq_id_1             27 
_pdbx_validate_rmsd_bond.PDB_ins_code_1            ? 
_pdbx_validate_rmsd_bond.label_alt_id_1            ? 
_pdbx_validate_rmsd_bond.auth_atom_id_2            OG 
_pdbx_validate_rmsd_bond.auth_asym_id_2            A 
_pdbx_validate_rmsd_bond.auth_comp_id_2            SER 
_pdbx_validate_rmsd_bond.auth_seq_id_2             27 
_pdbx_validate_rmsd_bond.PDB_ins_code_2            ? 
_pdbx_validate_rmsd_bond.label_alt_id_2            ? 
_pdbx_validate_rmsd_bond.bond_value                1.178 
_pdbx_validate_rmsd_bond.bond_target_value         1.418 
_pdbx_validate_rmsd_bond.bond_deviation            -0.240 
_pdbx_validate_rmsd_bond.bond_standard_deviation   0.013 
_pdbx_validate_rmsd_bond.linker_flag               N 
# 
loop_
_pdbx_validate_rmsd_angle.id 
_pdbx_validate_rmsd_angle.PDB_model_num 
_pdbx_validate_rmsd_angle.auth_atom_id_1 
_pdbx_validate_rmsd_angle.auth_asym_id_1 
_pdbx_validate_rmsd_angle.auth_comp_id_1 
_pdbx_validate_rmsd_angle.auth_seq_id_1 
_pdbx_validate_rmsd_angle.PDB_ins_code_1 
_pdbx_validate_rmsd_angle.label_alt_id_1 
_pdbx_validate_rmsd_angle.auth_atom_id_2 
_pdbx_validate_rmsd_angle.auth_asym_id_2 
_pdbx_validate_rmsd_angle.auth_comp_id_2 
_pdbx_validate_rmsd_angle.auth_seq_id_2 
_pdbx_validate_rmsd_angle.PDB_ins_code_2 
_pdbx_validate_rmsd_angle.label_alt_id_2 
_pdbx_validate_rmsd_angle.auth_atom_id_3 
_pdbx_validate_rmsd_angle.auth_asym_id_3 
_pdbx_validate_rmsd_angle.auth_comp_id_3 
_pdbx_validate_rmsd_angle.auth_seq_id_3 
_pdbx_validate_rmsd_angle.PDB_ins_code_3 
_pdbx_validate_rmsd_angle.label_alt_id_3 
_pdbx_validate_rmsd_angle.angle_value 
_pdbx_validate_rmsd_angle.angle_target_value 
_pdbx_validate_rmsd_angle.angle_deviation 
_pdbx_validate_rmsd_angle.angle_standard_deviation 
_pdbx_validate_rmsd_angle.linker_flag 
1 1 N  A SER 27 ? ? CA A SER 27 ? ? CB  A SER 27 ? ? 101.44 110.50 -9.06  1.50 N 
2 1 NE A ARG 38 ? ? CZ A ARG 38 ? ? NH2 A ARG 38 ? ? 126.19 120.30 5.89   0.50 N 
3 1 NE A ARG 60 ? ? CZ A ARG 60 ? ? NH1 A ARG 60 ? ? 123.49 120.30 3.19   0.50 N 
4 1 NE A ARG 60 ? ? CZ A ARG 60 ? ? NH2 A ARG 60 ? ? 116.51 120.30 -3.79  0.50 N 
5 1 C  B ILE 55 ? ? N  B PRO 56 ? ? CA  B PRO 56 ? ? 142.88 127.00 15.88  2.40 Y 
6 1 CA B PRO 56 ? ? N  B PRO 56 ? ? CD  B PRO 56 ? ? 100.54 111.50 -10.96 1.40 N 
7 1 N  B PRO 56 ? ? CA B PRO 56 ? ? CB  B PRO 56 ? ? 110.62 102.60 8.02   1.10 N 
8 1 N  B PRO 56 ? ? CD B PRO 56 ? ? CG  B PRO 56 ? ? 112.44 103.80 8.64   1.20 N 
# 
loop_
_pdbx_validate_torsion.id 
_pdbx_validate_torsion.PDB_model_num 
_pdbx_validate_torsion.auth_comp_id 
_pdbx_validate_torsion.auth_asym_id 
_pdbx_validate_torsion.auth_seq_id 
_pdbx_validate_torsion.PDB_ins_code 
_pdbx_validate_torsion.label_alt_id 
_pdbx_validate_torsion.phi 
_pdbx_validate_torsion.psi 
1 1 LYS A 26 ? ? -71.55  26.14   
2 1 SER B 27 ? ? -171.00 -172.36 
3 1 ASN B 40 ? ? 67.96   -22.74  
4 1 PHE B 53 ? ? 66.12   -172.61 
5 1 ILE B 55 ? ? -17.09  103.72  
6 1 PRO B 56 ? ? -54.93  93.72   
7 1 ASP B 63 ? ? -38.79  128.63  
# 
_pdbx_database_remark.id     999 
_pdbx_database_remark.text   
;SEQUENCE
The sequence of this inhibitor matching its molecular 
weight 8.1 kDa was determined using partial N-terminal 
sequencing and with the help of electron density map 
combined with sequences of isoinhibitors reported 
previously from the same source and considering the 
possible cleavage at C-terminal. The sequence here differs 
with the P17734 entry in the Swissprot database in 
amino acid positions 20, 23, 33, 50, 60 and 62 as clearly 
seen from the electron density map. Also, IN THE N-TERMINAL 
ABOUT 16 RESIDUES are missing and in the  C-terminal beyond 
residue 74 is possibly cleaved, as inferred from electron 
density map and molecular weight. Thus, we believe that 
the inhibitor whose structure reported here is a modified 
isoform of the deposited sequence P17734.
;
# 
loop_
_pdbx_unobs_or_zero_occ_residues.id 
_pdbx_unobs_or_zero_occ_residues.PDB_model_num 
_pdbx_unobs_or_zero_occ_residues.polymer_flag 
_pdbx_unobs_or_zero_occ_residues.occupancy_flag 
_pdbx_unobs_or_zero_occ_residues.auth_asym_id 
_pdbx_unobs_or_zero_occ_residues.auth_comp_id 
_pdbx_unobs_or_zero_occ_residues.auth_seq_id 
_pdbx_unobs_or_zero_occ_residues.PDB_ins_code 
_pdbx_unobs_or_zero_occ_residues.label_asym_id 
_pdbx_unobs_or_zero_occ_residues.label_comp_id 
_pdbx_unobs_or_zero_occ_residues.label_seq_id 
1  1 Y 1 A SER 1  ? A SER 1  
2  1 Y 1 A GLY 2  ? A GLY 2  
3  1 Y 1 A HIS 3  ? A HIS 3  
4  1 Y 1 A HIS 4  ? A HIS 4  
5  1 Y 1 A GLU 5  ? A GLU 5  
6  1 Y 1 A ASP 6  ? A ASP 6  
7  1 Y 1 A SER 7  ? A SER 7  
8  1 Y 1 A THR 8  ? A THR 8  
9  1 Y 1 A ASP 9  ? A ASP 9  
10 1 Y 1 A GLU 10 ? A GLU 10 
11 1 Y 1 A PRO 11 ? A PRO 11 
12 1 Y 1 A SER 12 ? A SER 12 
13 1 Y 1 A GLU 13 ? A GLU 13 
14 1 Y 1 A SER 14 ? A SER 14 
15 1 Y 1 A SER 15 ? A SER 15 
16 1 Y 1 A GLU 16 ? A GLU 16 
17 1 Y 1 A ILE 55 ? A ILE 55 
18 1 Y 1 A PRO 56 ? A PRO 56 
19 1 Y 1 A SER 74 ? A SER 74 
20 1 Y 1 B SER 1  ? B SER 1  
21 1 Y 1 B GLY 2  ? B GLY 2  
22 1 Y 1 B HIS 3  ? B HIS 3  
23 1 Y 1 B HIS 4  ? B HIS 4  
24 1 Y 1 B GLU 5  ? B GLU 5  
25 1 Y 1 B ASP 6  ? B ASP 6  
26 1 Y 1 B SER 7  ? B SER 7  
27 1 Y 1 B THR 8  ? B THR 8  
28 1 Y 1 B ASP 9  ? B ASP 9  
29 1 Y 1 B GLU 10 ? B GLU 10 
30 1 Y 1 B PRO 11 ? B PRO 11 
31 1 Y 1 B SER 12 ? B SER 12 
32 1 Y 1 B GLU 13 ? B GLU 13 
33 1 Y 1 B SER 14 ? B SER 14 
34 1 Y 1 B SER 15 ? B SER 15 
35 1 Y 1 B GLU 16 ? B GLU 16 
36 1 Y 1 B SER 74 ? B SER 74 
# 
loop_
_chem_comp_atom.comp_id 
_chem_comp_atom.atom_id 
_chem_comp_atom.type_symbol 
_chem_comp_atom.pdbx_aromatic_flag 
_chem_comp_atom.pdbx_stereo_config 
_chem_comp_atom.pdbx_ordinal 
ALA N    N N N 1   
ALA CA   C N S 2   
ALA C    C N N 3   
ALA O    O N N 4   
ALA CB   C N N 5   
ALA OXT  O N N 6   
ALA H    H N N 7   
ALA H2   H N N 8   
ALA HA   H N N 9   
ALA HB1  H N N 10  
ALA HB2  H N N 11  
ALA HB3  H N N 12  
ALA HXT  H N N 13  
ARG N    N N N 14  
ARG CA   C N S 15  
ARG C    C N N 16  
ARG O    O N N 17  
ARG CB   C N N 18  
ARG CG   C N N 19  
ARG CD   C N N 20  
ARG NE   N N N 21  
ARG CZ   C N N 22  
ARG NH1  N N N 23  
ARG NH2  N N N 24  
ARG OXT  O N N 25  
ARG H    H N N 26  
ARG H2   H N N 27  
ARG HA   H N N 28  
ARG HB2  H N N 29  
ARG HB3  H N N 30  
ARG HG2  H N N 31  
ARG HG3  H N N 32  
ARG HD2  H N N 33  
ARG HD3  H N N 34  
ARG HE   H N N 35  
ARG HH11 H N N 36  
ARG HH12 H N N 37  
ARG HH21 H N N 38  
ARG HH22 H N N 39  
ARG HXT  H N N 40  
ASN N    N N N 41  
ASN CA   C N S 42  
ASN C    C N N 43  
ASN O    O N N 44  
ASN CB   C N N 45  
ASN CG   C N N 46  
ASN OD1  O N N 47  
ASN ND2  N N N 48  
ASN OXT  O N N 49  
ASN H    H N N 50  
ASN H2   H N N 51  
ASN HA   H N N 52  
ASN HB2  H N N 53  
ASN HB3  H N N 54  
ASN HD21 H N N 55  
ASN HD22 H N N 56  
ASN HXT  H N N 57  
ASP N    N N N 58  
ASP CA   C N S 59  
ASP C    C N N 60  
ASP O    O N N 61  
ASP CB   C N N 62  
ASP CG   C N N 63  
ASP OD1  O N N 64  
ASP OD2  O N N 65  
ASP OXT  O N N 66  
ASP H    H N N 67  
ASP H2   H N N 68  
ASP HA   H N N 69  
ASP HB2  H N N 70  
ASP HB3  H N N 71  
ASP HD2  H N N 72  
ASP HXT  H N N 73  
CYS N    N N N 74  
CYS CA   C N R 75  
CYS C    C N N 76  
CYS O    O N N 77  
CYS CB   C N N 78  
CYS SG   S N N 79  
CYS OXT  O N N 80  
CYS H    H N N 81  
CYS H2   H N N 82  
CYS HA   H N N 83  
CYS HB2  H N N 84  
CYS HB3  H N N 85  
CYS HG   H N N 86  
CYS HXT  H N N 87  
GLN N    N N N 88  
GLN CA   C N S 89  
GLN C    C N N 90  
GLN O    O N N 91  
GLN CB   C N N 92  
GLN CG   C N N 93  
GLN CD   C N N 94  
GLN OE1  O N N 95  
GLN NE2  N N N 96  
GLN OXT  O N N 97  
GLN H    H N N 98  
GLN H2   H N N 99  
GLN HA   H N N 100 
GLN HB2  H N N 101 
GLN HB3  H N N 102 
GLN HG2  H N N 103 
GLN HG3  H N N 104 
GLN HE21 H N N 105 
GLN HE22 H N N 106 
GLN HXT  H N N 107 
GLU N    N N N 108 
GLU CA   C N S 109 
GLU C    C N N 110 
GLU O    O N N 111 
GLU CB   C N N 112 
GLU CG   C N N 113 
GLU CD   C N N 114 
GLU OE1  O N N 115 
GLU OE2  O N N 116 
GLU OXT  O N N 117 
GLU H    H N N 118 
GLU H2   H N N 119 
GLU HA   H N N 120 
GLU HB2  H N N 121 
GLU HB3  H N N 122 
GLU HG2  H N N 123 
GLU HG3  H N N 124 
GLU HE2  H N N 125 
GLU HXT  H N N 126 
GLY N    N N N 127 
GLY CA   C N N 128 
GLY C    C N N 129 
GLY O    O N N 130 
GLY OXT  O N N 131 
GLY H    H N N 132 
GLY H2   H N N 133 
GLY HA2  H N N 134 
GLY HA3  H N N 135 
GLY HXT  H N N 136 
HIS N    N N N 137 
HIS CA   C N S 138 
HIS C    C N N 139 
HIS O    O N N 140 
HIS CB   C N N 141 
HIS CG   C Y N 142 
HIS ND1  N Y N 143 
HIS CD2  C Y N 144 
HIS CE1  C Y N 145 
HIS NE2  N Y N 146 
HIS OXT  O N N 147 
HIS H    H N N 148 
HIS H2   H N N 149 
HIS HA   H N N 150 
HIS HB2  H N N 151 
HIS HB3  H N N 152 
HIS HD1  H N N 153 
HIS HD2  H N N 154 
HIS HE1  H N N 155 
HIS HE2  H N N 156 
HIS HXT  H N N 157 
HOH O    O N N 158 
HOH H1   H N N 159 
HOH H2   H N N 160 
ILE N    N N N 161 
ILE CA   C N S 162 
ILE C    C N N 163 
ILE O    O N N 164 
ILE CB   C N S 165 
ILE CG1  C N N 166 
ILE CG2  C N N 167 
ILE CD1  C N N 168 
ILE OXT  O N N 169 
ILE H    H N N 170 
ILE H2   H N N 171 
ILE HA   H N N 172 
ILE HB   H N N 173 
ILE HG12 H N N 174 
ILE HG13 H N N 175 
ILE HG21 H N N 176 
ILE HG22 H N N 177 
ILE HG23 H N N 178 
ILE HD11 H N N 179 
ILE HD12 H N N 180 
ILE HD13 H N N 181 
ILE HXT  H N N 182 
LEU N    N N N 183 
LEU CA   C N S 184 
LEU C    C N N 185 
LEU O    O N N 186 
LEU CB   C N N 187 
LEU CG   C N N 188 
LEU CD1  C N N 189 
LEU CD2  C N N 190 
LEU OXT  O N N 191 
LEU H    H N N 192 
LEU H2   H N N 193 
LEU HA   H N N 194 
LEU HB2  H N N 195 
LEU HB3  H N N 196 
LEU HG   H N N 197 
LEU HD11 H N N 198 
LEU HD12 H N N 199 
LEU HD13 H N N 200 
LEU HD21 H N N 201 
LEU HD22 H N N 202 
LEU HD23 H N N 203 
LEU HXT  H N N 204 
LYS N    N N N 205 
LYS CA   C N S 206 
LYS C    C N N 207 
LYS O    O N N 208 
LYS CB   C N N 209 
LYS CG   C N N 210 
LYS CD   C N N 211 
LYS CE   C N N 212 
LYS NZ   N N N 213 
LYS OXT  O N N 214 
LYS H    H N N 215 
LYS H2   H N N 216 
LYS HA   H N N 217 
LYS HB2  H N N 218 
LYS HB3  H N N 219 
LYS HG2  H N N 220 
LYS HG3  H N N 221 
LYS HD2  H N N 222 
LYS HD3  H N N 223 
LYS HE2  H N N 224 
LYS HE3  H N N 225 
LYS HZ1  H N N 226 
LYS HZ2  H N N 227 
LYS HZ3  H N N 228 
LYS HXT  H N N 229 
PHE N    N N N 230 
PHE CA   C N S 231 
PHE C    C N N 232 
PHE O    O N N 233 
PHE CB   C N N 234 
PHE CG   C Y N 235 
PHE CD1  C Y N 236 
PHE CD2  C Y N 237 
PHE CE1  C Y N 238 
PHE CE2  C Y N 239 
PHE CZ   C Y N 240 
PHE OXT  O N N 241 
PHE H    H N N 242 
PHE H2   H N N 243 
PHE HA   H N N 244 
PHE HB2  H N N 245 
PHE HB3  H N N 246 
PHE HD1  H N N 247 
PHE HD2  H N N 248 
PHE HE1  H N N 249 
PHE HE2  H N N 250 
PHE HZ   H N N 251 
PHE HXT  H N N 252 
PRO N    N N N 253 
PRO CA   C N S 254 
PRO C    C N N 255 
PRO O    O N N 256 
PRO CB   C N N 257 
PRO CG   C N N 258 
PRO CD   C N N 259 
PRO OXT  O N N 260 
PRO H    H N N 261 
PRO HA   H N N 262 
PRO HB2  H N N 263 
PRO HB3  H N N 264 
PRO HG2  H N N 265 
PRO HG3  H N N 266 
PRO HD2  H N N 267 
PRO HD3  H N N 268 
PRO HXT  H N N 269 
SER N    N N N 270 
SER CA   C N S 271 
SER C    C N N 272 
SER O    O N N 273 
SER CB   C N N 274 
SER OG   O N N 275 
SER OXT  O N N 276 
SER H    H N N 277 
SER H2   H N N 278 
SER HA   H N N 279 
SER HB2  H N N 280 
SER HB3  H N N 281 
SER HG   H N N 282 
SER HXT  H N N 283 
THR N    N N N 284 
THR CA   C N S 285 
THR C    C N N 286 
THR O    O N N 287 
THR CB   C N R 288 
THR OG1  O N N 289 
THR CG2  C N N 290 
THR OXT  O N N 291 
THR H    H N N 292 
THR H2   H N N 293 
THR HA   H N N 294 
THR HB   H N N 295 
THR HG1  H N N 296 
THR HG21 H N N 297 
THR HG22 H N N 298 
THR HG23 H N N 299 
THR HXT  H N N 300 
TYR N    N N N 301 
TYR CA   C N S 302 
TYR C    C N N 303 
TYR O    O N N 304 
TYR CB   C N N 305 
TYR CG   C Y N 306 
TYR CD1  C Y N 307 
TYR CD2  C Y N 308 
TYR CE1  C Y N 309 
TYR CE2  C Y N 310 
TYR CZ   C Y N 311 
TYR OH   O N N 312 
TYR OXT  O N N 313 
TYR H    H N N 314 
TYR H2   H N N 315 
TYR HA   H N N 316 
TYR HB2  H N N 317 
TYR HB3  H N N 318 
TYR HD1  H N N 319 
TYR HD2  H N N 320 
TYR HE1  H N N 321 
TYR HE2  H N N 322 
TYR HH   H N N 323 
TYR HXT  H N N 324 
VAL N    N N N 325 
VAL CA   C N S 326 
VAL C    C N N 327 
VAL O    O N N 328 
VAL CB   C N N 329 
VAL CG1  C N N 330 
VAL CG2  C N N 331 
VAL OXT  O N N 332 
VAL H    H N N 333 
VAL H2   H N N 334 
VAL HA   H N N 335 
VAL HB   H N N 336 
VAL HG11 H N N 337 
VAL HG12 H N N 338 
VAL HG13 H N N 339 
VAL HG21 H N N 340 
VAL HG22 H N N 341 
VAL HG23 H N N 342 
VAL HXT  H N N 343 
# 
loop_
_chem_comp_bond.comp_id 
_chem_comp_bond.atom_id_1 
_chem_comp_bond.atom_id_2 
_chem_comp_bond.value_order 
_chem_comp_bond.pdbx_aromatic_flag 
_chem_comp_bond.pdbx_stereo_config 
_chem_comp_bond.pdbx_ordinal 
ALA N   CA   sing N N 1   
ALA N   H    sing N N 2   
ALA N   H2   sing N N 3   
ALA CA  C    sing N N 4   
ALA CA  CB   sing N N 5   
ALA CA  HA   sing N N 6   
ALA C   O    doub N N 7   
ALA C   OXT  sing N N 8   
ALA CB  HB1  sing N N 9   
ALA CB  HB2  sing N N 10  
ALA CB  HB3  sing N N 11  
ALA OXT HXT  sing N N 12  
ARG N   CA   sing N N 13  
ARG N   H    sing N N 14  
ARG N   H2   sing N N 15  
ARG CA  C    sing N N 16  
ARG CA  CB   sing N N 17  
ARG CA  HA   sing N N 18  
ARG C   O    doub N N 19  
ARG C   OXT  sing N N 20  
ARG CB  CG   sing N N 21  
ARG CB  HB2  sing N N 22  
ARG CB  HB3  sing N N 23  
ARG CG  CD   sing N N 24  
ARG CG  HG2  sing N N 25  
ARG CG  HG3  sing N N 26  
ARG CD  NE   sing N N 27  
ARG CD  HD2  sing N N 28  
ARG CD  HD3  sing N N 29  
ARG NE  CZ   sing N N 30  
ARG NE  HE   sing N N 31  
ARG CZ  NH1  sing N N 32  
ARG CZ  NH2  doub N N 33  
ARG NH1 HH11 sing N N 34  
ARG NH1 HH12 sing N N 35  
ARG NH2 HH21 sing N N 36  
ARG NH2 HH22 sing N N 37  
ARG OXT HXT  sing N N 38  
ASN N   CA   sing N N 39  
ASN N   H    sing N N 40  
ASN N   H2   sing N N 41  
ASN CA  C    sing N N 42  
ASN CA  CB   sing N N 43  
ASN CA  HA   sing N N 44  
ASN C   O    doub N N 45  
ASN C   OXT  sing N N 46  
ASN CB  CG   sing N N 47  
ASN CB  HB2  sing N N 48  
ASN CB  HB3  sing N N 49  
ASN CG  OD1  doub N N 50  
ASN CG  ND2  sing N N 51  
ASN ND2 HD21 sing N N 52  
ASN ND2 HD22 sing N N 53  
ASN OXT HXT  sing N N 54  
ASP N   CA   sing N N 55  
ASP N   H    sing N N 56  
ASP N   H2   sing N N 57  
ASP CA  C    sing N N 58  
ASP CA  CB   sing N N 59  
ASP CA  HA   sing N N 60  
ASP C   O    doub N N 61  
ASP C   OXT  sing N N 62  
ASP CB  CG   sing N N 63  
ASP CB  HB2  sing N N 64  
ASP CB  HB3  sing N N 65  
ASP CG  OD1  doub N N 66  
ASP CG  OD2  sing N N 67  
ASP OD2 HD2  sing N N 68  
ASP OXT HXT  sing N N 69  
CYS N   CA   sing N N 70  
CYS N   H    sing N N 71  
CYS N   H2   sing N N 72  
CYS CA  C    sing N N 73  
CYS CA  CB   sing N N 74  
CYS CA  HA   sing N N 75  
CYS C   O    doub N N 76  
CYS C   OXT  sing N N 77  
CYS CB  SG   sing N N 78  
CYS CB  HB2  sing N N 79  
CYS CB  HB3  sing N N 80  
CYS SG  HG   sing N N 81  
CYS OXT HXT  sing N N 82  
GLN N   CA   sing N N 83  
GLN N   H    sing N N 84  
GLN N   H2   sing N N 85  
GLN CA  C    sing N N 86  
GLN CA  CB   sing N N 87  
GLN CA  HA   sing N N 88  
GLN C   O    doub N N 89  
GLN C   OXT  sing N N 90  
GLN CB  CG   sing N N 91  
GLN CB  HB2  sing N N 92  
GLN CB  HB3  sing N N 93  
GLN CG  CD   sing N N 94  
GLN CG  HG2  sing N N 95  
GLN CG  HG3  sing N N 96  
GLN CD  OE1  doub N N 97  
GLN CD  NE2  sing N N 98  
GLN NE2 HE21 sing N N 99  
GLN NE2 HE22 sing N N 100 
GLN OXT HXT  sing N N 101 
GLU N   CA   sing N N 102 
GLU N   H    sing N N 103 
GLU N   H2   sing N N 104 
GLU CA  C    sing N N 105 
GLU CA  CB   sing N N 106 
GLU CA  HA   sing N N 107 
GLU C   O    doub N N 108 
GLU C   OXT  sing N N 109 
GLU CB  CG   sing N N 110 
GLU CB  HB2  sing N N 111 
GLU CB  HB3  sing N N 112 
GLU CG  CD   sing N N 113 
GLU CG  HG2  sing N N 114 
GLU CG  HG3  sing N N 115 
GLU CD  OE1  doub N N 116 
GLU CD  OE2  sing N N 117 
GLU OE2 HE2  sing N N 118 
GLU OXT HXT  sing N N 119 
GLY N   CA   sing N N 120 
GLY N   H    sing N N 121 
GLY N   H2   sing N N 122 
GLY CA  C    sing N N 123 
GLY CA  HA2  sing N N 124 
GLY CA  HA3  sing N N 125 
GLY C   O    doub N N 126 
GLY C   OXT  sing N N 127 
GLY OXT HXT  sing N N 128 
HIS N   CA   sing N N 129 
HIS N   H    sing N N 130 
HIS N   H2   sing N N 131 
HIS CA  C    sing N N 132 
HIS CA  CB   sing N N 133 
HIS CA  HA   sing N N 134 
HIS C   O    doub N N 135 
HIS C   OXT  sing N N 136 
HIS CB  CG   sing N N 137 
HIS CB  HB2  sing N N 138 
HIS CB  HB3  sing N N 139 
HIS CG  ND1  sing Y N 140 
HIS CG  CD2  doub Y N 141 
HIS ND1 CE1  doub Y N 142 
HIS ND1 HD1  sing N N 143 
HIS CD2 NE2  sing Y N 144 
HIS CD2 HD2  sing N N 145 
HIS CE1 NE2  sing Y N 146 
HIS CE1 HE1  sing N N 147 
HIS NE2 HE2  sing N N 148 
HIS OXT HXT  sing N N 149 
HOH O   H1   sing N N 150 
HOH O   H2   sing N N 151 
ILE N   CA   sing N N 152 
ILE N   H    sing N N 153 
ILE N   H2   sing N N 154 
ILE CA  C    sing N N 155 
ILE CA  CB   sing N N 156 
ILE CA  HA   sing N N 157 
ILE C   O    doub N N 158 
ILE C   OXT  sing N N 159 
ILE CB  CG1  sing N N 160 
ILE CB  CG2  sing N N 161 
ILE CB  HB   sing N N 162 
ILE CG1 CD1  sing N N 163 
ILE CG1 HG12 sing N N 164 
ILE CG1 HG13 sing N N 165 
ILE CG2 HG21 sing N N 166 
ILE CG2 HG22 sing N N 167 
ILE CG2 HG23 sing N N 168 
ILE CD1 HD11 sing N N 169 
ILE CD1 HD12 sing N N 170 
ILE CD1 HD13 sing N N 171 
ILE OXT HXT  sing N N 172 
LEU N   CA   sing N N 173 
LEU N   H    sing N N 174 
LEU N   H2   sing N N 175 
LEU CA  C    sing N N 176 
LEU CA  CB   sing N N 177 
LEU CA  HA   sing N N 178 
LEU C   O    doub N N 179 
LEU C   OXT  sing N N 180 
LEU CB  CG   sing N N 181 
LEU CB  HB2  sing N N 182 
LEU CB  HB3  sing N N 183 
LEU CG  CD1  sing N N 184 
LEU CG  CD2  sing N N 185 
LEU CG  HG   sing N N 186 
LEU CD1 HD11 sing N N 187 
LEU CD1 HD12 sing N N 188 
LEU CD1 HD13 sing N N 189 
LEU CD2 HD21 sing N N 190 
LEU CD2 HD22 sing N N 191 
LEU CD2 HD23 sing N N 192 
LEU OXT HXT  sing N N 193 
LYS N   CA   sing N N 194 
LYS N   H    sing N N 195 
LYS N   H2   sing N N 196 
LYS CA  C    sing N N 197 
LYS CA  CB   sing N N 198 
LYS CA  HA   sing N N 199 
LYS C   O    doub N N 200 
LYS C   OXT  sing N N 201 
LYS CB  CG   sing N N 202 
LYS CB  HB2  sing N N 203 
LYS CB  HB3  sing N N 204 
LYS CG  CD   sing N N 205 
LYS CG  HG2  sing N N 206 
LYS CG  HG3  sing N N 207 
LYS CD  CE   sing N N 208 
LYS CD  HD2  sing N N 209 
LYS CD  HD3  sing N N 210 
LYS CE  NZ   sing N N 211 
LYS CE  HE2  sing N N 212 
LYS CE  HE3  sing N N 213 
LYS NZ  HZ1  sing N N 214 
LYS NZ  HZ2  sing N N 215 
LYS NZ  HZ3  sing N N 216 
LYS OXT HXT  sing N N 217 
PHE N   CA   sing N N 218 
PHE N   H    sing N N 219 
PHE N   H2   sing N N 220 
PHE CA  C    sing N N 221 
PHE CA  CB   sing N N 222 
PHE CA  HA   sing N N 223 
PHE C   O    doub N N 224 
PHE C   OXT  sing N N 225 
PHE CB  CG   sing N N 226 
PHE CB  HB2  sing N N 227 
PHE CB  HB3  sing N N 228 
PHE CG  CD1  doub Y N 229 
PHE CG  CD2  sing Y N 230 
PHE CD1 CE1  sing Y N 231 
PHE CD1 HD1  sing N N 232 
PHE CD2 CE2  doub Y N 233 
PHE CD2 HD2  sing N N 234 
PHE CE1 CZ   doub Y N 235 
PHE CE1 HE1  sing N N 236 
PHE CE2 CZ   sing Y N 237 
PHE CE2 HE2  sing N N 238 
PHE CZ  HZ   sing N N 239 
PHE OXT HXT  sing N N 240 
PRO N   CA   sing N N 241 
PRO N   CD   sing N N 242 
PRO N   H    sing N N 243 
PRO CA  C    sing N N 244 
PRO CA  CB   sing N N 245 
PRO CA  HA   sing N N 246 
PRO C   O    doub N N 247 
PRO C   OXT  sing N N 248 
PRO CB  CG   sing N N 249 
PRO CB  HB2  sing N N 250 
PRO CB  HB3  sing N N 251 
PRO CG  CD   sing N N 252 
PRO CG  HG2  sing N N 253 
PRO CG  HG3  sing N N 254 
PRO CD  HD2  sing N N 255 
PRO CD  HD3  sing N N 256 
PRO OXT HXT  sing N N 257 
SER N   CA   sing N N 258 
SER N   H    sing N N 259 
SER N   H2   sing N N 260 
SER CA  C    sing N N 261 
SER CA  CB   sing N N 262 
SER CA  HA   sing N N 263 
SER C   O    doub N N 264 
SER C   OXT  sing N N 265 
SER CB  OG   sing N N 266 
SER CB  HB2  sing N N 267 
SER CB  HB3  sing N N 268 
SER OG  HG   sing N N 269 
SER OXT HXT  sing N N 270 
THR N   CA   sing N N 271 
THR N   H    sing N N 272 
THR N   H2   sing N N 273 
THR CA  C    sing N N 274 
THR CA  CB   sing N N 275 
THR CA  HA   sing N N 276 
THR C   O    doub N N 277 
THR C   OXT  sing N N 278 
THR CB  OG1  sing N N 279 
THR CB  CG2  sing N N 280 
THR CB  HB   sing N N 281 
THR OG1 HG1  sing N N 282 
THR CG2 HG21 sing N N 283 
THR CG2 HG22 sing N N 284 
THR CG2 HG23 sing N N 285 
THR OXT HXT  sing N N 286 
TYR N   CA   sing N N 287 
TYR N   H    sing N N 288 
TYR N   H2   sing N N 289 
TYR CA  C    sing N N 290 
TYR CA  CB   sing N N 291 
TYR CA  HA   sing N N 292 
TYR C   O    doub N N 293 
TYR C   OXT  sing N N 294 
TYR CB  CG   sing N N 295 
TYR CB  HB2  sing N N 296 
TYR CB  HB3  sing N N 297 
TYR CG  CD1  doub Y N 298 
TYR CG  CD2  sing Y N 299 
TYR CD1 CE1  sing Y N 300 
TYR CD1 HD1  sing N N 301 
TYR CD2 CE2  doub Y N 302 
TYR CD2 HD2  sing N N 303 
TYR CE1 CZ   doub Y N 304 
TYR CE1 HE1  sing N N 305 
TYR CE2 CZ   sing Y N 306 
TYR CE2 HE2  sing N N 307 
TYR CZ  OH   sing N N 308 
TYR OH  HH   sing N N 309 
TYR OXT HXT  sing N N 310 
VAL N   CA   sing N N 311 
VAL N   H    sing N N 312 
VAL N   H2   sing N N 313 
VAL CA  C    sing N N 314 
VAL CA  CB   sing N N 315 
VAL CA  HA   sing N N 316 
VAL C   O    doub N N 317 
VAL C   OXT  sing N N 318 
VAL CB  CG1  sing N N 319 
VAL CB  CG2  sing N N 320 
VAL CB  HB   sing N N 321 
VAL CG1 HG11 sing N N 322 
VAL CG1 HG12 sing N N 323 
VAL CG1 HG13 sing N N 324 
VAL CG2 HG21 sing N N 325 
VAL CG2 HG22 sing N N 326 
VAL CG2 HG23 sing N N 327 
VAL OXT HXT  sing N N 328 
# 
_pdbx_initial_refinement_model.accession_code   ? 
_pdbx_initial_refinement_model.id               1 
_pdbx_initial_refinement_model.entity_id_list   ? 
_pdbx_initial_refinement_model.type             'experimental model' 
_pdbx_initial_refinement_model.source_name      Other 
_pdbx_initial_refinement_model.details          'X-RAY COORDINATES OF BOWMAN-BIRK INHIBITOR FROM ADZUKI BEAN' 
# 
_atom_sites.entry_id                    2R33 
_atom_sites.fract_transf_matrix[1][1]   0.00212283 
_atom_sites.fract_transf_matrix[1][2]   0.02018239 
_atom_sites.fract_transf_matrix[1][3]   0.02716045 
_atom_sites.fract_transf_matrix[2][1]   0.01586237 
_atom_sites.fract_transf_matrix[2][2]   0.00223673 
_atom_sites.fract_transf_matrix[2][3]   -0.00290186 
_atom_sites.fract_transf_matrix[3][1]   -0.00567246 
_atom_sites.fract_transf_matrix[3][2]   0.03236189 
_atom_sites.fract_transf_matrix[3][3]   -0.00606293 
_atom_sites.fract_transf_vector[1]      0.803959 
_atom_sites.fract_transf_vector[2]      0.467041 
_atom_sites.fract_transf_vector[3]      0.626796 
# 
loop_
_atom_type.symbol 
C 
N 
O 
S 
# 
loop_
_atom_site.group_PDB 
_atom_site.id 
_atom_site.type_symbol 
_atom_site.label_atom_id 
_atom_site.label_alt_id 
_atom_site.label_comp_id 
_atom_site.label_asym_id 
_atom_site.label_entity_id 
_atom_site.label_seq_id 
_atom_site.pdbx_PDB_ins_code 
_atom_site.Cartn_x 
_atom_site.Cartn_y 
_atom_site.Cartn_z 
_atom_site.occupancy 
_atom_site.B_iso_or_equiv 
_atom_site.pdbx_formal_charge 
_atom_site.auth_seq_id 
_atom_site.auth_comp_id 
_atom_site.auth_asym_id 
_atom_site.auth_atom_id 
_atom_site.pdbx_PDB_model_num 
ATOM   1   N N   . PRO A 1 17 ? -5.235  -5.438  -5.239  1.00 45.46 ? 17  PRO A N   1 
ATOM   2   C CA  . PRO A 1 17 ? -4.173  -4.568  -5.802  1.00 44.69 ? 17  PRO A CA  1 
ATOM   3   C C   . PRO A 1 17 ? -3.142  -5.305  -6.635  1.00 43.60 ? 17  PRO A C   1 
ATOM   4   O O   . PRO A 1 17 ? -2.803  -6.462  -6.396  1.00 42.35 ? 17  PRO A O   1 
ATOM   5   C CB  . PRO A 1 17 ? -3.530  -3.933  -4.575  1.00 44.93 ? 17  PRO A CB  1 
ATOM   6   C CG  . PRO A 1 17 ? -4.652  -3.824  -3.613  1.00 45.44 ? 17  PRO A CG  1 
ATOM   7   C CD  . PRO A 1 17 ? -5.519  -5.026  -3.846  1.00 45.54 ? 17  PRO A CD  1 
ATOM   8   N N   . CYS A 1 18 ? -2.600  -4.591  -7.626  1.00 42.87 ? 18  CYS A N   1 
ATOM   9   C CA  . CYS A 1 18 ? -1.598  -5.236  -8.479  1.00 42.53 ? 18  CYS A CA  1 
ATOM   10  C C   . CYS A 1 18 ? -0.826  -4.177  -9.251  1.00 40.95 ? 18  CYS A C   1 
ATOM   11  O O   . CYS A 1 18 ? -1.332  -3.076  -9.467  1.00 40.25 ? 18  CYS A O   1 
ATOM   12  C CB  . CYS A 1 18 ? -2.255  -6.256  -9.412  1.00 43.49 ? 18  CYS A CB  1 
ATOM   13  S SG  . CYS A 1 18 ? -3.508  -5.556  -10.525 1.00 44.32 ? 18  CYS A SG  1 
ATOM   14  N N   . CYS A 1 19 ? 0.327   -4.593  -9.762  1.00 39.17 ? 19  CYS A N   1 
ATOM   15  C CA  . CYS A 1 19 ? 1.108   -3.648  -10.566 1.00 38.30 ? 19  CYS A CA  1 
ATOM   16  C C   . CYS A 1 19 ? 1.982   -4.424  -11.546 1.00 39.28 ? 19  CYS A C   1 
ATOM   17  O O   . CYS A 1 19 ? 2.652   -5.379  -11.141 1.00 39.10 ? 19  CYS A O   1 
ATOM   18  C CB  . CYS A 1 19 ? 1.903   -2.778  -9.613  1.00 36.08 ? 19  CYS A CB  1 
ATOM   19  S SG  . CYS A 1 19 ? 2.990   -1.604  -10.424 1.00 33.65 ? 19  CYS A SG  1 
ATOM   20  N N   . ASP A 1 20 ? 1.946   -4.039  -12.811 1.00 39.76 ? 20  ASP A N   1 
ATOM   21  C CA  . ASP A 1 20 ? 2.726   -4.726  -13.831 1.00 41.09 ? 20  ASP A CA  1 
ATOM   22  C C   . ASP A 1 20 ? 4.110   -4.118  -13.939 1.00 41.44 ? 20  ASP A C   1 
ATOM   23  O O   . ASP A 1 20 ? 5.063   -4.875  -14.103 1.00 42.63 ? 20  ASP A O   1 
ATOM   24  C CB  . ASP A 1 20 ? 1.997   -4.748  -15.175 1.00 42.33 ? 20  ASP A CB  1 
ATOM   25  C CG  . ASP A 1 20 ? 0.908   -5.794  -15.255 1.00 43.41 ? 20  ASP A CG  1 
ATOM   26  O OD1 . ASP A 1 20 ? 0.932   -6.777  -14.480 1.00 44.76 ? 20  ASP A OD1 1 
ATOM   27  O OD2 . ASP A 1 20 ? -0.012  -5.688  -16.086 1.00 44.00 ? 20  ASP A OD2 1 
ATOM   28  N N   . SER A 1 21 ? 4.257   -2.831  -13.652 1.00 41.99 ? 21  SER A N   1 
ATOM   29  C CA  . SER A 1 21 ? 5.545   -2.162  -13.701 1.00 42.38 ? 21  SER A CA  1 
ATOM   30  C C   . SER A 1 21 ? 5.840   -1.394  -12.412 1.00 42.75 ? 21  SER A C   1 
ATOM   31  O O   . SER A 1 21 ? 5.314   -0.305  -12.183 1.00 43.01 ? 21  SER A O   1 
ATOM   32  C CB  . SER A 1 21 ? 5.604   -1.171  -14.863 1.00 42.64 ? 21  SER A CB  1 
ATOM   33  O OG  . SER A 1 21 ? 5.140   -1.788  -16.039 1.00 43.37 ? 21  SER A OG  1 
ATOM   34  N N   . CYS A 1 22 ? 6.682   -1.972  -11.564 1.00 41.95 ? 22  CYS A N   1 
ATOM   35  C CA  . CYS A 1 22 ? 7.006   -1.371  -10.288 1.00 41.96 ? 22  CYS A CA  1 
ATOM   36  C C   . CYS A 1 22 ? 8.463   -0.946  -10.263 1.00 42.48 ? 22  CYS A C   1 
ATOM   37  O O   . CYS A 1 22 ? 9.348   -1.780  -10.459 1.00 43.74 ? 22  CYS A O   1 
ATOM   38  C CB  . CYS A 1 22 ? 6.676   -2.380  -9.180  1.00 41.35 ? 22  CYS A CB  1 
ATOM   39  S SG  . CYS A 1 22 ? 6.728   -1.701  -7.499  1.00 40.01 ? 22  CYS A SG  1 
ATOM   40  N N   . VAL A 1 23 ? 8.721   0.338   -10.094 1.00 41.61 ? 23  VAL A N   1 
ATOM   41  C CA  . VAL A 1 23 ? 10.095  0.834   -10.074 1.00 41.29 ? 23  VAL A CA  1 
ATOM   42  C C   . VAL A 1 23 ? 10.437  1.235   -8.644  1.00 41.79 ? 23  VAL A C   1 
ATOM   43  O O   . VAL A 1 23 ? 9.863   2.169   -8.077  1.00 40.94 ? 23  VAL A O   1 
ATOM   44  C CB  . VAL A 1 23 ? 10.273  2.010   -11.050 1.00 41.20 ? 23  VAL A CB  1 
ATOM   45  C CG1 . VAL A 1 23 ? 11.664  2.620   -11.006 1.00 39.03 ? 23  VAL A CG1 1 
ATOM   46  C CG2 . VAL A 1 23 ? 9.915   1.542   -12.467 1.00 41.03 ? 23  VAL A CG2 1 
ATOM   47  N N   . CYS A 1 24 ? 11.338  0.461   -8.044  1.00 42.21 ? 24  CYS A N   1 
ATOM   48  C CA  . CYS A 1 24 ? 11.807  0.754   -6.708  1.00 41.88 ? 24  CYS A CA  1 
ATOM   49  C C   . CYS A 1 24 ? 13.245  1.167   -6.714  1.00 43.65 ? 24  CYS A C   1 
ATOM   50  O O   . CYS A 1 24 ? 14.068  0.616   -7.434  1.00 44.17 ? 24  CYS A O   1 
ATOM   51  C CB  . CYS A 1 24 ? 11.705  -0.449  -5.775  1.00 39.46 ? 24  CYS A CB  1 
ATOM   52  S SG  . CYS A 1 24 ? 10.518  -1.720  -6.313  1.00 38.17 ? 24  CYS A SG  1 
ATOM   53  N N   . THR A 1 25 ? 13.484  2.137   -5.845  1.00 44.30 ? 25  THR A N   1 
ATOM   54  C CA  . THR A 1 25 ? 14.829  2.616   -5.625  1.00 45.26 ? 25  THR A CA  1 
ATOM   55  C C   . THR A 1 25 ? 15.547  1.724   -4.640  1.00 45.89 ? 25  THR A C   1 
ATOM   56  O O   . THR A 1 25 ? 14.985  1.173   -3.686  1.00 46.97 ? 25  THR A O   1 
ATOM   57  C CB  . THR A 1 25 ? 14.864  4.023   -5.065  1.00 44.99 ? 25  THR A CB  1 
ATOM   58  O OG1 . THR A 1 25 ? 14.309  3.998   -3.751  1.00 45.25 ? 25  THR A OG1 1 
ATOM   59  C CG2 . THR A 1 25 ? 14.087  4.985   -5.958  1.00 44.03 ? 25  THR A CG2 1 
ATOM   60  N N   . LYS A 1 26 ? 16.871  1.620   -4.962  1.00 55.20 ? 26  LYS A N   1 
ATOM   61  C CA  . LYS A 1 26 ? 17.975  0.856   -4.366  1.00 54.41 ? 26  LYS A CA  1 
ATOM   62  C C   . LYS A 1 26 ? 18.473  1.358   -3.003  1.00 53.33 ? 26  LYS A C   1 
ATOM   63  O O   . LYS A 1 26 ? 19.603  1.092   -2.593  1.00 58.51 ? 26  LYS A O   1 
ATOM   64  C CB  . LYS A 1 26 ? 19.146  0.919   -5.342  1.00 52.14 ? 26  LYS A CB  1 
ATOM   65  C CG  . LYS A 1 26 ? 19.490  2.330   -5.795  0.50 39.20 ? 26  LYS A CG  1 
ATOM   66  C CD  . LYS A 1 26 ? 18.244  3.036   -6.302  0.50 31.39 ? 26  LYS A CD  1 
ATOM   67  C CE  . LYS A 1 26 ? 18.546  4.422   -6.842  0.50 35.27 ? 26  LYS A CE  1 
ATOM   68  N NZ  . LYS A 1 26 ? 17.304  5.197   -7.111  0.50 29.82 ? 26  LYS A NZ  1 
ATOM   69  N N   . SER A 1 27 ? 17.498  2.027   -2.323  1.00 45.02 ? 27  SER A N   1 
ATOM   70  C CA  . SER A 1 27 ? 17.994  2.754   -1.139  1.00 43.40 ? 27  SER A CA  1 
ATOM   71  C C   . SER A 1 27 ? 17.577  1.981   0.039   1.00 41.93 ? 27  SER A C   1 
ATOM   72  O O   . SER A 1 27 ? 16.919  0.904   -0.070  1.00 40.70 ? 27  SER A O   1 
ATOM   73  C CB  . SER A 1 27 ? 17.129  4.100   -1.207  1.00 42.55 ? 27  SER A CB  1 
ATOM   74  O OG  . SER A 1 27 ? 16.353  4.300   -2.072  1.00 41.88 ? 27  SER A OG  1 
ATOM   75  N N   . ILE A 1 28 ? 17.842  2.419   1.316   1.00 40.51 ? 28  ILE A N   1 
ATOM   76  C CA  . ILE A 1 28 ? 17.283  1.877   2.539   1.00 39.55 ? 28  ILE A CA  1 
ATOM   77  C C   . ILE A 1 28 ? 16.727  3.093   3.285   1.00 39.38 ? 28  ILE A C   1 
ATOM   78  O O   . ILE A 1 28 ? 17.502  3.975   3.647   1.00 40.83 ? 28  ILE A O   1 
ATOM   79  C CB  . ILE A 1 28 ? 18.282  1.152   3.432   1.00 39.65 ? 28  ILE A CB  1 
ATOM   80  C CG1 . ILE A 1 28 ? 18.905  -0.074  2.754   1.00 39.18 ? 28  ILE A CG1 1 
ATOM   81  C CG2 . ILE A 1 28 ? 17.634  0.736   4.752   1.00 38.66 ? 28  ILE A CG2 1 
ATOM   82  C CD1 . ILE A 1 28 ? 20.256  -0.432  3.370   1.00 39.70 ? 28  ILE A CD1 1 
ATOM   83  N N   . PRO A 1 29 ? 15.418  3.217   3.372   1.00 37.98 ? 29  PRO A N   1 
ATOM   84  C CA  . PRO A 1 29 ? 14.502  2.199   2.916   1.00 36.99 ? 29  PRO A CA  1 
ATOM   85  C C   . PRO A 1 29 ? 14.152  2.321   1.450   1.00 35.23 ? 29  PRO A C   1 
ATOM   86  O O   . PRO A 1 29 ? 14.398  3.353   0.840   1.00 34.29 ? 29  PRO A O   1 
ATOM   87  C CB  . PRO A 1 29 ? 13.225  2.480   3.732   1.00 37.62 ? 29  PRO A CB  1 
ATOM   88  C CG  . PRO A 1 29 ? 13.244  3.966   3.868   1.00 37.22 ? 29  PRO A CG  1 
ATOM   89  C CD  . PRO A 1 29 ? 14.702  4.322   4.061   1.00 37.54 ? 29  PRO A CD  1 
ATOM   90  N N   . PRO A 1 30 ? 13.720  1.213   0.862   1.00 34.02 ? 30  PRO A N   1 
ATOM   91  C CA  . PRO A 1 30 ? 13.326  1.198   -0.525  1.00 33.85 ? 30  PRO A CA  1 
ATOM   92  C C   . PRO A 1 30 ? 12.164  2.152   -0.796  1.00 34.18 ? 30  PRO A C   1 
ATOM   93  O O   . PRO A 1 30 ? 11.295  2.353   0.062   1.00 34.23 ? 30  PRO A O   1 
ATOM   94  C CB  . PRO A 1 30 ? 12.883  -0.237  -0.790  1.00 33.46 ? 30  PRO A CB  1 
ATOM   95  C CG  . PRO A 1 30 ? 12.905  -0.951  0.506   1.00 33.33 ? 30  PRO A CG  1 
ATOM   96  C CD  . PRO A 1 30 ? 13.464  -0.066  1.562   1.00 32.84 ? 30  PRO A CD  1 
ATOM   97  N N   . GLN A 1 31 ? 12.151  2.751   -1.982  1.00 33.63 ? 31  GLN A N   1 
ATOM   98  C CA  . GLN A 1 31 ? 11.075  3.628   -2.415  1.00 34.06 ? 31  GLN A CA  1 
ATOM   99  C C   . GLN A 1 31 ? 10.525  3.111   -3.756  1.00 34.14 ? 31  GLN A C   1 
ATOM   100 O O   . GLN A 1 31 ? 11.183  3.192   -4.794  1.00 33.57 ? 31  GLN A O   1 
ATOM   101 C CB  . GLN A 1 31 ? 11.438  5.100   -2.492  1.00 32.93 ? 31  GLN A CB  1 
ATOM   102 C CG  . GLN A 1 31 ? 11.807  5.678   -1.131  1.00 33.69 ? 31  GLN A CG  1 
ATOM   103 C CD  . GLN A 1 31 ? 10.606  5.977   -0.271  1.00 33.21 ? 31  GLN A CD  1 
ATOM   104 O OE1 . GLN A 1 31 ? 9.985   5.122   0.352   1.00 34.01 ? 31  GLN A OE1 1 
ATOM   105 N NE2 . GLN A 1 31 ? 10.276  7.255   -0.239  1.00 33.78 ? 31  GLN A NE2 1 
ATOM   106 N N   . CYS A 1 32 ? 9.322   2.554   -3.691  1.00 33.63 ? 32  CYS A N   1 
ATOM   107 C CA  . CYS A 1 32 ? 8.657   1.968   -4.838  1.00 34.47 ? 32  CYS A CA  1 
ATOM   108 C C   . CYS A 1 32 ? 7.427   2.735   -5.328  1.00 34.24 ? 32  CYS A C   1 
ATOM   109 O O   . CYS A 1 32 ? 6.700   3.402   -4.587  1.00 32.70 ? 32  CYS A O   1 
ATOM   110 C CB  . CYS A 1 32 ? 8.216   0.528   -4.510  1.00 34.31 ? 32  CYS A CB  1 
ATOM   111 S SG  . CYS A 1 32 ? 9.526   -0.566  -3.921  1.00 35.37 ? 32  CYS A SG  1 
ATOM   112 N N   . HIS A 1 33 ? 7.127   2.569   -6.625  1.00 33.94 ? 33  HIS A N   1 
ATOM   113 C CA  . HIS A 1 33 ? 5.921   3.200   -7.172  1.00 34.78 ? 33  HIS A CA  1 
ATOM   114 C C   . HIS A 1 33 ? 5.480   2.475   -8.422  1.00 32.25 ? 33  HIS A C   1 
ATOM   115 O O   . HIS A 1 33 ? 6.290   1.813   -9.047  1.00 31.78 ? 33  HIS A O   1 
ATOM   116 C CB  . HIS A 1 33 ? 6.066   4.707   -7.412  1.00 36.87 ? 33  HIS A CB  1 
ATOM   117 C CG  . HIS A 1 33 ? 6.992   5.052   -8.522  1.00 39.05 ? 33  HIS A CG  1 
ATOM   118 N ND1 . HIS A 1 33 ? 8.358   5.121   -8.374  1.00 40.44 ? 33  HIS A ND1 1 
ATOM   119 C CD2 . HIS A 1 33 ? 6.752   5.338   -9.822  1.00 40.69 ? 33  HIS A CD2 1 
ATOM   120 C CE1 . HIS A 1 33 ? 8.922   5.435   -9.531  1.00 40.36 ? 33  HIS A CE1 1 
ATOM   121 N NE2 . HIS A 1 33 ? 7.971   5.576   -10.430 1.00 41.15 ? 33  HIS A NE2 1 
ATOM   122 N N   . CYS A 1 34 ? 4.192   2.473   -8.693  1.00 32.42 ? 34  CYS A N   1 
ATOM   123 C CA  . CYS A 1 34 ? 3.666   1.802   -9.881  1.00 33.41 ? 34  CYS A CA  1 
ATOM   124 C C   . CYS A 1 34 ? 3.601   2.791   -11.043 1.00 34.25 ? 34  CYS A C   1 
ATOM   125 O O   . CYS A 1 34 ? 3.118   3.908   -10.853 1.00 34.27 ? 34  CYS A O   1 
ATOM   126 C CB  . CYS A 1 34 ? 2.304   1.187   -9.576  1.00 33.01 ? 34  CYS A CB  1 
ATOM   127 S SG  . CYS A 1 34 ? 1.754   -0.014  -10.821 1.00 33.65 ? 34  CYS A SG  1 
ATOM   128 N N   . THR A 1 35 ? 4.118   2.432   -12.221 1.00 36.00 ? 35  THR A N   1 
ATOM   129 C CA  . THR A 1 35 ? 4.092   3.323   -13.374 1.00 36.74 ? 35  THR A CA  1 
ATOM   130 C C   . THR A 1 35 ? 2.939   2.971   -14.307 1.00 36.48 ? 35  THR A C   1 
ATOM   131 O O   . THR A 1 35 ? 2.681   3.657   -15.308 1.00 36.86 ? 35  THR A O   1 
ATOM   132 C CB  . THR A 1 35 ? 5.407   3.396   -14.166 1.00 37.77 ? 35  THR A CB  1 
ATOM   133 O OG1 . THR A 1 35 ? 5.772   2.103   -14.671 1.00 38.66 ? 35  THR A OG1 1 
ATOM   134 C CG2 . THR A 1 35 ? 6.556   3.930   -13.308 1.00 38.68 ? 35  THR A CG2 1 
ATOM   135 N N   . ASN A 1 36 ? 2.216   1.904   -13.983 1.00 36.21 ? 36  ASN A N   1 
ATOM   136 C CA  . ASN A 1 36 ? 1.084   1.514   -14.821 1.00 36.44 ? 36  ASN A CA  1 
ATOM   137 C C   . ASN A 1 36 ? 0.179   2.684   -15.195 1.00 37.12 ? 36  ASN A C   1 
ATOM   138 O O   . ASN A 1 36 ? -0.104  3.601   -14.427 1.00 37.12 ? 36  ASN A O   1 
ATOM   139 C CB  . ASN A 1 36 ? 0.234   0.461   -14.120 1.00 35.64 ? 36  ASN A CB  1 
ATOM   140 C CG  . ASN A 1 36 ? 0.944   -0.861  -13.913 1.00 35.68 ? 36  ASN A CG  1 
ATOM   141 O OD1 . ASN A 1 36 ? 0.274   -1.758  -13.395 1.00 36.63 ? 36  ASN A OD1 1 
ATOM   142 N ND2 . ASN A 1 36 ? 2.208   -1.010  -14.257 1.00 34.37 ? 36  ASN A ND2 1 
ATOM   143 N N   . ILE A 1 37 ? -0.318  2.644   -16.428 1.00 37.26 ? 37  ILE A N   1 
ATOM   144 C CA  . ILE A 1 37 ? -1.254  3.612   -16.972 1.00 36.72 ? 37  ILE A CA  1 
ATOM   145 C C   . ILE A 1 37 ? -2.596  2.949   -17.285 1.00 36.91 ? 37  ILE A C   1 
ATOM   146 O O   . ILE A 1 37 ? -2.662  1.915   -17.950 1.00 36.29 ? 37  ILE A O   1 
ATOM   147 C CB  . ILE A 1 37 ? -0.734  4.282   -18.257 1.00 36.11 ? 37  ILE A CB  1 
ATOM   148 C CG1 . ILE A 1 37 ? 0.663   4.879   -18.070 1.00 34.97 ? 37  ILE A CG1 1 
ATOM   149 C CG2 . ILE A 1 37 ? -1.749  5.346   -18.704 1.00 35.29 ? 37  ILE A CG2 1 
ATOM   150 C CD1 . ILE A 1 37 ? 0.826   5.981   -17.053 1.00 33.93 ? 37  ILE A CD1 1 
ATOM   151 N N   . ARG A 1 38 ? -3.663  3.472   -16.719 1.00 38.02 ? 38  ARG A N   1 
ATOM   152 C CA  . ARG A 1 38 ? -5.026  3.037   -16.965 1.00 41.25 ? 38  ARG A CA  1 
ATOM   153 C C   . ARG A 1 38 ? -5.821  4.192   -17.574 1.00 44.02 ? 38  ARG A C   1 
ATOM   154 O O   . ARG A 1 38 ? -5.454  5.376   -17.509 1.00 43.84 ? 38  ARG A O   1 
ATOM   155 C CB  . ARG A 1 38 ? -5.655  2.402   -15.730 1.00 42.78 ? 38  ARG A CB  1 
ATOM   156 C CG  . ARG A 1 38 ? -4.865  1.276   -15.097 1.00 44.59 ? 38  ARG A CG  1 
ATOM   157 C CD  . ARG A 1 38 ? -5.440  0.580   -13.892 1.00 45.96 ? 38  ARG A CD  1 
ATOM   158 N NE  . ARG A 1 38 ? -4.433  -0.152  -13.091 1.00 46.64 ? 38  ARG A NE  1 
ATOM   159 C CZ  . ARG A 1 38 ? -4.644  -1.369  -12.599 1.00 47.41 ? 38  ARG A CZ  1 
ATOM   160 N NH1 . ARG A 1 38 ? -5.801  -1.984  -12.857 1.00 49.33 ? 38  ARG A NH1 1 
ATOM   161 N NH2 . ARG A 1 38 ? -3.790  -2.079  -11.880 1.00 46.78 ? 38  ARG A NH2 1 
ATOM   162 N N   . LEU A 1 39 ? -6.883  3.889   -18.320 1.00 47.13 ? 39  LEU A N   1 
ATOM   163 C CA  . LEU A 1 39 ? -7.614  4.923   -19.049 1.00 50.22 ? 39  LEU A CA  1 
ATOM   164 C C   . LEU A 1 39 ? -8.323  5.961   -18.191 1.00 52.15 ? 39  LEU A C   1 
ATOM   165 O O   . LEU A 1 39 ? -8.206  7.172   -18.461 1.00 52.17 ? 39  LEU A O   1 
ATOM   166 C CB  . LEU A 1 39 ? -8.545  4.258   -20.066 1.00 50.83 ? 39  LEU A CB  1 
ATOM   167 C CG  . LEU A 1 39 ? -7.891  3.639   -21.311 1.00 51.93 ? 39  LEU A CG  1 
ATOM   168 C CD1 . LEU A 1 39 ? -7.148  4.676   -22.146 1.00 51.02 ? 39  LEU A CD1 1 
ATOM   169 C CD2 . LEU A 1 39 ? -6.932  2.508   -20.942 1.00 52.23 ? 39  LEU A CD2 1 
ATOM   170 N N   . ASN A 1 40 ? -9.037  5.559   -17.145 1.00 53.43 ? 40  ASN A N   1 
ATOM   171 C CA  . ASN A 1 40 ? -9.823  6.440   -16.312 1.00 54.76 ? 40  ASN A CA  1 
ATOM   172 C C   . ASN A 1 40 ? -9.730  6.189   -14.815 1.00 54.48 ? 40  ASN A C   1 
ATOM   173 O O   . ASN A 1 40 ? -10.487 6.774   -14.038 1.00 54.61 ? 40  ASN A O   1 
ATOM   174 C CB  . ASN A 1 40 ? -11.320 6.250   -16.670 1.00 56.63 ? 40  ASN A CB  1 
ATOM   175 C CG  . ASN A 1 40 ? -11.788 7.233   -17.723 1.00 58.39 ? 40  ASN A CG  1 
ATOM   176 O OD1 . ASN A 1 40 ? -11.836 8.441   -17.477 1.00 58.81 ? 40  ASN A OD1 1 
ATOM   177 N ND2 . ASN A 1 40 ? -12.131 6.713   -18.901 1.00 58.80 ? 40  ASN A ND2 1 
ATOM   178 N N   . SER A 1 41 ? -8.809  5.346   -14.368 1.00 53.91 ? 41  SER A N   1 
ATOM   179 C CA  . SER A 1 41 ? -8.711  5.060   -12.952 1.00 53.17 ? 41  SER A CA  1 
ATOM   180 C C   . SER A 1 41 ? -7.419  4.402   -12.524 1.00 51.75 ? 41  SER A C   1 
ATOM   181 O O   . SER A 1 41 ? -6.559  4.044   -13.317 1.00 51.97 ? 41  SER A O   1 
ATOM   182 C CB  . SER A 1 41 ? -9.878  4.128   -12.565 1.00 54.64 ? 41  SER A CB  1 
ATOM   183 O OG  . SER A 1 41 ? -10.810 4.838   -11.752 1.00 55.74 ? 41  SER A OG  1 
ATOM   184 N N   . CYS A 1 42 ? -7.312  4.235   -11.207 1.00 50.00 ? 42  CYS A N   1 
ATOM   185 C CA  . CYS A 1 42 ? -6.138  3.582   -10.624 1.00 48.03 ? 42  CYS A CA  1 
ATOM   186 C C   . CYS A 1 42 ? -6.577  2.241   -10.062 1.00 50.13 ? 42  CYS A C   1 
ATOM   187 O O   . CYS A 1 42 ? -7.786  1.991   -10.072 1.00 50.98 ? 42  CYS A O   1 
ATOM   188 C CB  . CYS A 1 42 ? -5.528  4.521   -9.587  1.00 42.91 ? 42  CYS A CB  1 
ATOM   189 S SG  . CYS A 1 42 ? -4.603  5.869   -10.357 1.00 36.81 ? 42  CYS A SG  1 
ATOM   190 N N   . HIS A 1 43 ? -5.657  1.397   -9.608  1.00 52.57 ? 43  HIS A N   1 
ATOM   191 C CA  . HIS A 1 43 ? -6.064  0.122   -9.017  1.00 54.70 ? 43  HIS A CA  1 
ATOM   192 C C   . HIS A 1 43 ? -6.809  0.386   -7.715  1.00 54.92 ? 43  HIS A C   1 
ATOM   193 O O   . HIS A 1 43 ? -6.964  1.554   -7.346  1.00 55.42 ? 43  HIS A O   1 
ATOM   194 C CB  . HIS A 1 43 ? -4.897  -0.834  -8.804  1.00 56.06 ? 43  HIS A CB  1 
ATOM   195 C CG  . HIS A 1 43 ? -3.681  -0.201  -8.216  1.00 57.25 ? 43  HIS A CG  1 
ATOM   196 N ND1 . HIS A 1 43 ? -2.735  0.374   -9.030  1.00 58.32 ? 43  HIS A ND1 1 
ATOM   197 C CD2 . HIS A 1 43 ? -3.242  -0.026  -6.942  1.00 57.51 ? 43  HIS A CD2 1 
ATOM   198 C CE1 . HIS A 1 43 ? -1.762  0.876   -8.279  1.00 58.59 ? 43  HIS A CE1 1 
ATOM   199 N NE2 . HIS A 1 43 ? -2.044  0.644   -7.004  1.00 57.48 ? 43  HIS A NE2 1 
ATOM   200 N N   . SER A 1 44 ? -7.252  -0.676  -7.049  1.00 54.83 ? 44  SER A N   1 
ATOM   201 C CA  . SER A 1 44 ? -8.052  -0.508  -5.850  1.00 54.23 ? 44  SER A CA  1 
ATOM   202 C C   . SER A 1 44 ? -7.295  0.016   -4.648  1.00 53.14 ? 44  SER A C   1 
ATOM   203 O O   . SER A 1 44 ? -7.925  0.720   -3.839  1.00 54.29 ? 44  SER A O   1 
ATOM   204 C CB  . SER A 1 44 ? -8.779  -1.821  -5.508  1.00 55.15 ? 44  SER A CB  1 
ATOM   205 O OG  . SER A 1 44 ? -9.927  -1.498  -4.714  1.00 55.96 ? 44  SER A OG  1 
ATOM   206 N N   . GLY A 1 45 ? -6.007  -0.261  -4.475  1.00 50.98 ? 45  GLY A N   1 
ATOM   207 C CA  . GLY A 1 45 ? -5.326  0.186   -3.248  1.00 47.44 ? 45  GLY A CA  1 
ATOM   208 C C   . GLY A 1 45 ? -4.730  1.586   -3.347  1.00 43.68 ? 45  GLY A C   1 
ATOM   209 O O   . GLY A 1 45 ? -4.030  2.033   -2.446  1.00 42.97 ? 45  GLY A O   1 
ATOM   210 N N   . CYS A 1 46 ? -4.995  2.303   -4.421  1.00 40.52 ? 46  CYS A N   1 
ATOM   211 C CA  . CYS A 1 46 ? -4.438  3.607   -4.667  1.00 38.03 ? 46  CYS A CA  1 
ATOM   212 C C   . CYS A 1 46 ? -5.083  4.772   -3.932  1.00 38.31 ? 46  CYS A C   1 
ATOM   213 O O   . CYS A 1 46 ? -6.237  5.149   -4.117  1.00 37.43 ? 46  CYS A O   1 
ATOM   214 C CB  . CYS A 1 46 ? -4.460  3.900   -6.182  1.00 35.31 ? 46  CYS A CB  1 
ATOM   215 S SG  . CYS A 1 46 ? -3.483  5.397   -6.489  1.00 32.40 ? 46  CYS A SG  1 
ATOM   216 N N   . LYS A 1 47 ? -4.246  5.409   -3.123  1.00 39.10 ? 47  LYS A N   1 
ATOM   217 C CA  . LYS A 1 47 ? -4.596  6.598   -2.361  1.00 39.97 ? 47  LYS A CA  1 
ATOM   218 C C   . LYS A 1 47 ? -4.619  7.814   -3.277  1.00 38.41 ? 47  LYS A C   1 
ATOM   219 O O   . LYS A 1 47 ? -5.593  8.545   -3.311  1.00 37.43 ? 47  LYS A O   1 
ATOM   220 C CB  . LYS A 1 47 ? -3.575  6.775   -1.242  1.00 42.64 ? 47  LYS A CB  1 
ATOM   221 C CG  . LYS A 1 47 ? -3.519  8.114   -0.528  1.00 45.11 ? 47  LYS A CG  1 
ATOM   222 C CD  . LYS A 1 47 ? -4.303  8.076   0.783   1.00 47.27 ? 47  LYS A CD  1 
ATOM   223 C CE  . LYS A 1 47 ? -3.793  9.130   1.756   1.00 48.45 ? 47  LYS A CE  1 
ATOM   224 N NZ  . LYS A 1 47 ? -4.798  9.389   2.825   1.00 49.28 ? 47  LYS A NZ  1 
ATOM   225 N N   . SER A 1 48 ? -3.580  7.970   -4.087  1.00 37.81 ? 48  SER A N   1 
ATOM   226 C CA  . SER A 1 48 ? -3.383  9.127   -4.950  1.00 37.36 ? 48  SER A CA  1 
ATOM   227 C C   . SER A 1 48 ? -3.212  8.890   -6.451  1.00 37.64 ? 48  SER A C   1 
ATOM   228 O O   . SER A 1 48 ? -2.195  8.472   -7.027  1.00 35.81 ? 48  SER A O   1 
ATOM   229 C CB  . SER A 1 48 ? -2.096  9.735   -4.375  1.00 38.20 ? 48  SER A CB  1 
ATOM   230 O OG  . SER A 1 48 ? -2.149  11.120  -4.253  1.00 39.14 ? 48  SER A OG  1 
ATOM   231 N N   . CYS A 1 49 ? -4.272  9.194   -7.187  1.00 36.86 ? 49  CYS A N   1 
ATOM   232 C CA  . CYS A 1 49 ? -4.404  9.051   -8.607  1.00 37.82 ? 49  CYS A CA  1 
ATOM   233 C C   . CYS A 1 49 ? -4.334  10.355  -9.398  1.00 39.19 ? 49  CYS A C   1 
ATOM   234 O O   . CYS A 1 49 ? -5.105  11.300  -9.233  1.00 38.51 ? 49  CYS A O   1 
ATOM   235 C CB  . CYS A 1 49 ? -5.735  8.316   -8.860  1.00 36.03 ? 49  CYS A CB  1 
ATOM   236 S SG  . CYS A 1 49 ? -5.878  7.441   -10.417 1.00 35.13 ? 49  CYS A SG  1 
ATOM   237 N N   . LEU A 1 50 ? -3.450  10.372  -10.398 1.00 40.93 ? 50  LEU A N   1 
ATOM   238 C CA  . LEU A 1 50 ? -3.301  11.499  -11.310 1.00 42.28 ? 50  LEU A CA  1 
ATOM   239 C C   . LEU A 1 50 ? -3.791  11.043  -12.685 1.00 42.44 ? 50  LEU A C   1 
ATOM   240 O O   . LEU A 1 50 ? -3.289  10.078  -13.245 1.00 41.37 ? 50  LEU A O   1 
ATOM   241 C CB  . LEU A 1 50 ? -1.882  12.055  -11.374 1.00 42.83 ? 50  LEU A CB  1 
ATOM   242 C CG  . LEU A 1 50 ? -1.611  13.332  -12.164 1.00 44.29 ? 50  LEU A CG  1 
ATOM   243 C CD1 . LEU A 1 50 ? -0.439  14.138  -11.601 1.00 45.25 ? 50  LEU A CD1 1 
ATOM   244 C CD2 . LEU A 1 50 ? -1.262  13.051  -13.614 1.00 45.25 ? 50  LEU A CD2 1 
ATOM   245 N N   . CYS A 1 51 ? -4.804  11.734  -13.204 1.00 43.73 ? 51  CYS A N   1 
ATOM   246 C CA  . CYS A 1 51 ? -5.337  11.460  -14.531 1.00 43.59 ? 51  CYS A CA  1 
ATOM   247 C C   . CYS A 1 51 ? -5.055  12.643  -15.447 1.00 45.43 ? 51  CYS A C   1 
ATOM   248 O O   . CYS A 1 51 ? -5.162  13.780  -14.984 1.00 45.47 ? 51  CYS A O   1 
ATOM   249 C CB  . CYS A 1 51 ? -6.845  11.240  -14.509 1.00 41.41 ? 51  CYS A CB  1 
ATOM   250 S SG  . CYS A 1 51 ? -7.244  9.687   -13.701 1.00 40.92 ? 51  CYS A SG  1 
ATOM   251 N N   . THR A 1 52 ? -4.631  12.355  -16.666 1.00 47.65 ? 52  THR A N   1 
ATOM   252 C CA  . THR A 1 52 ? -4.375  13.418  -17.626 1.00 49.70 ? 52  THR A CA  1 
ATOM   253 C C   . THR A 1 52 ? -5.267  13.151  -18.838 1.00 51.37 ? 52  THR A C   1 
ATOM   254 O O   . THR A 1 52 ? -5.355  12.018  -19.320 1.00 50.75 ? 52  THR A O   1 
ATOM   255 C CB  . THR A 1 52 ? -2.931  13.548  -18.116 1.00 50.07 ? 52  THR A CB  1 
ATOM   256 O OG1 . THR A 1 52 ? -2.008  13.366  -17.038 1.00 51.04 ? 52  THR A OG1 1 
ATOM   257 C CG2 . THR A 1 52 ? -2.692  14.952  -18.664 1.00 50.33 ? 52  THR A CG2 1 
ATOM   258 N N   . PHE A 1 53 ? -5.918  14.215  -19.282 1.00 53.77 ? 53  PHE A N   1 
ATOM   259 C CA  . PHE A 1 53 ? -6.776  14.101  -20.469 1.00 56.75 ? 53  PHE A CA  1 
ATOM   260 C C   . PHE A 1 53 ? -5.942  14.364  -21.719 1.00 57.74 ? 53  PHE A C   1 
ATOM   261 O O   . PHE A 1 53 ? -5.952  15.436  -22.302 1.00 58.59 ? 53  PHE A O   1 
ATOM   262 C CB  . PHE A 1 53 ? -7.959  15.034  -20.296 1.00 56.68 ? 53  PHE A CB  1 
ATOM   263 N N   . SER A 1 54 ? -5.186  13.368  -22.136 1.00 58.70 ? 54  SER A N   1 
ATOM   264 C CA  . SER A 1 54 ? -4.250  13.365  -23.231 1.00 58.95 ? 54  SER A CA  1 
ATOM   265 C C   . SER A 1 54 ? -4.772  12.660  -24.474 1.00 59.32 ? 54  SER A C   1 
ATOM   266 O O   . SER A 1 54 ? -5.874  12.083  -24.423 1.00 59.31 ? 54  SER A O   1 
ATOM   267 C CB  . SER A 1 54 ? -2.955  12.737  -22.727 1.00 59.03 ? 54  SER A CB  1 
ATOM   268 N N   . GLY A 1 57 ? -5.914  9.305   -22.984 1.00 48.40 ? 57  GLY A N   1 
ATOM   269 C CA  . GLY A 1 57 ? -6.264  8.984   -21.598 1.00 48.23 ? 57  GLY A CA  1 
ATOM   270 C C   . GLY A 1 57 ? -5.068  8.389   -20.850 1.00 47.44 ? 57  GLY A C   1 
ATOM   271 O O   . GLY A 1 57 ? -4.324  7.581   -21.414 1.00 47.22 ? 57  GLY A O   1 
ATOM   272 N N   . SER A 1 58 ? -4.821  8.846   -19.624 1.00 46.27 ? 58  SER A N   1 
ATOM   273 C CA  . SER A 1 58 ? -3.702  8.342   -18.847 1.00 45.32 ? 58  SER A CA  1 
ATOM   274 C C   . SER A 1 58 ? -3.889  8.519   -17.347 1.00 43.74 ? 58  SER A C   1 
ATOM   275 O O   . SER A 1 58 ? -3.754  9.635   -16.839 1.00 44.34 ? 58  SER A O   1 
ATOM   276 C CB  . SER A 1 58 ? -2.399  8.990   -19.307 1.00 46.89 ? 58  SER A CB  1 
ATOM   277 O OG  . SER A 1 58 ? -1.827  8.334   -20.438 1.00 48.96 ? 58  SER A OG  1 
ATOM   278 N N   . CYS A 1 59 ? -4.247  7.463   -16.620 1.00 41.07 ? 59  CYS A N   1 
ATOM   279 C CA  . CYS A 1 59 ? -4.318  7.562   -15.162 1.00 40.47 ? 59  CYS A CA  1 
ATOM   280 C C   . CYS A 1 59 ? -3.220  6.702   -14.521 1.00 39.90 ? 59  CYS A C   1 
ATOM   281 O O   . CYS A 1 59 ? -2.863  5.619   -14.994 1.00 39.04 ? 59  CYS A O   1 
ATOM   282 C CB  . CYS A 1 59 ? -5.662  7.232   -14.540 1.00 39.95 ? 59  CYS A CB  1 
ATOM   283 S SG  . CYS A 1 59 ? -7.010  8.278   -15.126 1.00 38.48 ? 59  CYS A SG  1 
ATOM   284 N N   . ARG A 1 60 ? -2.616  7.264   -13.485 1.00 39.34 ? 60  ARG A N   1 
ATOM   285 C CA  . ARG A 1 60 ? -1.508  6.600   -12.798 1.00 39.70 ? 60  ARG A CA  1 
ATOM   286 C C   . ARG A 1 60 ? -1.470  6.902   -11.312 1.00 38.38 ? 60  ARG A C   1 
ATOM   287 O O   . ARG A 1 60 ? -1.951  7.942   -10.826 1.00 36.65 ? 60  ARG A O   1 
ATOM   288 C CB  . ARG A 1 60 ? -0.238  6.928   -13.560 1.00 42.49 ? 60  ARG A CB  1 
ATOM   289 C CG  . ARG A 1 60 ? 1.082   6.906   -12.828 1.00 45.41 ? 60  ARG A CG  1 
ATOM   290 C CD  . ARG A 1 60 ? 1.527   8.375   -12.700 1.00 48.85 ? 60  ARG A CD  1 
ATOM   291 N NE  . ARG A 1 60 ? 2.946   8.538   -12.973 1.00 50.97 ? 60  ARG A NE  1 
ATOM   292 C CZ  . ARG A 1 60 ? 3.926   7.938   -12.295 1.00 52.72 ? 60  ARG A CZ  1 
ATOM   293 N NH1 . ARG A 1 60 ? 3.712   7.108   -11.278 1.00 52.72 ? 60  ARG A NH1 1 
ATOM   294 N NH2 . ARG A 1 60 ? 5.172   8.203   -12.689 1.00 54.05 ? 60  ARG A NH2 1 
ATOM   295 N N   . CYS A 1 61 ? -1.044  5.869   -10.557 1.00 35.98 ? 61  CYS A N   1 
ATOM   296 C CA  . CYS A 1 61 ? -1.013  5.979   -9.100  1.00 33.37 ? 61  CYS A CA  1 
ATOM   297 C C   . CYS A 1 61 ? 0.296   6.609   -8.659  1.00 33.38 ? 61  CYS A C   1 
ATOM   298 O O   . CYS A 1 61 ? 1.366   6.151   -9.028  1.00 34.11 ? 61  CYS A O   1 
ATOM   299 C CB  . CYS A 1 61 ? -1.283  4.625   -8.444  1.00 32.20 ? 61  CYS A CB  1 
ATOM   300 S SG  . CYS A 1 61 ? -1.589  4.646   -6.657  1.00 29.96 ? 61  CYS A SG  1 
ATOM   301 N N   . LEU A 1 62 ? 0.230   7.699   -7.915  1.00 34.46 ? 62  LEU A N   1 
ATOM   302 C CA  . LEU A 1 62 ? 1.373   8.418   -7.371  1.00 34.46 ? 62  LEU A CA  1 
ATOM   303 C C   . LEU A 1 62 ? 1.857   7.871   -6.036  1.00 35.16 ? 62  LEU A C   1 
ATOM   304 O O   . LEU A 1 62 ? 2.942   8.246   -5.595  1.00 35.80 ? 62  LEU A O   1 
ATOM   305 C CB  . LEU A 1 62 ? 0.983   9.876   -7.204  1.00 34.58 ? 62  LEU A CB  1 
ATOM   306 C CG  . LEU A 1 62 ? 1.129   10.872  -8.352  1.00 36.23 ? 62  LEU A CG  1 
ATOM   307 C CD1 . LEU A 1 62 ? 1.280   10.263  -9.742  1.00 36.24 ? 62  LEU A CD1 1 
ATOM   308 C CD2 . LEU A 1 62 ? -0.043  11.852  -8.323  1.00 36.22 ? 62  LEU A CD2 1 
ATOM   309 N N   . ASP A 1 63 ? 1.114   6.989   -5.361  1.00 35.28 ? 63  ASP A N   1 
ATOM   310 C CA  . ASP A 1 63 ? 1.569   6.449   -4.094  1.00 34.60 ? 63  ASP A CA  1 
ATOM   311 C C   . ASP A 1 63 ? 3.010   5.941   -4.151  1.00 34.59 ? 63  ASP A C   1 
ATOM   312 O O   . ASP A 1 63 ? 3.392   5.214   -5.069  1.00 35.02 ? 63  ASP A O   1 
ATOM   313 C CB  . ASP A 1 63 ? 0.728   5.263   -3.634  1.00 35.02 ? 63  ASP A CB  1 
ATOM   314 C CG  . ASP A 1 63 ? -0.741  5.537   -3.419  1.00 35.99 ? 63  ASP A CG  1 
ATOM   315 O OD1 . ASP A 1 63 ? -1.172  6.708   -3.569  1.00 35.96 ? 63  ASP A OD1 1 
ATOM   316 O OD2 . ASP A 1 63 ? -1.440  4.531   -3.131  1.00 34.95 ? 63  ASP A OD2 1 
ATOM   317 N N   . ILE A 1 64 ? 3.785   6.228   -3.112  1.00 34.60 ? 64  ILE A N   1 
ATOM   318 C CA  . ILE A 1 64 ? 5.121   5.687   -2.941  1.00 34.99 ? 64  ILE A CA  1 
ATOM   319 C C   . ILE A 1 64 ? 5.104   4.781   -1.712  1.00 35.08 ? 64  ILE A C   1 
ATOM   320 O O   . ILE A 1 64 ? 4.616   5.178   -0.649  1.00 36.54 ? 64  ILE A O   1 
ATOM   321 C CB  . ILE A 1 64 ? 6.207   6.741   -2.779  1.00 36.01 ? 64  ILE A CB  1 
ATOM   322 C CG1 . ILE A 1 64 ? 6.348   7.555   -4.086  1.00 36.57 ? 64  ILE A CG1 1 
ATOM   323 C CG2 . ILE A 1 64 ? 7.563   6.143   -2.446  1.00 36.17 ? 64  ILE A CG2 1 
ATOM   324 C CD1 . ILE A 1 64 ? 6.650   8.994   -3.674  1.00 38.62 ? 64  ILE A CD1 1 
ATOM   325 N N   . ALA A 1 65 ? 5.592   3.563   -1.877  1.00 33.44 ? 65  ALA A N   1 
ATOM   326 C CA  . ALA A 1 65 ? 5.645   2.620   -0.765  1.00 31.84 ? 65  ALA A CA  1 
ATOM   327 C C   . ALA A 1 65 ? 7.011   1.934   -0.731  1.00 31.18 ? 65  ALA A C   1 
ATOM   328 O O   . ALA A 1 65 ? 7.885   2.214   -1.547  1.00 30.36 ? 65  ALA A O   1 
ATOM   329 C CB  . ALA A 1 65 ? 4.473   1.663   -0.879  1.00 29.88 ? 65  ALA A CB  1 
ATOM   330 N N   . ASN A 1 66 ? 7.235   1.041   0.229   1.00 30.60 ? 66  ASN A N   1 
ATOM   331 C CA  . ASN A 1 66 ? 8.485   0.328   0.351   1.00 31.71 ? 66  ASN A CA  1 
ATOM   332 C C   . ASN A 1 66 ? 8.462   -0.994  -0.391  1.00 32.63 ? 66  ASN A C   1 
ATOM   333 O O   . ASN A 1 66 ? 9.440   -1.721  -0.295  1.00 33.80 ? 66  ASN A O   1 
ATOM   334 C CB  . ASN A 1 66 ? 8.853   0.045   1.814   1.00 30.89 ? 66  ASN A CB  1 
ATOM   335 C CG  . ASN A 1 66 ? 9.208   1.287   2.603   1.00 30.12 ? 66  ASN A CG  1 
ATOM   336 O OD1 . ASN A 1 66 ? 9.746   1.155   3.705   1.00 30.92 ? 66  ASN A OD1 1 
ATOM   337 N ND2 . ASN A 1 66 ? 8.921   2.473   2.101   1.00 27.57 ? 66  ASN A ND2 1 
ATOM   338 N N   . PHE A 1 67 ? 7.384   -1.333  -1.069  1.00 34.73 ? 67  PHE A N   1 
ATOM   339 C CA  . PHE A 1 67 ? 7.247   -2.637  -1.706  1.00 36.34 ? 67  PHE A CA  1 
ATOM   340 C C   . PHE A 1 67 ? 6.387   -2.531  -2.954  1.00 37.11 ? 67  PHE A C   1 
ATOM   341 O O   . PHE A 1 67 ? 5.731   -1.513  -3.169  1.00 38.17 ? 67  PHE A O   1 
ATOM   342 C CB  . PHE A 1 67 ? 6.578   -3.621  -0.712  1.00 35.75 ? 67  PHE A CB  1 
ATOM   343 C CG  . PHE A 1 67 ? 5.175   -3.153  -0.406  1.00 35.96 ? 67  PHE A CG  1 
ATOM   344 C CD1 . PHE A 1 67 ? 4.075   -3.613  -1.127  1.00 35.55 ? 67  PHE A CD1 1 
ATOM   345 C CD2 . PHE A 1 67 ? 4.979   -2.173  0.550   1.00 35.13 ? 67  PHE A CD2 1 
ATOM   346 C CE1 . PHE A 1 67 ? 2.802   -3.121  -0.854  1.00 35.32 ? 67  PHE A CE1 1 
ATOM   347 C CE2 . PHE A 1 67 ? 3.719   -1.686  0.828   1.00 35.39 ? 67  PHE A CE2 1 
ATOM   348 C CZ  . PHE A 1 67 ? 2.622   -2.160  0.126   1.00 34.90 ? 67  PHE A CZ  1 
ATOM   349 N N   . CYS A 1 68 ? 6.245   -3.630  -3.670  1.00 38.90 ? 68  CYS A N   1 
ATOM   350 C CA  . CYS A 1 68 ? 5.449   -3.716  -4.884  1.00 38.72 ? 68  CYS A CA  1 
ATOM   351 C C   . CYS A 1 68 ? 4.270   -4.667  -4.785  1.00 39.20 ? 68  CYS A C   1 
ATOM   352 O O   . CYS A 1 68 ? 4.387   -5.745  -4.210  1.00 39.21 ? 68  CYS A O   1 
ATOM   353 C CB  . CYS A 1 68 ? 6.352   -4.250  -6.010  1.00 38.78 ? 68  CYS A CB  1 
ATOM   354 S SG  . CYS A 1 68 ? 7.732   -3.163  -6.483  1.00 39.58 ? 68  CYS A SG  1 
ATOM   355 N N   . TYR A 1 69 ? 3.125   -4.352  -5.367  1.00 40.55 ? 69  TYR A N   1 
ATOM   356 C CA  . TYR A 1 69 ? 2.037   -5.324  -5.438  1.00 42.19 ? 69  TYR A CA  1 
ATOM   357 C C   . TYR A 1 69 ? 2.420   -6.368  -6.494  1.00 42.41 ? 69  TYR A C   1 
ATOM   358 O O   . TYR A 1 69 ? 3.354   -6.129  -7.260  1.00 41.15 ? 69  TYR A O   1 
ATOM   359 C CB  . TYR A 1 69 ? 0.691   -4.700  -5.799  1.00 42.65 ? 69  TYR A CB  1 
ATOM   360 C CG  . TYR A 1 69 ? 0.105   -3.948  -4.622  1.00 43.42 ? 69  TYR A CG  1 
ATOM   361 C CD1 . TYR A 1 69 ? -0.338  -4.632  -3.503  1.00 43.91 ? 69  TYR A CD1 1 
ATOM   362 C CD2 . TYR A 1 69 ? -0.010  -2.568  -4.631  1.00 44.03 ? 69  TYR A CD2 1 
ATOM   363 C CE1 . TYR A 1 69 ? -0.859  -3.962  -2.411  1.00 44.19 ? 69  TYR A CE1 1 
ATOM   364 C CE2 . TYR A 1 69 ? -0.543  -1.884  -3.552  1.00 44.22 ? 69  TYR A CE2 1 
ATOM   365 C CZ  . TYR A 1 69 ? -0.956  -2.588  -2.445  1.00 44.10 ? 69  TYR A CZ  1 
ATOM   366 O OH  . TYR A 1 69 ? -1.478  -1.922  -1.362  1.00 44.49 ? 69  TYR A OH  1 
ATOM   367 N N   . LYS A 1 70 ? 1.777   -7.527  -6.468  1.00 44.23 ? 70  LYS A N   1 
ATOM   368 C CA  . LYS A 1 70 ? 2.046   -8.558  -7.465  1.00 46.65 ? 70  LYS A CA  1 
ATOM   369 C C   . LYS A 1 70 ? 1.483   -8.092  -8.803  1.00 47.41 ? 70  LYS A C   1 
ATOM   370 O O   . LYS A 1 70 ? 0.552   -7.293  -8.818  1.00 47.95 ? 70  LYS A O   1 
ATOM   371 C CB  . LYS A 1 70 ? 1.436   -9.896  -7.068  1.00 47.79 ? 70  LYS A CB  1 
ATOM   372 C CG  . LYS A 1 70 ? -0.037  -9.861  -6.683  1.00 48.71 ? 70  LYS A CG  1 
ATOM   373 C CD  . LYS A 1 70 ? -0.525  -11.262 -6.340  1.00 49.67 ? 70  LYS A CD  1 
ATOM   374 C CE  . LYS A 1 70 ? -1.965  -11.264 -5.859  1.00 50.14 ? 70  LYS A CE  1 
ATOM   375 N NZ  . LYS A 1 70 ? -2.786  -10.315 -6.673  1.00 52.08 ? 70  LYS A NZ  1 
ATOM   376 N N   . PRO A 1 71 ? 2.047   -8.570  -9.900  1.00 47.94 ? 71  PRO A N   1 
ATOM   377 C CA  . PRO A 1 71 ? 1.600   -8.200  -11.223 1.00 48.46 ? 71  PRO A CA  1 
ATOM   378 C C   . PRO A 1 71 ? 0.114   -8.475  -11.403 1.00 47.98 ? 71  PRO A C   1 
ATOM   379 O O   . PRO A 1 71 ? -0.450  -9.369  -10.815 1.00 45.77 ? 71  PRO A O   1 
ATOM   380 C CB  . PRO A 1 71 ? 2.452   -8.988  -12.192 1.00 48.51 ? 71  PRO A CB  1 
ATOM   381 C CG  . PRO A 1 71 ? 3.238   -9.951  -11.391 1.00 48.44 ? 71  PRO A CG  1 
ATOM   382 C CD  . PRO A 1 71 ? 3.176   -9.517  -9.952  1.00 48.71 ? 71  PRO A CD  1 
ATOM   383 N N   . CYS A 1 72 ? -0.500  -7.645  -12.229 1.00 49.67 ? 72  CYS A N   1 
ATOM   384 C CA  . CYS A 1 72 ? -1.910  -7.690  -12.560 1.00 51.08 ? 72  CYS A CA  1 
ATOM   385 C C   . CYS A 1 72 ? -2.166  -8.836  -13.535 1.00 53.36 ? 72  CYS A C   1 
ATOM   386 O O   . CYS A 1 72 ? -3.243  -9.414  -13.521 1.00 54.74 ? 72  CYS A O   1 
ATOM   387 C CB  . CYS A 1 72 ? -2.385  -6.390  -13.215 1.00 48.26 ? 72  CYS A CB  1 
ATOM   388 S SG  . CYS A 1 72 ? -2.392  -4.960  -12.122 1.00 45.16 ? 72  CYS A SG  1 
ATOM   389 N N   . LYS A 1 73 ? -1.178  -9.086  -14.381 1.00 55.01 ? 73  LYS A N   1 
ATOM   390 C CA  . LYS A 1 73 ? -1.279  -10.184 -15.331 1.00 57.04 ? 73  LYS A CA  1 
ATOM   391 C C   . LYS A 1 73 ? -0.695  -11.464 -14.737 1.00 57.90 ? 73  LYS A C   1 
ATOM   392 O O   . LYS A 1 73 ? -1.160  -12.023 -13.744 1.00 57.84 ? 73  LYS A O   1 
ATOM   393 C CB  . LYS A 1 73 ? -0.562  -9.770  -16.615 1.00 57.95 ? 73  LYS A CB  1 
ATOM   394 C CG  . LYS A 1 73 ? 0.906   -9.402  -16.431 1.00 59.32 ? 73  LYS A CG  1 
ATOM   395 C CD  . LYS A 1 73 ? 1.650   -9.614  -17.744 1.00 60.47 ? 73  LYS A CD  1 
ATOM   396 C CE  . LYS A 1 73 ? 3.081   -9.122  -17.712 1.00 61.07 ? 73  LYS A CE  1 
ATOM   397 N NZ  . LYS A 1 73 ? 3.224   -7.679  -18.062 1.00 61.58 ? 73  LYS A NZ  1 
ATOM   398 N N   . PRO B 1 17 ? -9.440  -0.237  1.878   1.00 51.13 ? 17  PRO B N   1 
ATOM   399 C CA  . PRO B 1 17 ? -8.172  -0.115  2.594   1.00 50.75 ? 17  PRO B CA  1 
ATOM   400 C C   . PRO B 1 17 ? -8.281  0.996   3.630   1.00 50.07 ? 17  PRO B C   1 
ATOM   401 O O   . PRO B 1 17 ? -8.401  2.166   3.267   1.00 49.99 ? 17  PRO B O   1 
ATOM   402 C CB  . PRO B 1 17 ? -7.137  0.199   1.530   1.00 50.15 ? 17  PRO B CB  1 
ATOM   403 C CG  . PRO B 1 17 ? -7.868  0.138   0.244   1.00 50.07 ? 17  PRO B CG  1 
ATOM   404 C CD  . PRO B 1 17 ? -9.299  0.475   0.561   1.00 50.84 ? 17  PRO B CD  1 
ATOM   405 N N   . CYS B 1 18 ? -8.323  0.608   4.894   1.00 49.08 ? 18  CYS B N   1 
ATOM   406 C CA  . CYS B 1 18 ? -8.463  1.578   5.969   1.00 48.44 ? 18  CYS B CA  1 
ATOM   407 C C   . CYS B 1 18 ? -7.522  1.220   7.117   1.00 46.03 ? 18  CYS B C   1 
ATOM   408 O O   . CYS B 1 18 ? -7.063  0.079   7.191   1.00 45.77 ? 18  CYS B O   1 
ATOM   409 C CB  . CYS B 1 18 ? -9.913  1.666   6.442   1.00 50.12 ? 18  CYS B CB  1 
ATOM   410 S SG  . CYS B 1 18 ? -10.618 0.172   7.144   1.00 51.82 ? 18  CYS B SG  1 
ATOM   411 N N   . CYS B 1 19 ? -7.313  2.180   8.014   1.00 42.63 ? 19  CYS B N   1 
ATOM   412 C CA  . CYS B 1 19 ? -6.435  1.924   9.136   1.00 40.90 ? 19  CYS B CA  1 
ATOM   413 C C   . CYS B 1 19 ? -6.765  2.807   10.334  1.00 41.45 ? 19  CYS B C   1 
ATOM   414 O O   . CYS B 1 19 ? -6.553  4.030   10.272  1.00 41.64 ? 19  CYS B O   1 
ATOM   415 C CB  . CYS B 1 19 ? -4.947  2.139   8.778   1.00 37.65 ? 19  CYS B CB  1 
ATOM   416 S SG  . CYS B 1 19 ? -3.901  1.683   10.185  1.00 34.09 ? 19  CYS B SG  1 
ATOM   417 N N   . ASP B 1 20 ? -7.137  2.142   11.430  1.00 40.85 ? 20  ASP B N   1 
ATOM   418 C CA  . ASP B 1 20 ? -7.466  2.922   12.621  1.00 41.34 ? 20  ASP B CA  1 
ATOM   419 C C   . ASP B 1 20 ? -6.234  3.553   13.235  1.00 40.77 ? 20  ASP B C   1 
ATOM   420 O O   . ASP B 1 20 ? -6.381  4.638   13.802  1.00 41.04 ? 20  ASP B O   1 
ATOM   421 C CB  . ASP B 1 20 ? -8.268  2.114   13.638  1.00 42.17 ? 20  ASP B CB  1 
ATOM   422 C CG  . ASP B 1 20 ? -9.711  1.927   13.179  1.00 44.41 ? 20  ASP B CG  1 
ATOM   423 O OD1 . ASP B 1 20 ? -10.178 2.697   12.313  1.00 44.97 ? 20  ASP B OD1 1 
ATOM   424 O OD2 . ASP B 1 20 ? -10.431 1.014   13.654  1.00 45.19 ? 20  ASP B OD2 1 
ATOM   425 N N   . SER B 1 21 ? -5.101  2.866   13.245  1.00 39.98 ? 21  SER B N   1 
ATOM   426 C CA  . SER B 1 21 ? -3.901  3.342   13.904  1.00 39.41 ? 21  SER B CA  1 
ATOM   427 C C   . SER B 1 21 ? -2.682  3.239   12.983  1.00 38.49 ? 21  SER B C   1 
ATOM   428 O O   . SER B 1 21 ? -1.996  2.214   12.943  1.00 38.33 ? 21  SER B O   1 
ATOM   429 C CB  . SER B 1 21 ? -3.573  2.551   15.169  1.00 39.84 ? 21  SER B CB  1 
ATOM   430 O OG  . SER B 1 21 ? -4.752  2.322   15.925  1.00 42.75 ? 21  SER B OG  1 
ATOM   431 N N   . CYS B 1 22 ? -2.534  4.251   12.156  1.00 36.47 ? 22  CYS B N   1 
ATOM   432 C CA  . CYS B 1 22 ? -1.409  4.407   11.266  1.00 35.93 ? 22  CYS B CA  1 
ATOM   433 C C   . CYS B 1 22 ? -0.323  5.180   12.022  1.00 35.35 ? 22  CYS B C   1 
ATOM   434 O O   . CYS B 1 22 ? -0.566  6.291   12.476  1.00 34.34 ? 22  CYS B O   1 
ATOM   435 C CB  . CYS B 1 22 ? -1.828  5.152   9.989   1.00 35.41 ? 22  CYS B CB  1 
ATOM   436 S SG  . CYS B 1 22 ? -0.490  5.284   8.776   1.00 35.78 ? 22  CYS B SG  1 
ATOM   437 N N   . VAL B 1 23 ? 0.841   4.590   12.217  1.00 35.73 ? 23  VAL B N   1 
ATOM   438 C CA  . VAL B 1 23 ? 1.968   5.232   12.864  1.00 37.20 ? 23  VAL B CA  1 
ATOM   439 C C   . VAL B 1 23 ? 3.081   5.491   11.845  1.00 37.88 ? 23  VAL B C   1 
ATOM   440 O O   . VAL B 1 23 ? 3.503   4.552   11.171  1.00 37.88 ? 23  VAL B O   1 
ATOM   441 C CB  . VAL B 1 23 ? 2.551   4.388   14.020  1.00 37.05 ? 23  VAL B CB  1 
ATOM   442 C CG1 . VAL B 1 23 ? 3.685   5.149   14.693  1.00 35.88 ? 23  VAL B CG1 1 
ATOM   443 C CG2 . VAL B 1 23 ? 1.486   3.997   15.039  1.00 36.26 ? 23  VAL B CG2 1 
ATOM   444 N N   . CYS B 1 24 ? 3.546   6.724   11.743  1.00 37.95 ? 24  CYS B N   1 
ATOM   445 C CA  . CYS B 1 24 ? 4.609   7.088   10.833  1.00 39.03 ? 24  CYS B CA  1 
ATOM   446 C C   . CYS B 1 24 ? 5.843   7.554   11.631  1.00 42.65 ? 24  CYS B C   1 
ATOM   447 O O   . CYS B 1 24 ? 5.735   8.076   12.740  1.00 41.08 ? 24  CYS B O   1 
ATOM   448 C CB  . CYS B 1 24 ? 4.262   8.232   9.873   1.00 36.26 ? 24  CYS B CB  1 
ATOM   449 S SG  . CYS B 1 24 ? 2.782   8.129   8.866   1.00 33.72 ? 24  CYS B SG  1 
ATOM   450 N N   . THR B 1 25 ? 7.016   7.394   11.007  1.00 46.86 ? 25  THR B N   1 
ATOM   451 C CA  . THR B 1 25 ? 8.237   7.892   11.646  1.00 51.70 ? 25  THR B CA  1 
ATOM   452 C C   . THR B 1 25 ? 8.337   9.404   11.461  1.00 54.02 ? 25  THR B C   1 
ATOM   453 O O   . THR B 1 25 ? 7.703   9.935   10.545  1.00 54.01 ? 25  THR B O   1 
ATOM   454 C CB  . THR B 1 25 ? 9.483   7.228   11.049  1.00 52.46 ? 25  THR B CB  1 
ATOM   455 O OG1 . THR B 1 25 ? 9.537   7.586   9.651   1.00 54.08 ? 25  THR B OG1 1 
ATOM   456 C CG2 . THR B 1 25 ? 9.447   5.720   11.210  1.00 52.78 ? 25  THR B CG2 1 
ATOM   457 N N   . LYS B 1 26 ? 9.068   10.119  12.318  1.00 57.36 ? 26  LYS B N   1 
ATOM   458 C CA  . LYS B 1 26 ? 9.208   11.567  12.130  1.00 60.02 ? 26  LYS B CA  1 
ATOM   459 C C   . LYS B 1 26 ? 10.487  11.784  11.312  1.00 60.67 ? 26  LYS B C   1 
ATOM   460 O O   . LYS B 1 26 ? 11.568  11.988  11.870  1.00 61.84 ? 26  LYS B O   1 
ATOM   461 C CB  . LYS B 1 26 ? 9.267   12.412  13.400  1.00 61.07 ? 26  LYS B CB  1 
ATOM   462 C CG  . LYS B 1 26 ? 8.780   13.829  13.120  1.00 62.15 ? 26  LYS B CG  1 
ATOM   463 C CD  . LYS B 1 26 ? 8.767   14.775  14.296  1.00 63.46 ? 26  LYS B CD  1 
ATOM   464 C CE  . LYS B 1 26 ? 10.043  15.599  14.409  1.00 64.16 ? 26  LYS B CE  1 
ATOM   465 N NZ  . LYS B 1 26 ? 9.781   16.904  15.090  1.00 64.04 ? 26  LYS B NZ  1 
ATOM   466 N N   . SER B 1 27 ? 10.350  11.692  9.990   1.00 61.19 ? 27  SER B N   1 
ATOM   467 C CA  . SER B 1 27 ? 11.524  11.807  9.133   1.00 61.01 ? 27  SER B CA  1 
ATOM   468 C C   . SER B 1 27 ? 11.186  11.899  7.654   1.00 60.09 ? 27  SER B C   1 
ATOM   469 O O   . SER B 1 27 ? 10.034  12.000  7.241   1.00 59.29 ? 27  SER B O   1 
ATOM   470 C CB  . SER B 1 27 ? 12.379  10.546  9.376   1.00 60.68 ? 27  SER B CB  1 
ATOM   471 O OG  . SER B 1 27 ? 11.777  9.414   8.747   1.00 62.44 ? 27  SER B OG  1 
ATOM   472 N N   . ILE B 1 28 ? 12.237  11.843  6.837   1.00 58.50 ? 28  ILE B N   1 
ATOM   473 C CA  . ILE B 1 28 ? 12.111  11.875  5.382   1.00 57.28 ? 28  ILE B CA  1 
ATOM   474 C C   . ILE B 1 28 ? 12.876  10.719  4.737   1.00 54.61 ? 28  ILE B C   1 
ATOM   475 O O   . ILE B 1 28 ? 14.045  10.460  5.026   1.00 54.38 ? 28  ILE B O   1 
ATOM   476 C CB  . ILE B 1 28 ? 12.547  13.211  4.779   1.00 58.56 ? 28  ILE B CB  1 
ATOM   477 C CG1 . ILE B 1 28 ? 12.786  13.099  3.267   1.00 58.34 ? 28  ILE B CG1 1 
ATOM   478 C CG2 . ILE B 1 28 ? 13.765  13.782  5.491   1.00 58.43 ? 28  ILE B CG2 1 
ATOM   479 C CD1 . ILE B 1 28 ? 12.290  14.350  2.559   1.00 58.90 ? 28  ILE B CD1 1 
ATOM   480 N N   . PRO B 1 29 ? 12.164  9.995   3.878   1.00 51.26 ? 29  PRO B N   1 
ATOM   481 C CA  . PRO B 1 29 ? 10.752  10.216  3.622   1.00 48.11 ? 29  PRO B CA  1 
ATOM   482 C C   . PRO B 1 29 ? 9.954   9.629   4.776   1.00 44.07 ? 29  PRO B C   1 
ATOM   483 O O   . PRO B 1 29 ? 10.502  8.830   5.527   1.00 43.32 ? 29  PRO B O   1 
ATOM   484 C CB  . PRO B 1 29 ? 10.496  9.383   2.365   1.00 48.81 ? 29  PRO B CB  1 
ATOM   485 C CG  . PRO B 1 29 ? 11.393  8.200   2.560   1.00 49.73 ? 29  PRO B CG  1 
ATOM   486 C CD  . PRO B 1 29 ? 12.639  8.765   3.195   1.00 50.62 ? 29  PRO B CD  1 
ATOM   487 N N   . PRO B 1 30 ? 8.697   9.981   4.889   1.00 41.18 ? 30  PRO B N   1 
ATOM   488 C CA  . PRO B 1 30 ? 7.844   9.439   5.929   1.00 39.62 ? 30  PRO B CA  1 
ATOM   489 C C   . PRO B 1 30 ? 7.664   7.940   5.755   1.00 37.91 ? 30  PRO B C   1 
ATOM   490 O O   . PRO B 1 30 ? 7.479   7.406   4.662   1.00 36.69 ? 30  PRO B O   1 
ATOM   491 C CB  . PRO B 1 30 ? 6.534   10.201  5.782   1.00 39.94 ? 30  PRO B CB  1 
ATOM   492 C CG  . PRO B 1 30 ? 6.545   10.781  4.412   1.00 40.09 ? 30  PRO B CG  1 
ATOM   493 C CD  . PRO B 1 30 ? 7.978   10.902  3.981   1.00 40.32 ? 30  PRO B CD  1 
ATOM   494 N N   . GLN B 1 31 ? 7.770   7.206   6.858   1.00 36.85 ? 31  GLN B N   1 
ATOM   495 C CA  . GLN B 1 31 ? 7.590   5.756   6.863   1.00 36.13 ? 31  GLN B CA  1 
ATOM   496 C C   . GLN B 1 31 ? 6.408   5.439   7.771   1.00 36.30 ? 31  GLN B C   1 
ATOM   497 O O   . GLN B 1 31 ? 6.404   5.835   8.945   1.00 38.12 ? 31  GLN B O   1 
ATOM   498 C CB  . GLN B 1 31 ? 8.878   5.052   7.259   1.00 34.02 ? 31  GLN B CB  1 
ATOM   499 C CG  . GLN B 1 31 ? 9.995   5.255   6.236   1.00 32.20 ? 31  GLN B CG  1 
ATOM   500 C CD  . GLN B 1 31 ? 9.773   4.437   4.974   1.00 31.13 ? 31  GLN B CD  1 
ATOM   501 O OE1 . GLN B 1 31 ? 9.059   4.872   4.053   1.00 30.34 ? 31  GLN B OE1 1 
ATOM   502 N NE2 . GLN B 1 31 ? 10.365  3.255   4.962   1.00 28.86 ? 31  GLN B NE2 1 
ATOM   503 N N   . CYS B 1 32 ? 5.359   4.849   7.230   1.00 34.41 ? 32  CYS B N   1 
ATOM   504 C CA  . CYS B 1 32 ? 4.145   4.609   7.986   1.00 32.86 ? 32  CYS B CA  1 
ATOM   505 C C   . CYS B 1 32 ? 3.693   3.160   7.870   1.00 33.15 ? 32  CYS B C   1 
ATOM   506 O O   . CYS B 1 32 ? 3.764   2.595   6.780   1.00 31.90 ? 32  CYS B O   1 
ATOM   507 C CB  . CYS B 1 32 ? 3.002   5.481   7.438   1.00 31.36 ? 32  CYS B CB  1 
ATOM   508 S SG  . CYS B 1 32 ? 3.376   7.214   7.136   1.00 28.34 ? 32  CYS B SG  1 
ATOM   509 N N   . HIS B 1 33 ? 3.059   2.660   8.929   1.00 34.43 ? 33  HIS B N   1 
ATOM   510 C CA  . HIS B 1 33 ? 2.532   1.303   8.869   1.00 36.45 ? 33  HIS B CA  1 
ATOM   511 C C   . HIS B 1 33 ? 1.270   1.214   9.720   1.00 36.81 ? 33  HIS B C   1 
ATOM   512 O O   . HIS B 1 33 ? 1.011   2.074   10.571  1.00 37.16 ? 33  HIS B O   1 
ATOM   513 C CB  . HIS B 1 33 ? 3.560   0.260   9.321   1.00 37.67 ? 33  HIS B CB  1 
ATOM   514 C CG  . HIS B 1 33 ? 3.953   0.479   10.745  1.00 39.18 ? 33  HIS B CG  1 
ATOM   515 N ND1 . HIS B 1 33 ? 4.635   1.621   11.114  1.00 40.26 ? 33  HIS B ND1 1 
ATOM   516 C CD2 . HIS B 1 33 ? 3.764   -0.251  11.868  1.00 40.29 ? 33  HIS B CD2 1 
ATOM   517 C CE1 . HIS B 1 33 ? 4.849   1.587   12.425  1.00 41.37 ? 33  HIS B CE1 1 
ATOM   518 N NE2 . HIS B 1 33 ? 4.336   0.457   12.906  1.00 41.23 ? 33  HIS B NE2 1 
ATOM   519 N N   . CYS B 1 34 ? 0.439   0.234   9.365   1.00 35.10 ? 34  CYS B N   1 
ATOM   520 C CA  . CYS B 1 34 ? -0.789  0.054   10.128  1.00 34.22 ? 34  CYS B CA  1 
ATOM   521 C C   . CYS B 1 34 ? -0.599  -1.000  11.220  1.00 34.19 ? 34  CYS B C   1 
ATOM   522 O O   . CYS B 1 34 ? -0.269  -2.155  10.976  1.00 33.28 ? 34  CYS B O   1 
ATOM   523 C CB  . CYS B 1 34 ? -1.915  -0.345  9.174   1.00 32.97 ? 34  CYS B CB  1 
ATOM   524 S SG  . CYS B 1 34 ? -3.545  -0.308  9.936   1.00 30.09 ? 34  CYS B SG  1 
ATOM   525 N N   . THR B 1 35 ? -0.910  -0.628  12.451  1.00 34.95 ? 35  THR B N   1 
ATOM   526 C CA  . THR B 1 35 ? -0.786  -1.510  13.592  1.00 35.49 ? 35  THR B CA  1 
ATOM   527 C C   . THR B 1 35 ? -2.110  -2.177  13.926  1.00 34.98 ? 35  THR B C   1 
ATOM   528 O O   . THR B 1 35 ? -2.118  -2.908  14.907  1.00 35.00 ? 35  THR B O   1 
ATOM   529 C CB  . THR B 1 35 ? -0.300  -0.790  14.869  1.00 35.82 ? 35  THR B CB  1 
ATOM   530 O OG1 . THR B 1 35 ? -1.395  -0.040  15.406  1.00 36.70 ? 35  THR B OG1 1 
ATOM   531 C CG2 . THR B 1 35 ? 0.833   0.169   14.567  1.00 35.91 ? 35  THR B CG2 1 
ATOM   532 N N   . ASN B 1 36 ? -3.177  -1.945  13.178  1.00 35.27 ? 36  ASN B N   1 
ATOM   533 C CA  . ASN B 1 36 ? -4.437  -2.585  13.497  1.00 35.87 ? 36  ASN B CA  1 
ATOM   534 C C   . ASN B 1 36 ? -4.274  -4.101  13.604  1.00 37.53 ? 36  ASN B C   1 
ATOM   535 O O   . ASN B 1 36 ? -3.531  -4.727  12.849  1.00 37.99 ? 36  ASN B O   1 
ATOM   536 C CB  . ASN B 1 36 ? -5.516  -2.306  12.454  1.00 35.91 ? 36  ASN B CB  1 
ATOM   537 C CG  . ASN B 1 36 ? -5.899  -0.853  12.319  1.00 35.23 ? 36  ASN B CG  1 
ATOM   538 O OD1 . ASN B 1 36 ? -6.646  -0.458  11.432  1.00 34.34 ? 36  ASN B OD1 1 
ATOM   539 N ND2 . ASN B 1 36 ? -5.344  -0.014  13.175  1.00 36.16 ? 36  ASN B ND2 1 
ATOM   540 N N   . ILE B 1 37 ? -4.982  -4.681  14.565  1.00 37.93 ? 37  ILE B N   1 
ATOM   541 C CA  . ILE B 1 37 ? -5.066  -6.126  14.663  1.00 38.55 ? 37  ILE B CA  1 
ATOM   542 C C   . ILE B 1 37 ? -6.394  -6.570  14.046  1.00 39.12 ? 37  ILE B C   1 
ATOM   543 O O   . ILE B 1 37 ? -7.447  -6.144  14.527  1.00 38.94 ? 37  ILE B O   1 
ATOM   544 C CB  . ILE B 1 37 ? -4.950  -6.657  16.089  1.00 38.93 ? 37  ILE B CB  1 
ATOM   545 C CG1 . ILE B 1 37 ? -3.541  -6.411  16.646  1.00 39.78 ? 37  ILE B CG1 1 
ATOM   546 C CG2 . ILE B 1 37 ? -5.281  -8.142  16.144  1.00 39.22 ? 37  ILE B CG2 1 
ATOM   547 C CD1 . ILE B 1 37 ? -2.414  -6.881  15.738  1.00 40.22 ? 37  ILE B CD1 1 
ATOM   548 N N   . ARG B 1 38 ? -6.312  -7.357  12.979  1.00 38.82 ? 38  ARG B N   1 
ATOM   549 C CA  . ARG B 1 38 ? -7.513  -7.915  12.378  1.00 40.34 ? 38  ARG B CA  1 
ATOM   550 C C   . ARG B 1 38 ? -7.650  -9.376  12.765  1.00 41.56 ? 38  ARG B C   1 
ATOM   551 O O   . ARG B 1 38 ? -6.632  -10.042 13.002  1.00 42.96 ? 38  ARG B O   1 
ATOM   552 C CB  . ARG B 1 38 ? -7.509  -7.713  10.863  1.00 41.03 ? 38  ARG B CB  1 
ATOM   553 C CG  . ARG B 1 38 ? -8.049  -6.342  10.485  1.00 41.74 ? 38  ARG B CG  1 
ATOM   554 C CD  . ARG B 1 38 ? -7.570  -5.884  9.113   1.00 42.73 ? 38  ARG B CD  1 
ATOM   555 N NE  . ARG B 1 38 ? -8.051  -4.533  8.842   1.00 43.61 ? 38  ARG B NE  1 
ATOM   556 C CZ  . ARG B 1 38 ? -9.312  -4.219  8.549   1.00 44.11 ? 38  ARG B CZ  1 
ATOM   557 N NH1 . ARG B 1 38 ? -10.250 -5.145  8.428   1.00 43.32 ? 38  ARG B NH1 1 
ATOM   558 N NH2 . ARG B 1 38 ? -9.602  -2.941  8.328   1.00 44.37 ? 38  ARG B NH2 1 
ATOM   559 N N   . LEU B 1 39 ? -8.861  -9.883  12.958  1.00 42.64 ? 39  LEU B N   1 
ATOM   560 C CA  . LEU B 1 39 ? -9.001  -11.278 13.376  1.00 43.59 ? 39  LEU B CA  1 
ATOM   561 C C   . LEU B 1 39 ? -8.917  -12.181 12.156  1.00 45.52 ? 39  LEU B C   1 
ATOM   562 O O   . LEU B 1 39 ? -9.548  -11.901 11.141  1.00 44.90 ? 39  LEU B O   1 
ATOM   563 C CB  . LEU B 1 39 ? -10.287 -11.549 14.151  1.00 42.85 ? 39  LEU B CB  1 
ATOM   564 C CG  . LEU B 1 39 ? -10.537 -10.703 15.409  1.00 42.25 ? 39  LEU B CG  1 
ATOM   565 C CD1 . LEU B 1 39 ? -11.644 -11.294 16.260  1.00 41.65 ? 39  LEU B CD1 1 
ATOM   566 C CD2 . LEU B 1 39 ? -9.271  -10.526 16.228  1.00 41.14 ? 39  LEU B CD2 1 
ATOM   567 N N   . ASN B 1 40 ? -8.067  -13.194 12.198  1.00 47.61 ? 40  ASN B N   1 
ATOM   568 C CA  . ASN B 1 40 ? -7.882  -14.212 11.213  1.00 49.38 ? 40  ASN B CA  1 
ATOM   569 C C   . ASN B 1 40 ? -7.295  -13.882 9.862   1.00 49.86 ? 40  ASN B C   1 
ATOM   570 O O   . ASN B 1 40 ? -6.675  -14.793 9.282   1.00 50.48 ? 40  ASN B O   1 
ATOM   571 C CB  . ASN B 1 40 ? -9.211  -14.954 10.927  1.00 52.30 ? 40  ASN B CB  1 
ATOM   572 C CG  . ASN B 1 40 ? -9.297  -16.136 11.880  1.00 54.11 ? 40  ASN B CG  1 
ATOM   573 O OD1 . ASN B 1 40 ? -8.739  -17.199 11.611  1.00 54.70 ? 40  ASN B OD1 1 
ATOM   574 N ND2 . ASN B 1 40 ? -9.976  -15.868 12.994  1.00 54.80 ? 40  ASN B ND2 1 
ATOM   575 N N   . SER B 1 41 ? -7.354  -12.646 9.387   1.00 49.23 ? 41  SER B N   1 
ATOM   576 C CA  . SER B 1 41 ? -6.687  -12.312 8.143   1.00 48.33 ? 41  SER B CA  1 
ATOM   577 C C   . SER B 1 41 ? -6.577  -10.804 7.989   1.00 47.59 ? 41  SER B C   1 
ATOM   578 O O   . SER B 1 41 ? -7.359  -10.061 8.572   1.00 47.76 ? 41  SER B O   1 
ATOM   579 C CB  . SER B 1 41 ? -7.362  -12.955 6.939   1.00 48.88 ? 41  SER B CB  1 
ATOM   580 O OG  . SER B 1 41 ? -8.617  -12.388 6.636   1.00 49.14 ? 41  SER B OG  1 
ATOM   581 N N   . CYS B 1 42 ? -5.553  -10.389 7.259   1.00 46.30 ? 42  CYS B N   1 
ATOM   582 C CA  . CYS B 1 42 ? -5.331  -8.988  6.967   1.00 45.84 ? 42  CYS B CA  1 
ATOM   583 C C   . CYS B 1 42 ? -6.290  -8.496  5.883   1.00 47.49 ? 42  CYS B C   1 
ATOM   584 O O   . CYS B 1 42 ? -6.838  -9.329  5.161   1.00 47.92 ? 42  CYS B O   1 
ATOM   585 C CB  . CYS B 1 42 ? -3.894  -8.770  6.476   1.00 42.38 ? 42  CYS B CB  1 
ATOM   586 S SG  . CYS B 1 42 ? -2.708  -8.889  7.821   1.00 38.81 ? 42  CYS B SG  1 
ATOM   587 N N   . HIS B 1 43 ? -6.474  -7.187  5.789   1.00 49.28 ? 43  HIS B N   1 
ATOM   588 C CA  . HIS B 1 43 ? -7.323  -6.635  4.747   1.00 52.04 ? 43  HIS B CA  1 
ATOM   589 C C   . HIS B 1 43 ? -6.742  -6.941  3.358   1.00 53.38 ? 43  HIS B C   1 
ATOM   590 O O   . HIS B 1 43 ? -5.595  -7.343  3.145   1.00 53.78 ? 43  HIS B O   1 
ATOM   591 C CB  . HIS B 1 43 ? -7.446  -5.118  4.838   1.00 52.63 ? 43  HIS B CB  1 
ATOM   592 N N   . SER B 1 44 ? -7.587  -6.653  2.387   1.00 53.41 ? 44  SER B N   1 
ATOM   593 C CA  . SER B 1 44 ? -7.385  -6.823  0.974   1.00 52.85 ? 44  SER B CA  1 
ATOM   594 C C   . SER B 1 44 ? -6.183  -6.163  0.323   1.00 51.27 ? 44  SER B C   1 
ATOM   595 O O   . SER B 1 44 ? -5.542  -6.784  -0.541  1.00 51.18 ? 44  SER B O   1 
ATOM   596 C CB  . SER B 1 44 ? -8.662  -6.278  0.274   1.00 53.07 ? 44  SER B CB  1 
ATOM   597 O OG  . SER B 1 44 ? -8.992  -7.251  -0.713  1.00 53.90 ? 44  SER B OG  1 
ATOM   598 N N   . GLY B 1 45 ? -5.864  -4.938  0.709   1.00 49.66 ? 45  GLY B N   1 
ATOM   599 C CA  . GLY B 1 45 ? -4.761  -4.184  0.144   1.00 48.39 ? 45  GLY B CA  1 
ATOM   600 C C   . GLY B 1 45 ? -3.393  -4.480  0.747   1.00 46.74 ? 45  GLY B C   1 
ATOM   601 O O   . GLY B 1 45 ? -2.381  -3.879  0.365   1.00 47.44 ? 45  GLY B O   1 
ATOM   602 N N   . CYS B 1 46 ? -3.317  -5.403  1.693   1.00 43.92 ? 46  CYS B N   1 
ATOM   603 C CA  . CYS B 1 46 ? -2.089  -5.783  2.355   1.00 41.14 ? 46  CYS B CA  1 
ATOM   604 C C   . CYS B 1 46 ? -1.241  -6.800  1.590   1.00 40.56 ? 46  CYS B C   1 
ATOM   605 O O   . CYS B 1 46 ? -1.697  -7.897  1.286   1.00 39.62 ? 46  CYS B O   1 
ATOM   606 C CB  . CYS B 1 46 ? -2.413  -6.396  3.737   1.00 38.18 ? 46  CYS B CB  1 
ATOM   607 S SG  . CYS B 1 46 ? -0.917  -6.764  4.693   1.00 34.34 ? 46  CYS B SG  1 
ATOM   608 N N   . LYS B 1 47 ? 0.059   -6.533  1.470   1.00 40.29 ? 47  LYS B N   1 
ATOM   609 C CA  . LYS B 1 47 ? 0.924   -7.519  0.845   1.00 41.68 ? 47  LYS B CA  1 
ATOM   610 C C   . LYS B 1 47 ? 1.520   -8.499  1.858   1.00 41.38 ? 47  LYS B C   1 
ATOM   611 O O   . LYS B 1 47 ? 1.504   -9.695  1.574   1.00 41.18 ? 47  LYS B O   1 
ATOM   612 C CB  . LYS B 1 47 ? 2.041   -6.911  -0.015  1.00 41.68 ? 47  LYS B CB  1 
ATOM   613 C CG  . LYS B 1 47 ? 2.744   -8.029  -0.770  1.00 41.96 ? 47  LYS B CG  1 
ATOM   614 C CD  . LYS B 1 47 ? 3.723   -7.522  -1.798  1.00 42.62 ? 47  LYS B CD  1 
ATOM   615 C CE  . LYS B 1 47 ? 4.250   -8.694  -2.615  1.00 43.26 ? 47  LYS B CE  1 
ATOM   616 N NZ  . LYS B 1 47 ? 5.006   -8.216  -3.812  1.00 44.51 ? 47  LYS B NZ  1 
ATOM   617 N N   . SER B 1 48 ? 2.058   -8.035  2.973   1.00 41.47 ? 48  SER B N   1 
ATOM   618 C CA  . SER B 1 48 ? 2.620   -8.940  3.965   1.00 41.41 ? 48  SER B CA  1 
ATOM   619 C C   . SER B 1 48 ? 1.845   -8.870  5.274   1.00 40.41 ? 48  SER B C   1 
ATOM   620 O O   . SER B 1 48 ? 1.775   -7.816  5.898   1.00 39.73 ? 48  SER B O   1 
ATOM   621 C CB  . SER B 1 48 ? 4.091   -8.651  4.285   1.00 42.01 ? 48  SER B CB  1 
ATOM   622 O OG  . SER B 1 48 ? 4.780   -8.686  3.045   1.00 44.05 ? 48  SER B OG  1 
ATOM   623 N N   . CYS B 1 49 ? 1.296   -10.018 5.621   1.00 39.44 ? 49  CYS B N   1 
ATOM   624 C CA  . CYS B 1 49 ? 0.494   -10.213 6.801   1.00 38.97 ? 49  CYS B CA  1 
ATOM   625 C C   . CYS B 1 49 ? 1.145   -11.189 7.781   1.00 38.99 ? 49  CYS B C   1 
ATOM   626 O O   . CYS B 1 49 ? 1.529   -12.298 7.402   1.00 38.13 ? 49  CYS B O   1 
ATOM   627 C CB  . CYS B 1 49 ? -0.894  -10.759 6.397   1.00 37.86 ? 49  CYS B CB  1 
ATOM   628 S SG  . CYS B 1 49 ? -2.073  -10.819 7.796   1.00 37.11 ? 49  CYS B SG  1 
ATOM   629 N N   . LEU B 1 50 ? 1.180   -10.804 9.049   1.00 40.06 ? 50  LEU B N   1 
ATOM   630 C CA  . LEU B 1 50 ? 1.715   -11.665 10.103  1.00 41.88 ? 50  LEU B CA  1 
ATOM   631 C C   . LEU B 1 50 ? 0.579   -11.924 11.104  1.00 43.33 ? 50  LEU B C   1 
ATOM   632 O O   . LEU B 1 50 ? -0.010  -11.028 11.710  1.00 43.84 ? 50  LEU B O   1 
ATOM   633 C CB  . LEU B 1 50 ? 2.954   -11.101 10.763  1.00 41.84 ? 50  LEU B CB  1 
ATOM   634 C CG  . LEU B 1 50 ? 3.716   -11.906 11.808  1.00 43.53 ? 50  LEU B CG  1 
ATOM   635 C CD1 . LEU B 1 50 ? 5.138   -11.385 12.024  1.00 43.88 ? 50  LEU B CD1 1 
ATOM   636 C CD2 . LEU B 1 50 ? 3.038   -11.861 13.175  1.00 44.48 ? 50  LEU B CD2 1 
ATOM   637 N N   . CYS B 1 51 ? 0.205   -13.191 11.209  1.00 44.11 ? 51  CYS B N   1 
ATOM   638 C CA  . CYS B 1 51 ? -0.831  -13.633 12.109  1.00 45.44 ? 51  CYS B CA  1 
ATOM   639 C C   . CYS B 1 51 ? -0.233  -14.462 13.246  1.00 46.92 ? 51  CYS B C   1 
ATOM   640 O O   . CYS B 1 51 ? 0.514   -15.399 12.989  1.00 45.63 ? 51  CYS B O   1 
ATOM   641 C CB  . CYS B 1 51 ? -1.886  -14.491 11.407  1.00 43.85 ? 51  CYS B CB  1 
ATOM   642 S SG  . CYS B 1 51 ? -2.663  -13.651 10.023  1.00 43.24 ? 51  CYS B SG  1 
ATOM   643 N N   . THR B 1 52 ? -0.639  -14.081 14.452  1.00 49.46 ? 52  THR B N   1 
ATOM   644 C CA  . THR B 1 52 ? -0.163  -14.816 15.624  1.00 53.35 ? 52  THR B CA  1 
ATOM   645 C C   . THR B 1 52 ? -1.291  -15.712 16.124  1.00 55.51 ? 52  THR B C   1 
ATOM   646 O O   . THR B 1 52 ? -2.463  -15.365 16.169  1.00 54.60 ? 52  THR B O   1 
ATOM   647 C CB  . THR B 1 52 ? 0.438   -13.905 16.694  1.00 53.30 ? 52  THR B CB  1 
ATOM   648 O OG1 . THR B 1 52 ? 1.564   -13.211 16.113  1.00 53.95 ? 52  THR B OG1 1 
ATOM   649 C CG2 . THR B 1 52 ? 0.942   -14.719 17.870  1.00 53.57 ? 52  THR B CG2 1 
ATOM   650 N N   . PHE B 1 53 ? -0.881  -16.947 16.362  1.00 58.81 ? 53  PHE B N   1 
ATOM   651 C CA  . PHE B 1 53 ? -1.728  -18.070 16.713  1.00 62.81 ? 53  PHE B CA  1 
ATOM   652 C C   . PHE B 1 53 ? -2.633  -18.408 15.526  1.00 65.89 ? 53  PHE B C   1 
ATOM   653 O O   . PHE B 1 53 ? -2.486  -17.877 14.423  1.00 65.93 ? 53  PHE B O   1 
ATOM   654 C CB  . PHE B 1 53 ? -2.503  -17.814 17.990  1.00 62.37 ? 53  PHE B CB  1 
ATOM   655 N N   . SER B 1 54 ? -3.573  -19.316 15.739  1.00 68.07 ? 54  SER B N   1 
ATOM   656 C CA  . SER B 1 54 ? -4.520  -19.745 14.727  1.00 69.73 ? 54  SER B CA  1 
ATOM   657 C C   . SER B 1 54 ? -5.916  -19.311 15.187  1.00 70.43 ? 54  SER B C   1 
ATOM   658 O O   . SER B 1 54 ? -6.068  -18.815 16.306  1.00 72.23 ? 54  SER B O   1 
ATOM   659 C CB  . SER B 1 54 ? -4.507  -21.264 14.586  1.00 72.07 ? 54  SER B CB  1 
ATOM   660 O OG  . SER B 1 54 ? -5.040  -21.897 15.745  1.00 70.01 ? 54  SER B OG  1 
ATOM   661 N N   . ILE B 1 55 ? -6.942  -19.515 14.354  1.00 71.90 ? 55  ILE B N   1 
ATOM   662 C CA  . ILE B 1 55 ? -8.395  -19.248 14.472  1.00 71.49 ? 55  ILE B CA  1 
ATOM   663 C C   . ILE B 1 55 ? -9.107  -18.987 15.756  1.00 70.43 ? 55  ILE B C   1 
ATOM   664 O O   . ILE B 1 55 ? -9.646  -19.824 16.486  1.00 71.62 ? 55  ILE B O   1 
ATOM   665 C CB  . ILE B 1 55 ? -9.093  -20.392 13.765  1.00 71.16 ? 55  ILE B CB  1 
ATOM   666 N N   . PRO B 1 56 ? -9.465  -17.695 16.055  1.00 69.16 ? 56  PRO B N   1 
ATOM   667 C CA  . PRO B 1 56 ? -9.182  -16.331 15.734  1.00 67.61 ? 56  PRO B CA  1 
ATOM   668 C C   . PRO B 1 56 ? -7.728  -15.902 15.874  1.00 65.07 ? 56  PRO B C   1 
ATOM   669 O O   . PRO B 1 56 ? -7.278  -15.497 16.944  1.00 64.61 ? 56  PRO B O   1 
ATOM   670 C CB  . PRO B 1 56 ? -10.126 -15.397 16.482  1.00 67.96 ? 56  PRO B CB  1 
ATOM   671 C CG  . PRO B 1 56 ? -10.235 -16.106 17.786  1.00 68.78 ? 56  PRO B CG  1 
ATOM   672 C CD  . PRO B 1 56 ? -10.064 -17.539 17.402  1.00 69.58 ? 56  PRO B CD  1 
ATOM   673 N N   . GLY B 1 57 ? -6.977  -15.971 14.770  1.00 61.87 ? 57  GLY B N   1 
ATOM   674 C CA  . GLY B 1 57 ? -5.590  -15.508 14.775  1.00 57.72 ? 57  GLY B CA  1 
ATOM   675 C C   . GLY B 1 57 ? -5.577  -13.973 14.832  1.00 54.53 ? 57  GLY B C   1 
ATOM   676 O O   . GLY B 1 57 ? -6.579  -13.317 14.559  1.00 52.90 ? 57  GLY B O   1 
ATOM   677 N N   . SER B 1 58 ? -4.464  -13.420 15.289  1.00 51.48 ? 58  SER B N   1 
ATOM   678 C CA  . SER B 1 58 ? -4.243  -11.990 15.350  1.00 49.27 ? 58  SER B CA  1 
ATOM   679 C C   . SER B 1 58 ? -3.335  -11.551 14.208  1.00 46.41 ? 58  SER B C   1 
ATOM   680 O O   . SER B 1 58 ? -2.125  -11.689 14.279  1.00 45.77 ? 58  SER B O   1 
ATOM   681 C CB  . SER B 1 58 ? -3.608  -11.572 16.681  1.00 50.52 ? 58  SER B CB  1 
ATOM   682 O OG  . SER B 1 58 ? -4.523  -11.843 17.742  1.00 52.52 ? 58  SER B OG  1 
ATOM   683 N N   . CYS B 1 59 ? -3.912  -11.005 13.158  1.00 44.79 ? 59  CYS B N   1 
ATOM   684 C CA  . CYS B 1 59 ? -3.206  -10.566 11.967  1.00 42.77 ? 59  CYS B CA  1 
ATOM   685 C C   . CYS B 1 59 ? -2.899  -9.085  11.880  1.00 42.45 ? 59  CYS B C   1 
ATOM   686 O O   . CYS B 1 59 ? -3.703  -8.201  12.148  1.00 41.60 ? 59  CYS B O   1 
ATOM   687 C CB  . CYS B 1 59 ? -4.013  -11.006 10.734  1.00 41.69 ? 59  CYS B CB  1 
ATOM   688 S SG  . CYS B 1 59 ? -4.334  -12.791 10.804  1.00 39.68 ? 59  CYS B SG  1 
ATOM   689 N N   . ARG B 1 60 ? -1.658  -8.846  11.457  1.00 41.94 ? 60  ARG B N   1 
ATOM   690 C CA  . ARG B 1 60 ? -1.112  -7.495  11.347  1.00 41.39 ? 60  ARG B CA  1 
ATOM   691 C C   . ARG B 1 60 ? -0.475  -7.299  9.980   1.00 39.66 ? 60  ARG B C   1 
ATOM   692 O O   . ARG B 1 60 ? 0.193   -8.250  9.530   1.00 38.72 ? 60  ARG B O   1 
ATOM   693 C CB  . ARG B 1 60 ? 0.014   -7.363  12.373  1.00 42.60 ? 60  ARG B CB  1 
ATOM   694 C CG  . ARG B 1 60 ? 0.182   -6.013  13.021  1.00 44.32 ? 60  ARG B CG  1 
ATOM   695 C CD  . ARG B 1 60 ? 1.398   -6.109  13.965  1.00 46.16 ? 60  ARG B CD  1 
ATOM   696 N NE  . ARG B 1 60 ? 2.536   -5.497  13.288  1.00 46.80 ? 60  ARG B NE  1 
ATOM   697 C CZ  . ARG B 1 60 ? 3.763   -5.954  13.174  1.00 46.44 ? 60  ARG B CZ  1 
ATOM   698 N NH1 . ARG B 1 60 ? 4.093   -7.111  13.714  1.00 46.44 ? 60  ARG B NH1 1 
ATOM   699 N NH2 . ARG B 1 60 ? 4.643   -5.216  12.511  1.00 47.19 ? 60  ARG B NH2 1 
ATOM   700 N N   . CYS B 1 61 ? -0.729  -6.148  9.364   1.00 37.14 ? 61  CYS B N   1 
ATOM   701 C CA  . CYS B 1 61 ? -0.097  -5.917  8.060   1.00 35.66 ? 61  CYS B CA  1 
ATOM   702 C C   . CYS B 1 61 ? 1.300   -5.337  8.305   1.00 35.42 ? 61  CYS B C   1 
ATOM   703 O O   . CYS B 1 61 ? 1.420   -4.382  9.077   1.00 35.44 ? 61  CYS B O   1 
ATOM   704 C CB  . CYS B 1 61 ? -0.954  -5.026  7.185   1.00 35.04 ? 61  CYS B CB  1 
ATOM   705 S SG  . CYS B 1 61 ? -0.468  -4.884  5.446   1.00 33.68 ? 61  CYS B SG  1 
ATOM   706 N N   . LEU B 1 62 ? 2.337   -5.933  7.733   1.00 34.34 ? 62  LEU B N   1 
ATOM   707 C CA  . LEU B 1 62 ? 3.690   -5.426  7.884   1.00 35.85 ? 62  LEU B CA  1 
ATOM   708 C C   . LEU B 1 62 ? 4.015   -4.358  6.844   1.00 35.99 ? 62  LEU B C   1 
ATOM   709 O O   . LEU B 1 62 ? 4.958   -3.603  7.042   1.00 35.97 ? 62  LEU B O   1 
ATOM   710 C CB  . LEU B 1 62 ? 4.762   -6.528  7.809   1.00 36.06 ? 62  LEU B CB  1 
ATOM   711 C CG  . LEU B 1 62 ? 4.393   -7.807  8.587   1.00 37.99 ? 62  LEU B CG  1 
ATOM   712 C CD1 . LEU B 1 62 ? 5.266   -8.976  8.170   1.00 38.45 ? 62  LEU B CD1 1 
ATOM   713 C CD2 . LEU B 1 62 ? 4.470   -7.605  10.095  1.00 38.06 ? 62  LEU B CD2 1 
ATOM   714 N N   . ASP B 1 63 ? 3.265   -4.255  5.759   1.00 35.85 ? 63  ASP B N   1 
ATOM   715 C CA  . ASP B 1 63 ? 3.494   -3.256  4.735   1.00 36.59 ? 63  ASP B CA  1 
ATOM   716 C C   . ASP B 1 63 ? 3.908   -1.881  5.254   1.00 35.78 ? 63  ASP B C   1 
ATOM   717 O O   . ASP B 1 63 ? 3.277   -1.253  6.104   1.00 35.81 ? 63  ASP B O   1 
ATOM   718 C CB  . ASP B 1 63 ? 2.229   -3.121  3.873   1.00 37.04 ? 63  ASP B CB  1 
ATOM   719 C CG  . ASP B 1 63 ? 1.908   -4.353  3.060   1.00 38.40 ? 63  ASP B CG  1 
ATOM   720 O OD1 . ASP B 1 63 ? 2.673   -5.330  2.975   1.00 39.22 ? 63  ASP B OD1 1 
ATOM   721 O OD2 . ASP B 1 63 ? 0.811   -4.388  2.465   1.00 39.43 ? 63  ASP B OD2 1 
ATOM   722 N N   . ILE B 1 64 ? 4.992   -1.321  4.733   1.00 33.67 ? 64  ILE B N   1 
ATOM   723 C CA  . ILE B 1 64 ? 5.389   0.049   5.035   1.00 32.94 ? 64  ILE B CA  1 
ATOM   724 C C   . ILE B 1 64 ? 5.201   0.926   3.795   1.00 33.04 ? 64  ILE B C   1 
ATOM   725 O O   . ILE B 1 64 ? 5.582   0.613   2.647   1.00 31.64 ? 64  ILE B O   1 
ATOM   726 C CB  . ILE B 1 64 ? 6.827   0.126   5.550   1.00 34.03 ? 64  ILE B CB  1 
ATOM   727 C CG1 . ILE B 1 64 ? 7.008   -0.760  6.800   1.00 33.98 ? 64  ILE B CG1 1 
ATOM   728 C CG2 . ILE B 1 64 ? 7.229   1.556   5.880   1.00 33.16 ? 64  ILE B CG2 1 
ATOM   729 C CD1 . ILE B 1 64 ? 8.440   -1.225  6.991   1.00 33.64 ? 64  ILE B CD1 1 
ATOM   730 N N   . ALA B 1 65 ? 4.483   2.037   4.010   1.00 32.34 ? 65  ALA B N   1 
ATOM   731 C CA  . ALA B 1 65 ? 4.219   2.952   2.891   1.00 32.14 ? 65  ALA B CA  1 
ATOM   732 C C   . ALA B 1 65 ? 4.690   4.355   3.247   1.00 32.13 ? 65  ALA B C   1 
ATOM   733 O O   . ALA B 1 65 ? 5.080   4.608   4.388   1.00 30.31 ? 65  ALA B O   1 
ATOM   734 C CB  . ALA B 1 65 ? 2.757   2.916   2.500   1.00 29.76 ? 65  ALA B CB  1 
ATOM   735 N N   . ASN B 1 66 ? 4.589   5.280   2.276   1.00 33.00 ? 66  ASN B N   1 
ATOM   736 C CA  . ASN B 1 66 ? 5.021   6.651   2.561   1.00 33.41 ? 66  ASN B CA  1 
ATOM   737 C C   . ASN B 1 66 ? 3.877   7.486   3.102   1.00 34.74 ? 66  ASN B C   1 
ATOM   738 O O   . ASN B 1 66 ? 4.039   8.657   3.443   1.00 34.91 ? 66  ASN B O   1 
ATOM   739 C CB  . ASN B 1 66 ? 5.705   7.261   1.349   1.00 32.04 ? 66  ASN B CB  1 
ATOM   740 C CG  . ASN B 1 66 ? 7.145   6.826   1.164   1.00 32.21 ? 66  ASN B CG  1 
ATOM   741 O OD1 . ASN B 1 66 ? 7.907   7.494   0.453   1.00 32.55 ? 66  ASN B OD1 1 
ATOM   742 N ND2 . ASN B 1 66 ? 7.623   5.738   1.740   1.00 29.90 ? 66  ASN B ND2 1 
ATOM   743 N N   . PHE B 1 67 ? 2.722   6.846   3.281   1.00 35.82 ? 67  PHE B N   1 
ATOM   744 C CA  . PHE B 1 67 ? 1.491   7.487   3.707   1.00 36.13 ? 67  PHE B CA  1 
ATOM   745 C C   . PHE B 1 67 ? 0.591   6.505   4.456   1.00 35.88 ? 67  PHE B C   1 
ATOM   746 O O   . PHE B 1 67 ? 0.858   5.311   4.545   1.00 35.17 ? 67  PHE B O   1 
ATOM   747 C CB  . PHE B 1 67 ? 0.711   7.972   2.457   1.00 35.98 ? 67  PHE B CB  1 
ATOM   748 C CG  . PHE B 1 67 ? 0.420   6.798   1.559   1.00 36.04 ? 67  PHE B CG  1 
ATOM   749 C CD1 . PHE B 1 67 ? 1.371   6.342   0.668   1.00 35.82 ? 67  PHE B CD1 1 
ATOM   750 C CD2 . PHE B 1 67 ? -0.787  6.119   1.651   1.00 36.75 ? 67  PHE B CD2 1 
ATOM   751 C CE1 . PHE B 1 67 ? 1.125   5.242   -0.126  1.00 35.84 ? 67  PHE B CE1 1 
ATOM   752 C CE2 . PHE B 1 67 ? -1.032  4.997   0.885   1.00 36.46 ? 67  PHE B CE2 1 
ATOM   753 C CZ  . PHE B 1 67 ? -0.074  4.580   -0.008  1.00 36.23 ? 67  PHE B CZ  1 
ATOM   754 N N   . CYS B 1 68 ? -0.580  6.988   4.818   1.00 36.12 ? 68  CYS B N   1 
ATOM   755 C CA  . CYS B 1 68 ? -1.591  6.310   5.577   1.00 37.05 ? 68  CYS B CA  1 
ATOM   756 C C   . CYS B 1 68 ? -2.947  6.231   4.895   1.00 39.21 ? 68  CYS B C   1 
ATOM   757 O O   . CYS B 1 68 ? -3.406  7.225   4.339   1.00 39.36 ? 68  CYS B O   1 
ATOM   758 C CB  . CYS B 1 68 ? -1.883  7.109   6.863   1.00 35.66 ? 68  CYS B CB  1 
ATOM   759 S SG  . CYS B 1 68 ? -0.528  7.158   8.056   1.00 33.70 ? 68  CYS B SG  1 
ATOM   760 N N   . TYR B 1 69 ? -3.637  5.111   5.059   1.00 42.24 ? 69  TYR B N   1 
ATOM   761 C CA  . TYR B 1 69 ? -5.007  5.028   4.549   1.00 45.23 ? 69  TYR B CA  1 
ATOM   762 C C   . TYR B 1 69 ? -5.944  5.748   5.499   1.00 46.69 ? 69  TYR B C   1 
ATOM   763 O O   . TYR B 1 69 ? -5.578  5.899   6.663   1.00 45.99 ? 69  TYR B O   1 
ATOM   764 C CB  . TYR B 1 69 ? -5.395  3.547   4.407   1.00 46.17 ? 69  TYR B CB  1 
ATOM   765 C CG  . TYR B 1 69 ? -4.691  2.957   3.192   1.00 46.88 ? 69  TYR B CG  1 
ATOM   766 C CD1 . TYR B 1 69 ? -5.034  3.432   1.929   1.00 47.07 ? 69  TYR B CD1 1 
ATOM   767 C CD2 . TYR B 1 69 ? -3.713  1.983   3.291   1.00 46.74 ? 69  TYR B CD2 1 
ATOM   768 C CE1 . TYR B 1 69 ? -4.428  2.942   0.790   1.00 47.19 ? 69  TYR B CE1 1 
ATOM   769 C CE2 . TYR B 1 69 ? -3.105  1.484   2.152   1.00 47.25 ? 69  TYR B CE2 1 
ATOM   770 C CZ  . TYR B 1 69 ? -3.463  1.966   0.909   1.00 47.25 ? 69  TYR B CZ  1 
ATOM   771 O OH  . TYR B 1 69 ? -2.870  1.497   -0.232  1.00 47.14 ? 69  TYR B OH  1 
ATOM   772 N N   . LYS B 1 70 ? -7.109  6.201   5.052   1.00 49.61 ? 70  LYS B N   1 
ATOM   773 C CA  . LYS B 1 70 ? -8.071  6.824   5.965   1.00 52.19 ? 70  LYS B CA  1 
ATOM   774 C C   . LYS B 1 70 ? -8.524  5.787   6.996   1.00 53.36 ? 70  LYS B C   1 
ATOM   775 O O   . LYS B 1 70 ? -8.456  4.575   6.792   1.00 52.11 ? 70  LYS B O   1 
ATOM   776 C CB  . LYS B 1 70 ? -9.274  7.376   5.210   1.00 53.09 ? 70  LYS B CB  1 
ATOM   777 C CG  . LYS B 1 70 ? -9.083  8.752   4.581   1.00 53.93 ? 70  LYS B CG  1 
ATOM   778 C CD  . LYS B 1 70 ? -10.353 9.179   4.039   0.00 68.69 ? 70  LYS B CD  1 
ATOM   779 C CE  . LYS B 1 70 ? -10.086 10.353  3.089   0.00 74.52 ? 70  LYS B CE  1 
ATOM   780 N NZ  . LYS B 1 70 ? -11.355 10.899  2.611   0.00 74.39 ? 70  LYS B NZ  1 
ATOM   781 N N   . PRO B 1 71 ? -9.012  6.259   8.131   1.00 55.41 ? 71  PRO B N   1 
ATOM   782 C CA  . PRO B 1 71 ? -9.435  5.402   9.231   1.00 56.66 ? 71  PRO B CA  1 
ATOM   783 C C   . PRO B 1 71 ? -10.567 4.466   8.874   1.00 57.06 ? 71  PRO B C   1 
ATOM   784 O O   . PRO B 1 71 ? -11.347 4.716   7.956   1.00 57.03 ? 71  PRO B O   1 
ATOM   785 C CB  . PRO B 1 71 ? -9.814  6.368   10.342  1.00 57.03 ? 71  PRO B CB  1 
ATOM   786 C CG  . PRO B 1 71 ? -9.127  7.648   9.997   1.00 56.88 ? 71  PRO B CG  1 
ATOM   787 C CD  . PRO B 1 71 ? -9.139  7.697   8.484   1.00 56.28 ? 71  PRO B CD  1 
ATOM   788 N N   . CYS B 1 72 ? -10.678 3.346   9.589   1.00 57.97 ? 72  CYS B N   1 
ATOM   789 C CA  . CYS B 1 72 ? -11.736 2.377   9.291   1.00 58.91 ? 72  CYS B CA  1 
ATOM   790 C C   . CYS B 1 72 ? -13.113 2.934   9.613   1.00 61.31 ? 72  CYS B C   1 
ATOM   791 O O   . CYS B 1 72 ? -14.074 2.612   8.915   1.00 62.13 ? 72  CYS B O   1 
ATOM   792 C CB  . CYS B 1 72 ? -11.447 1.043   9.951   1.00 56.79 ? 72  CYS B CB  1 
ATOM   793 S SG  . CYS B 1 72 ? -10.129 0.141   9.103   1.00 54.23 ? 72  CYS B SG  1 
ATOM   794 N N   . LYS B 1 73 ? -13.203 3.807   10.607  1.00 63.37 ? 73  LYS B N   1 
ATOM   795 C CA  . LYS B 1 73 ? -14.408 4.559   10.878  1.00 65.76 ? 73  LYS B CA  1 
ATOM   796 C C   . LYS B 1 73 ? -14.902 5.200   9.580   1.00 66.36 ? 73  LYS B C   1 
ATOM   797 O O   . LYS B 1 73 ? -15.831 4.686   8.935   1.00 67.75 ? 73  LYS B O   1 
ATOM   798 C CB  . LYS B 1 73 ? -14.124 5.694   11.877  1.00 66.54 ? 73  LYS B CB  1 
ATOM   799 C CG  . LYS B 1 73 ? -13.005 6.628   11.419  1.00 67.52 ? 73  LYS B CG  1 
ATOM   800 C CD  . LYS B 1 73 ? -13.286 8.066   11.817  1.00 67.92 ? 73  LYS B CD  1 
ATOM   801 C CE  . LYS B 1 73 ? -12.013 8.864   12.042  1.00 68.19 ? 73  LYS B CE  1 
ATOM   802 N NZ  . LYS B 1 73 ? -11.566 8.808   13.466  1.00 68.65 ? 73  LYS B NZ  1 
HETATM 803 O O   . HOH C 2 .  ? 2.516   4.286   -7.309  1.00 26.57 ? 75  HOH A O   1 
HETATM 804 O O   . HOH C 2 .  ? -3.101  2.436   -10.588 1.00 41.21 ? 76  HOH A O   1 
HETATM 805 O O   . HOH C 2 .  ? 0.162   3.607   -11.662 1.00 34.06 ? 77  HOH A O   1 
HETATM 806 O O   . HOH C 2 .  ? 5.308   -6.058  -10.202 1.00 57.73 ? 78  HOH A O   1 
HETATM 807 O O   . HOH C 2 .  ? -8.202  4.809   -2.197  1.00 70.13 ? 79  HOH A O   1 
HETATM 808 O O   . HOH C 2 .  ? -12.269 1.253   -14.229 1.00 50.12 ? 80  HOH A O   1 
HETATM 809 O O   . HOH C 2 .  ? 4.630   8.081   -7.901  1.00 54.84 ? 81  HOH A O   1 
HETATM 810 O O   . HOH C 2 .  ? -1.199  1.962   -3.367  1.00 42.51 ? 82  HOH A O   1 
HETATM 811 O O   . HOH C 2 .  ? -3.120  3.518   -13.326 1.00 46.94 ? 83  HOH A O   1 
HETATM 812 O O   . HOH C 2 .  ? 10.352  8.165   -4.964  1.00 70.83 ? 84  HOH A O   1 
HETATM 813 O O   . HOH C 2 .  ? -6.275  -4.025  -8.913  1.00 49.14 ? 85  HOH A O   1 
HETATM 814 O O   . HOH C 2 .  ? -9.958  -2.306  -1.157  1.00 59.05 ? 86  HOH A O   1 
HETATM 815 O O   . HOH C 2 .  ? 9.515   6.744   -13.537 1.00 55.65 ? 87  HOH A O   1 
HETATM 816 O O   . HOH C 2 .  ? 3.595   1.287   -4.863  1.00 42.02 ? 88  HOH A O   1 
HETATM 817 O O   . HOH C 2 .  ? -10.627 8.740   -11.112 1.00 58.27 ? 89  HOH A O   1 
HETATM 818 O O   . HOH C 2 .  ? -8.431  -0.165  -11.615 1.00 69.38 ? 90  HOH A O   1 
HETATM 819 O O   . HOH C 2 .  ? 10.242  5.147   -6.427  1.00 54.95 ? 91  HOH A O   1 
HETATM 820 O O   . HOH C 2 .  ? -15.053 6.916   -18.937 1.00 58.66 ? 92  HOH A O   1 
HETATM 821 O O   . HOH C 2 .  ? 11.084  -4.122  -2.320  1.00 69.86 ? 93  HOH A O   1 
HETATM 822 O O   . HOH C 2 .  ? -9.284  -1.845  -9.614  1.00 71.46 ? 94  HOH A O   1 
HETATM 823 O O   . HOH C 2 .  ? -10.709 10.373  -15.393 1.00 45.99 ? 95  HOH A O   1 
HETATM 824 O O   . HOH C 2 .  ? -3.767  10.682  5.778   1.00 55.47 ? 96  HOH A O   1 
HETATM 825 O O   . HOH C 2 .  ? 2.911   -0.714  -16.834 1.00 47.92 ? 97  HOH A O   1 
HETATM 826 O O   . HOH C 2 .  ? 12.714  -1.276  -9.830  1.00 47.33 ? 98  HOH A O   1 
HETATM 827 O O   . HOH C 2 .  ? -7.272  9.708   -18.205 1.00 70.82 ? 99  HOH A O   1 
HETATM 828 O O   . HOH C 2 .  ? -1.370  -0.999  -11.363 1.00 52.82 ? 100 HOH A O   1 
HETATM 829 O O   . HOH C 2 .  ? -7.206  7.799   -5.748  1.00 57.89 ? 101 HOH A O   1 
HETATM 830 O O   . HOH C 2 .  ? -1.617  10.986  -15.872 1.00 51.90 ? 102 HOH A O   1 
HETATM 831 O O   . HOH C 2 .  ? 21.957  0.750   -1.605  1.00 46.84 ? 103 HOH A O   1 
HETATM 832 O O   . HOH C 2 .  ? -8.170  -3.286  -12.305 1.00 61.98 ? 104 HOH A O   1 
HETATM 833 O O   . HOH C 2 .  ? 1.070   1.516   -5.620  1.00 57.95 ? 105 HOH A O   1 
HETATM 834 O O   . HOH C 2 .  ? 4.267   -5.194  -17.639 1.00 68.95 ? 106 HOH A O   1 
HETATM 835 O O   . HOH C 2 .  ? -4.823  12.096  3.622   1.00 59.40 ? 107 HOH A O   1 
HETATM 836 O O   . HOH D 2 .  ? 7.255   -4.914  11.615  1.00 43.63 ? 75  HOH B O   1 
HETATM 837 O O   . HOH D 2 .  ? 2.792   -3.400  11.445  1.00 33.63 ? 76  HOH B O   1 
HETATM 838 O O   . HOH D 2 .  ? -2.471  3.036   6.417   1.00 36.22 ? 77  HOH B O   1 
HETATM 839 O O   . HOH D 2 .  ? -12.894 -2.738  8.227   1.00 50.18 ? 78  HOH B O   1 
HETATM 840 O O   . HOH D 2 .  ? -4.682  -5.317  6.719   1.00 50.09 ? 79  HOH B O   1 
HETATM 841 O O   . HOH D 2 .  ? 1.371   -1.788  7.791   1.00 36.11 ? 80  HOH B O   1 
HETATM 842 O O   . HOH D 2 .  ? -6.981  -2.032  9.240   1.00 38.42 ? 81  HOH B O   1 
HETATM 843 O O   . HOH D 2 .  ? 5.441   -10.739 -6.593  1.00 53.15 ? 82  HOH B O   1 
HETATM 844 O O   . HOH D 2 .  ? -5.704  8.990   6.583   1.00 58.91 ? 83  HOH B O   1 
HETATM 845 O O   . HOH D 2 .  ? 0.622   10.600  6.933   1.00 47.04 ? 84  HOH B O   1 
HETATM 846 O O   . HOH D 2 .  ? 6.632   3.347   10.328  1.00 38.41 ? 85  HOH B O   1 
HETATM 847 O O   . HOH D 2 .  ? 5.420   -3.259  9.919   1.00 51.29 ? 86  HOH B O   1 
HETATM 848 O O   . HOH D 2 .  ? 6.649   -2.952  3.380   1.00 49.51 ? 87  HOH B O   1 
HETATM 849 O O   . HOH D 2 .  ? -15.159 -3.929  12.289  1.00 53.92 ? 88  HOH B O   1 
HETATM 850 O O   . HOH D 2 .  ? 1.332   0.795   5.075   1.00 51.79 ? 89  HOH B O   1 
HETATM 851 O O   . HOH D 2 .  ? 7.821   -10.870 -9.257  1.00 54.62 ? 90  HOH B O   1 
HETATM 852 O O   . HOH D 2 .  ? -3.952  -2.323  5.590   1.00 52.76 ? 91  HOH B O   1 
HETATM 853 O O   . HOH D 2 .  ? 11.938  1.760   7.087   1.00 56.06 ? 92  HOH B O   1 
HETATM 854 O O   . HOH D 2 .  ? -5.275  6.337   9.085   1.00 46.40 ? 93  HOH B O   1 
HETATM 855 O O   . HOH D 2 .  ? -2.151  -3.795  10.476  1.00 32.68 ? 94  HOH B O   1 
HETATM 856 O O   . HOH D 2 .  ? -0.479  0.599   -0.601  1.00 59.85 ? 95  HOH B O   1 
HETATM 857 O O   . HOH D 2 .  ? 0.393   -10.735 14.351  1.00 51.29 ? 96  HOH B O   1 
HETATM 858 O O   . HOH D 2 .  ? -0.694  -2.347  2.465   1.00 46.76 ? 97  HOH B O   1 
HETATM 859 O O   . HOH D 2 .  ? -14.419 -1.498  10.104  1.00 74.22 ? 98  HOH B O   1 
HETATM 860 O O   . HOH D 2 .  ? 5.121   -5.176  2.337   1.00 43.60 ? 99  HOH B O   1 
# 
